data_5ZRI
# 
_entry.id   5ZRI 
# 
_audit_conform.dict_name       mmcif_pdbx.dic 
_audit_conform.dict_version    5.380 
_audit_conform.dict_location   http://mmcif.pdb.org/dictionaries/ascii/mmcif_pdbx.dic 
# 
loop_
_database_2.database_id 
_database_2.database_code 
_database_2.pdbx_database_accession 
_database_2.pdbx_DOI 
PDB   5ZRI         pdb_00005zri 10.2210/pdb5zri/pdb 
WWPDB D_1300007542 ?            ?                   
# 
loop_
_pdbx_database_related.db_name 
_pdbx_database_related.details 
_pdbx_database_related.db_id 
_pdbx_database_related.content_type 
PDB . 5ZRC unspecified 
PDB . 5ZRG unspecified 
PDB . 5ZRH unspecified 
# 
_pdbx_database_status.status_code                     REL 
_pdbx_database_status.status_code_sf                  REL 
_pdbx_database_status.status_code_mr                  ? 
_pdbx_database_status.entry_id                        5ZRI 
_pdbx_database_status.recvd_initial_deposition_date   2018-04-24 
_pdbx_database_status.SG_entry                        N 
_pdbx_database_status.deposit_site                    PDBJ 
_pdbx_database_status.process_site                    PDBJ 
_pdbx_database_status.status_code_cs                  ? 
_pdbx_database_status.methods_development_category    ? 
_pdbx_database_status.pdb_format_compatible           Y 
_pdbx_database_status.status_code_nmr_data            ? 
# 
loop_
_audit_author.name 
_audit_author.pdbx_ordinal 
_audit_author.identifier_ORCID 
'Singh, A.'    1 ? 
'Arif, S.M.'   2 ? 
'Sang, P.B.'   3 ? 
'Varshney, U.' 4 ? 
'Vijayan, M.'  5 ? 
# 
_citation.abstract                  ? 
_citation.abstract_id_CAS           ? 
_citation.book_id_ISBN              ? 
_citation.book_publisher            ? 
_citation.book_publisher_city       ? 
_citation.book_title                ? 
_citation.coordinate_linkage        ? 
_citation.country                   US 
_citation.database_id_Medline       ? 
_citation.details                   ? 
_citation.id                        primary 
_citation.journal_abbrev            J.Struct.Biol. 
_citation.journal_id_ASTM           JSBIEM 
_citation.journal_id_CSD            0803 
_citation.journal_id_ISSN           1095-8657 
_citation.journal_full              ? 
_citation.journal_issue             ? 
_citation.journal_volume            204 
_citation.language                  ? 
_citation.page_first                449 
_citation.page_last                 456 
_citation.title                     
'Structural insights into the specificity and catalytic mechanism of mycobacterial nucleotide pool sanitizing enzyme MutT2.' 
_citation.year                      2018 
_citation.database_id_CSD           ? 
_citation.pdbx_database_id_DOI      10.1016/j.jsb.2018.10.002 
_citation.pdbx_database_id_PubMed   30312643 
_citation.unpublished_flag          ? 
# 
loop_
_citation_author.citation_id 
_citation_author.name 
_citation_author.ordinal 
_citation_author.identifier_ORCID 
primary 'Singh, A.'         1 ? 
primary 'Mohammad Arif, S.' 2 ? 
primary 'Biak Sang, P.'     3 ? 
primary 'Varshney, U.'      4 ? 
primary 'Vijayan, M.'       5 ? 
# 
_cell.angle_alpha                  90.00 
_cell.angle_alpha_esd              ? 
_cell.angle_beta                   90.00 
_cell.angle_beta_esd               ? 
_cell.angle_gamma                  90.00 
_cell.angle_gamma_esd              ? 
_cell.entry_id                     5ZRI 
_cell.details                      ? 
_cell.formula_units_Z              ? 
_cell.length_a                     65.520 
_cell.length_a_esd                 ? 
_cell.length_b                     58.840 
_cell.length_b_esd                 ? 
_cell.length_c                     31.350 
_cell.length_c_esd                 ? 
_cell.volume                       ? 
_cell.volume_esd                   ? 
_cell.Z_PDB                        4 
_cell.reciprocal_angle_alpha       ? 
_cell.reciprocal_angle_beta        ? 
_cell.reciprocal_angle_gamma       ? 
_cell.reciprocal_angle_alpha_esd   ? 
_cell.reciprocal_angle_beta_esd    ? 
_cell.reciprocal_angle_gamma_esd   ? 
_cell.reciprocal_length_a          ? 
_cell.reciprocal_length_b          ? 
_cell.reciprocal_length_c          ? 
_cell.reciprocal_length_a_esd      ? 
_cell.reciprocal_length_b_esd      ? 
_cell.reciprocal_length_c_esd      ? 
_cell.pdbx_unique_axis             ? 
# 
_symmetry.entry_id                         5ZRI 
_symmetry.cell_setting                     ? 
_symmetry.Int_Tables_number                18 
_symmetry.space_group_name_Hall            ? 
_symmetry.space_group_name_H-M             'P 21 21 2' 
_symmetry.pdbx_full_space_group_name_H-M   ? 
# 
loop_
_entity.id 
_entity.type 
_entity.src_method 
_entity.pdbx_description 
_entity.formula_weight 
_entity.pdbx_number_of_molecules 
_entity.pdbx_ec 
_entity.pdbx_mutation 
_entity.pdbx_fragment 
_entity.details 
1 polymer     man 'Putative mutator protein MutT2/NUDIX hydrolase'                                                            
16081.142 1   ? ? ? ? 
2 non-polymer syn '[(2R,3S,5R)-5-(4-azanyl-5-methyl-pyrimidin-1-ium-1-yl)-3-oxidanyl-oxolan-2-yl]methyl dihydrogen phosphate' 
306.232   1   ? ? ? ? 
3 non-polymer syn 'MAGNESIUM ION'                                                                                             
24.305    1   ? ? ? ? 
4 water       nat water                                                                                                       
18.015    163 ? ? ? ? 
# 
_entity_poly.entity_id                      1 
_entity_poly.type                           'polypeptide(L)' 
_entity_poly.nstd_linkage                   no 
_entity_poly.nstd_monomer                   no 
_entity_poly.pdbx_seq_one_letter_code       
;MGSSHHHHHHSSGLVPRGSHMTKQIVVAGALISRGTLLVAQRDRPAELAGLWELPGGKVTPGESDADALARELREELGVD
VAVGERLGADVALNDAMTLRAYRVTLRSGSPHPHDHRALRWVGADEIDGLAWVPADRAWVPDLVAALSGR
;
_entity_poly.pdbx_seq_one_letter_code_can   
;MGSSHHHHHHSSGLVPRGSHMTKQIVVAGALISRGTLLVAQRDRPAELAGLWELPGGKVTPGESDADALARELREELGVD
VAVGERLGADVALNDAMTLRAYRVTLRSGSPHPHDHRALRWVGADEIDGLAWVPADRAWVPDLVAALSGR
;
_entity_poly.pdbx_strand_id                 A 
_entity_poly.pdbx_target_identifier         ? 
# 
loop_
_entity_poly_seq.entity_id 
_entity_poly_seq.num 
_entity_poly_seq.mon_id 
_entity_poly_seq.hetero 
1 1   MET n 
1 2   GLY n 
1 3   SER n 
1 4   SER n 
1 5   HIS n 
1 6   HIS n 
1 7   HIS n 
1 8   HIS n 
1 9   HIS n 
1 10  HIS n 
1 11  SER n 
1 12  SER n 
1 13  GLY n 
1 14  LEU n 
1 15  VAL n 
1 16  PRO n 
1 17  ARG n 
1 18  GLY n 
1 19  SER n 
1 20  HIS n 
1 21  MET n 
1 22  THR n 
1 23  LYS n 
1 24  GLN n 
1 25  ILE n 
1 26  VAL n 
1 27  VAL n 
1 28  ALA n 
1 29  GLY n 
1 30  ALA n 
1 31  LEU n 
1 32  ILE n 
1 33  SER n 
1 34  ARG n 
1 35  GLY n 
1 36  THR n 
1 37  LEU n 
1 38  LEU n 
1 39  VAL n 
1 40  ALA n 
1 41  GLN n 
1 42  ARG n 
1 43  ASP n 
1 44  ARG n 
1 45  PRO n 
1 46  ALA n 
1 47  GLU n 
1 48  LEU n 
1 49  ALA n 
1 50  GLY n 
1 51  LEU n 
1 52  TRP n 
1 53  GLU n 
1 54  LEU n 
1 55  PRO n 
1 56  GLY n 
1 57  GLY n 
1 58  LYS n 
1 59  VAL n 
1 60  THR n 
1 61  PRO n 
1 62  GLY n 
1 63  GLU n 
1 64  SER n 
1 65  ASP n 
1 66  ALA n 
1 67  ASP n 
1 68  ALA n 
1 69  LEU n 
1 70  ALA n 
1 71  ARG n 
1 72  GLU n 
1 73  LEU n 
1 74  ARG n 
1 75  GLU n 
1 76  GLU n 
1 77  LEU n 
1 78  GLY n 
1 79  VAL n 
1 80  ASP n 
1 81  VAL n 
1 82  ALA n 
1 83  VAL n 
1 84  GLY n 
1 85  GLU n 
1 86  ARG n 
1 87  LEU n 
1 88  GLY n 
1 89  ALA n 
1 90  ASP n 
1 91  VAL n 
1 92  ALA n 
1 93  LEU n 
1 94  ASN n 
1 95  ASP n 
1 96  ALA n 
1 97  MET n 
1 98  THR n 
1 99  LEU n 
1 100 ARG n 
1 101 ALA n 
1 102 TYR n 
1 103 ARG n 
1 104 VAL n 
1 105 THR n 
1 106 LEU n 
1 107 ARG n 
1 108 SER n 
1 109 GLY n 
1 110 SER n 
1 111 PRO n 
1 112 HIS n 
1 113 PRO n 
1 114 HIS n 
1 115 ASP n 
1 116 HIS n 
1 117 ARG n 
1 118 ALA n 
1 119 LEU n 
1 120 ARG n 
1 121 TRP n 
1 122 VAL n 
1 123 GLY n 
1 124 ALA n 
1 125 ASP n 
1 126 GLU n 
1 127 ILE n 
1 128 ASP n 
1 129 GLY n 
1 130 LEU n 
1 131 ALA n 
1 132 TRP n 
1 133 VAL n 
1 134 PRO n 
1 135 ALA n 
1 136 ASP n 
1 137 ARG n 
1 138 ALA n 
1 139 TRP n 
1 140 VAL n 
1 141 PRO n 
1 142 ASP n 
1 143 LEU n 
1 144 VAL n 
1 145 ALA n 
1 146 ALA n 
1 147 LEU n 
1 148 SER n 
1 149 GLY n 
1 150 ARG n 
# 
_entity_src_gen.entity_id                          1 
_entity_src_gen.pdbx_src_id                        1 
_entity_src_gen.pdbx_alt_source_flag               sample 
_entity_src_gen.pdbx_seq_type                      'Biological sequence' 
_entity_src_gen.pdbx_beg_seq_num                   1 
_entity_src_gen.pdbx_end_seq_num                   150 
_entity_src_gen.gene_src_common_name               ? 
_entity_src_gen.gene_src_genus                     ? 
_entity_src_gen.pdbx_gene_src_gene                 'mutT2, MSMEI_5016' 
_entity_src_gen.gene_src_species                   ? 
_entity_src_gen.gene_src_strain                    'ATCC 700084 / mc(2)155' 
_entity_src_gen.gene_src_tissue                    ? 
_entity_src_gen.gene_src_tissue_fraction           ? 
_entity_src_gen.gene_src_details                   ? 
_entity_src_gen.pdbx_gene_src_fragment             ? 
_entity_src_gen.pdbx_gene_src_scientific_name      'Mycobacterium smegmatis (strain ATCC 700084 / mc(2)155)' 
_entity_src_gen.pdbx_gene_src_ncbi_taxonomy_id     246196 
_entity_src_gen.pdbx_gene_src_variant              ? 
_entity_src_gen.pdbx_gene_src_cell_line            ? 
_entity_src_gen.pdbx_gene_src_atcc                 ? 
_entity_src_gen.pdbx_gene_src_organ                ? 
_entity_src_gen.pdbx_gene_src_organelle            ? 
_entity_src_gen.pdbx_gene_src_cell                 ? 
_entity_src_gen.pdbx_gene_src_cellular_location    ? 
_entity_src_gen.host_org_common_name               ? 
_entity_src_gen.pdbx_host_org_scientific_name      'Escherichia coli BL21' 
_entity_src_gen.pdbx_host_org_ncbi_taxonomy_id     511693 
_entity_src_gen.host_org_genus                     ? 
_entity_src_gen.pdbx_host_org_gene                 ? 
_entity_src_gen.pdbx_host_org_organ                ? 
_entity_src_gen.host_org_species                   ? 
_entity_src_gen.pdbx_host_org_tissue               ? 
_entity_src_gen.pdbx_host_org_tissue_fraction      ? 
_entity_src_gen.pdbx_host_org_strain               BL21 
_entity_src_gen.pdbx_host_org_variant              ? 
_entity_src_gen.pdbx_host_org_cell_line            ? 
_entity_src_gen.pdbx_host_org_atcc                 ? 
_entity_src_gen.pdbx_host_org_culture_collection   ? 
_entity_src_gen.pdbx_host_org_cell                 ? 
_entity_src_gen.pdbx_host_org_organelle            ? 
_entity_src_gen.pdbx_host_org_cellular_location    ? 
_entity_src_gen.pdbx_host_org_vector_type          ? 
_entity_src_gen.pdbx_host_org_vector               ? 
_entity_src_gen.host_org_details                   ? 
_entity_src_gen.expression_system_id               ? 
_entity_src_gen.plasmid_name                       ? 
_entity_src_gen.plasmid_details                    ? 
_entity_src_gen.pdbx_description                   ? 
# 
_struct_ref.id                         1 
_struct_ref.db_name                    UNP 
_struct_ref.db_code                    I7FJF7_MYCS2 
_struct_ref.pdbx_db_accession          I7FJF7 
_struct_ref.pdbx_db_isoform            ? 
_struct_ref.entity_id                  1 
_struct_ref.pdbx_seq_one_letter_code   
;MTKQIVVAGALISRGTLLVAQRDRPAELAGLWELPGGKVTPGESDADALARELREELGVDVAVGERLGADVALNDAMTLR
AYRVTLRSGSPHPHDHRALRWVGADEIDGLAWVPADRAWVPDLVAALSGR
;
_struct_ref.pdbx_align_begin           1 
# 
_struct_ref_seq.align_id                      1 
_struct_ref_seq.ref_id                        1 
_struct_ref_seq.pdbx_PDB_id_code              5ZRI 
_struct_ref_seq.pdbx_strand_id                A 
_struct_ref_seq.seq_align_beg                 21 
_struct_ref_seq.pdbx_seq_align_beg_ins_code   ? 
_struct_ref_seq.seq_align_end                 150 
_struct_ref_seq.pdbx_seq_align_end_ins_code   ? 
_struct_ref_seq.pdbx_db_accession             I7FJF7 
_struct_ref_seq.db_align_beg                  1 
_struct_ref_seq.pdbx_db_align_beg_ins_code    ? 
_struct_ref_seq.db_align_end                  130 
_struct_ref_seq.pdbx_db_align_end_ins_code    ? 
_struct_ref_seq.pdbx_auth_seq_align_beg       1 
_struct_ref_seq.pdbx_auth_seq_align_end       130 
# 
loop_
_struct_ref_seq_dif.align_id 
_struct_ref_seq_dif.pdbx_pdb_id_code 
_struct_ref_seq_dif.mon_id 
_struct_ref_seq_dif.pdbx_pdb_strand_id 
_struct_ref_seq_dif.seq_num 
_struct_ref_seq_dif.pdbx_pdb_ins_code 
_struct_ref_seq_dif.pdbx_seq_db_name 
_struct_ref_seq_dif.pdbx_seq_db_accession_code 
_struct_ref_seq_dif.db_mon_id 
_struct_ref_seq_dif.pdbx_seq_db_seq_num 
_struct_ref_seq_dif.details 
_struct_ref_seq_dif.pdbx_auth_seq_num 
_struct_ref_seq_dif.pdbx_ordinal 
1 5ZRI MET A 1  ? UNP I7FJF7 ? ? 'initiating methionine' -19 1  
1 5ZRI GLY A 2  ? UNP I7FJF7 ? ? 'expression tag'        -18 2  
1 5ZRI SER A 3  ? UNP I7FJF7 ? ? 'expression tag'        -17 3  
1 5ZRI SER A 4  ? UNP I7FJF7 ? ? 'expression tag'        -16 4  
1 5ZRI HIS A 5  ? UNP I7FJF7 ? ? 'expression tag'        -15 5  
1 5ZRI HIS A 6  ? UNP I7FJF7 ? ? 'expression tag'        -14 6  
1 5ZRI HIS A 7  ? UNP I7FJF7 ? ? 'expression tag'        -13 7  
1 5ZRI HIS A 8  ? UNP I7FJF7 ? ? 'expression tag'        -12 8  
1 5ZRI HIS A 9  ? UNP I7FJF7 ? ? 'expression tag'        -11 9  
1 5ZRI HIS A 10 ? UNP I7FJF7 ? ? 'expression tag'        -10 10 
1 5ZRI SER A 11 ? UNP I7FJF7 ? ? 'expression tag'        -9  11 
1 5ZRI SER A 12 ? UNP I7FJF7 ? ? 'expression tag'        -8  12 
1 5ZRI GLY A 13 ? UNP I7FJF7 ? ? 'expression tag'        -7  13 
1 5ZRI LEU A 14 ? UNP I7FJF7 ? ? 'expression tag'        -6  14 
1 5ZRI VAL A 15 ? UNP I7FJF7 ? ? 'expression tag'        -5  15 
1 5ZRI PRO A 16 ? UNP I7FJF7 ? ? 'expression tag'        -4  16 
1 5ZRI ARG A 17 ? UNP I7FJF7 ? ? 'expression tag'        -3  17 
1 5ZRI GLY A 18 ? UNP I7FJF7 ? ? 'expression tag'        -2  18 
1 5ZRI SER A 19 ? UNP I7FJF7 ? ? 'expression tag'        -1  19 
1 5ZRI HIS A 20 ? UNP I7FJF7 ? ? 'expression tag'        0   20 
# 
loop_
_chem_comp.id 
_chem_comp.type 
_chem_comp.mon_nstd_flag 
_chem_comp.name 
_chem_comp.pdbx_synonyms 
_chem_comp.formula 
_chem_comp.formula_weight 
9L3 non-polymer         . 
'[(2R,3S,5R)-5-(4-azanyl-5-methyl-pyrimidin-1-ium-1-yl)-3-oxidanyl-oxolan-2-yl]methyl dihydrogen phosphate' ? 'C10 H17 N3 O6 P 1' 
306.232 
ALA 'L-peptide linking' y ALANINE ? 'C3 H7 N O2'        89.093  
ARG 'L-peptide linking' y ARGININE ? 'C6 H15 N4 O2 1'    175.209 
ASN 'L-peptide linking' y ASPARAGINE ? 'C4 H8 N2 O3'       132.118 
ASP 'L-peptide linking' y 'ASPARTIC ACID' ? 'C4 H7 N O4'        133.103 
GLN 'L-peptide linking' y GLUTAMINE ? 'C5 H10 N2 O3'      146.144 
GLU 'L-peptide linking' y 'GLUTAMIC ACID' ? 'C5 H9 N O4'        147.129 
GLY 'peptide linking'   y GLYCINE ? 'C2 H5 N O2'        75.067  
HIS 'L-peptide linking' y HISTIDINE ? 'C6 H10 N3 O2 1'    156.162 
HOH non-polymer         . WATER ? 'H2 O'              18.015  
ILE 'L-peptide linking' y ISOLEUCINE ? 'C6 H13 N O2'       131.173 
LEU 'L-peptide linking' y LEUCINE ? 'C6 H13 N O2'       131.173 
LYS 'L-peptide linking' y LYSINE ? 'C6 H15 N2 O2 1'    147.195 
MET 'L-peptide linking' y METHIONINE ? 'C5 H11 N O2 S'     149.211 
MG  non-polymer         . 'MAGNESIUM ION' ? 'Mg 2'              24.305  
PRO 'L-peptide linking' y PROLINE ? 'C5 H9 N O2'        115.130 
SER 'L-peptide linking' y SERINE ? 'C3 H7 N O3'        105.093 
THR 'L-peptide linking' y THREONINE ? 'C4 H9 N O3'        119.119 
TRP 'L-peptide linking' y TRYPTOPHAN ? 'C11 H12 N2 O2'     204.225 
TYR 'L-peptide linking' y TYROSINE ? 'C9 H11 N O3'       181.189 
VAL 'L-peptide linking' y VALINE ? 'C5 H11 N O2'       117.146 
# 
_exptl.absorpt_coefficient_mu     ? 
_exptl.absorpt_correction_T_max   ? 
_exptl.absorpt_correction_T_min   ? 
_exptl.absorpt_correction_type    ? 
_exptl.absorpt_process_details    ? 
_exptl.entry_id                   5ZRI 
_exptl.crystals_number            1 
_exptl.details                    ? 
_exptl.method                     'X-RAY DIFFRACTION' 
_exptl.method_details             ? 
# 
_exptl_crystal.colour                      ? 
_exptl_crystal.density_diffrn              ? 
_exptl_crystal.density_Matthews            1.92 
_exptl_crystal.density_method              ? 
_exptl_crystal.density_percent_sol         34.54 
_exptl_crystal.description                 ? 
_exptl_crystal.F_000                       ? 
_exptl_crystal.id                          1 
_exptl_crystal.preparation                 ? 
_exptl_crystal.size_max                    ? 
_exptl_crystal.size_mid                    ? 
_exptl_crystal.size_min                    ? 
_exptl_crystal.size_rad                    ? 
_exptl_crystal.colour_lustre               ? 
_exptl_crystal.colour_modifier             ? 
_exptl_crystal.colour_primary              ? 
_exptl_crystal.density_meas                ? 
_exptl_crystal.density_meas_esd            ? 
_exptl_crystal.density_meas_gt             ? 
_exptl_crystal.density_meas_lt             ? 
_exptl_crystal.density_meas_temp           ? 
_exptl_crystal.density_meas_temp_esd       ? 
_exptl_crystal.density_meas_temp_gt        ? 
_exptl_crystal.density_meas_temp_lt        ? 
_exptl_crystal.pdbx_crystal_image_url      ? 
_exptl_crystal.pdbx_crystal_image_format   ? 
_exptl_crystal.pdbx_mosaicity              ? 
_exptl_crystal.pdbx_mosaicity_esd          ? 
# 
_exptl_crystal_grow.apparatus       ? 
_exptl_crystal_grow.atmosphere      ? 
_exptl_crystal_grow.crystal_id      1 
_exptl_crystal_grow.details         ? 
_exptl_crystal_grow.method          MICROBATCH 
_exptl_crystal_grow.method_ref      ? 
_exptl_crystal_grow.pH              ? 
_exptl_crystal_grow.pressure        ? 
_exptl_crystal_grow.pressure_esd    ? 
_exptl_crystal_grow.seeding         ? 
_exptl_crystal_grow.seeding_ref     ? 
_exptl_crystal_grow.temp            292 
_exptl_crystal_grow.temp_details    ? 
_exptl_crystal_grow.temp_esd        ? 
_exptl_crystal_grow.time            ? 
_exptl_crystal_grow.pdbx_details    '0.1 M Imidazole pH 6.5, 1.0 M Sodium acetate trihydrate' 
_exptl_crystal_grow.pdbx_pH_range   ? 
# 
_diffrn.ambient_environment    ? 
_diffrn.ambient_temp           100 
_diffrn.ambient_temp_details   ? 
_diffrn.ambient_temp_esd       ? 
_diffrn.crystal_id             1 
_diffrn.crystal_support        ? 
_diffrn.crystal_treatment      ? 
_diffrn.details                ? 
_diffrn.id                     1 
_diffrn.ambient_pressure       ? 
_diffrn.ambient_pressure_esd   ? 
_diffrn.ambient_pressure_gt    ? 
_diffrn.ambient_pressure_lt    ? 
_diffrn.ambient_temp_gt        ? 
_diffrn.ambient_temp_lt        ? 
# 
_diffrn_detector.details                      ? 
_diffrn_detector.detector                     CCD 
_diffrn_detector.diffrn_id                    1 
_diffrn_detector.type                         'MARMOSAIC 300 mm CCD' 
_diffrn_detector.area_resol_mean              ? 
_diffrn_detector.dtime                        ? 
_diffrn_detector.pdbx_frames_total            ? 
_diffrn_detector.pdbx_collection_time_total   ? 
_diffrn_detector.pdbx_collection_date         2015-02-24 
# 
_diffrn_radiation.collimation                      ? 
_diffrn_radiation.diffrn_id                        1 
_diffrn_radiation.filter_edge                      ? 
_diffrn_radiation.inhomogeneity                    ? 
_diffrn_radiation.monochromator                    ? 
_diffrn_radiation.polarisn_norm                    ? 
_diffrn_radiation.polarisn_ratio                   ? 
_diffrn_radiation.probe                            ? 
_diffrn_radiation.type                             ? 
_diffrn_radiation.xray_symbol                      ? 
_diffrn_radiation.wavelength_id                    1 
_diffrn_radiation.pdbx_monochromatic_or_laue_m_l   M 
_diffrn_radiation.pdbx_wavelength_list             ? 
_diffrn_radiation.pdbx_wavelength                  ? 
_diffrn_radiation.pdbx_diffrn_protocol             'SINGLE WAVELENGTH' 
_diffrn_radiation.pdbx_analyzer                    ? 
_diffrn_radiation.pdbx_scattering_type             x-ray 
# 
_diffrn_radiation_wavelength.id           1 
_diffrn_radiation_wavelength.wavelength   0.953720 
_diffrn_radiation_wavelength.wt           1.0 
# 
_diffrn_source.current                     ? 
_diffrn_source.details                     ? 
_diffrn_source.diffrn_id                   1 
_diffrn_source.power                       ? 
_diffrn_source.size                        ? 
_diffrn_source.source                      SYNCHROTRON 
_diffrn_source.target                      ? 
_diffrn_source.type                        'ESRF BEAMLINE BM14' 
_diffrn_source.voltage                     ? 
_diffrn_source.take-off_angle              ? 
_diffrn_source.pdbx_wavelength_list        0.953720 
_diffrn_source.pdbx_wavelength             ? 
_diffrn_source.pdbx_synchrotron_beamline   BM14 
_diffrn_source.pdbx_synchrotron_site       ESRF 
# 
_reflns.B_iso_Wilson_estimate            ? 
_reflns.entry_id                         5ZRI 
_reflns.data_reduction_details           ? 
_reflns.data_reduction_method            ? 
_reflns.d_resolution_high                1.58 
_reflns.d_resolution_low                 29.42 
_reflns.details                          ? 
_reflns.limit_h_max                      ? 
_reflns.limit_h_min                      ? 
_reflns.limit_k_max                      ? 
_reflns.limit_k_min                      ? 
_reflns.limit_l_max                      ? 
_reflns.limit_l_min                      ? 
_reflns.number_all                       ? 
_reflns.number_obs                       17324 
_reflns.observed_criterion               ? 
_reflns.observed_criterion_F_max         ? 
_reflns.observed_criterion_F_min         ? 
_reflns.observed_criterion_I_max         ? 
_reflns.observed_criterion_I_min         ? 
_reflns.observed_criterion_sigma_F       ? 
_reflns.observed_criterion_sigma_I       ? 
_reflns.percent_possible_obs             99.7 
_reflns.R_free_details                   ? 
_reflns.Rmerge_F_all                     ? 
_reflns.Rmerge_F_obs                     ? 
_reflns.Friedel_coverage                 ? 
_reflns.number_gt                        ? 
_reflns.threshold_expression             ? 
_reflns.pdbx_redundancy                  3.9 
_reflns.pdbx_Rmerge_I_obs                0.09 
_reflns.pdbx_Rmerge_I_all                ? 
_reflns.pdbx_Rsym_value                  ? 
_reflns.pdbx_netI_over_av_sigmaI         ? 
_reflns.pdbx_netI_over_sigmaI            9.1 
_reflns.pdbx_res_netI_over_av_sigmaI_2   ? 
_reflns.pdbx_res_netI_over_sigmaI_2      ? 
_reflns.pdbx_chi_squared                 ? 
_reflns.pdbx_scaling_rejects             ? 
_reflns.pdbx_d_res_high_opt              ? 
_reflns.pdbx_d_res_low_opt               ? 
_reflns.pdbx_d_res_opt_method            ? 
_reflns.phase_calculation_details        ? 
_reflns.pdbx_Rrim_I_all                  ? 
_reflns.pdbx_Rpim_I_all                  ? 
_reflns.pdbx_d_opt                       ? 
_reflns.pdbx_number_measured_all         ? 
_reflns.pdbx_diffrn_id                   1 
_reflns.pdbx_ordinal                     1 
_reflns.pdbx_CC_half                     ? 
_reflns.pdbx_R_split                     ? 
# 
_reflns_shell.d_res_high                  1.58 
_reflns_shell.d_res_low                   1.66 
_reflns_shell.meanI_over_sigI_all         ? 
_reflns_shell.meanI_over_sigI_obs         2.3 
_reflns_shell.number_measured_all         ? 
_reflns_shell.number_measured_obs         ? 
_reflns_shell.number_possible             ? 
_reflns_shell.number_unique_all           ? 
_reflns_shell.number_unique_obs           2481 
_reflns_shell.percent_possible_all        99.2 
_reflns_shell.percent_possible_obs        ? 
_reflns_shell.Rmerge_F_all                ? 
_reflns_shell.Rmerge_F_obs                ? 
_reflns_shell.Rmerge_I_all                ? 
_reflns_shell.Rmerge_I_obs                0.512 
_reflns_shell.meanI_over_sigI_gt          ? 
_reflns_shell.meanI_over_uI_all           ? 
_reflns_shell.meanI_over_uI_gt            ? 
_reflns_shell.number_measured_gt          ? 
_reflns_shell.number_unique_gt            ? 
_reflns_shell.percent_possible_gt         ? 
_reflns_shell.Rmerge_F_gt                 ? 
_reflns_shell.Rmerge_I_gt                 ? 
_reflns_shell.pdbx_redundancy             3.8 
_reflns_shell.pdbx_Rsym_value             ? 
_reflns_shell.pdbx_chi_squared            ? 
_reflns_shell.pdbx_netI_over_sigmaI_all   ? 
_reflns_shell.pdbx_netI_over_sigmaI_obs   ? 
_reflns_shell.pdbx_Rrim_I_all             ? 
_reflns_shell.pdbx_Rpim_I_all             ? 
_reflns_shell.pdbx_rejects                ? 
_reflns_shell.pdbx_ordinal                1 
_reflns_shell.pdbx_diffrn_id              1 
_reflns_shell.pdbx_CC_half                ? 
_reflns_shell.pdbx_R_split                ? 
# 
_refine.aniso_B[1][1]                            0.69 
_refine.aniso_B[1][2]                            -0.00 
_refine.aniso_B[1][3]                            0.00 
_refine.aniso_B[2][2]                            -1.06 
_refine.aniso_B[2][3]                            0.00 
_refine.aniso_B[3][3]                            0.38 
_refine.B_iso_max                                ? 
_refine.B_iso_mean                               18.666 
_refine.B_iso_min                                ? 
_refine.correlation_coeff_Fo_to_Fc               0.964 
_refine.correlation_coeff_Fo_to_Fc_free          0.949 
_refine.details                                  'HYDROGENS HAVE BEEN ADDED IN THE RIDING POSITIONS' 
_refine.diff_density_max                         ? 
_refine.diff_density_max_esd                     ? 
_refine.diff_density_min                         ? 
_refine.diff_density_min_esd                     ? 
_refine.diff_density_rms                         ? 
_refine.diff_density_rms_esd                     ? 
_refine.entry_id                                 5ZRI 
_refine.pdbx_refine_id                           'X-RAY DIFFRACTION' 
_refine.ls_abs_structure_details                 ? 
_refine.ls_abs_structure_Flack                   ? 
_refine.ls_abs_structure_Flack_esd               ? 
_refine.ls_abs_structure_Rogers                  ? 
_refine.ls_abs_structure_Rogers_esd              ? 
_refine.ls_d_res_high                            1.58 
_refine.ls_d_res_low                             29.42 
_refine.ls_extinction_coef                       ? 
_refine.ls_extinction_coef_esd                   ? 
_refine.ls_extinction_expression                 ? 
_refine.ls_extinction_method                     ? 
_refine.ls_goodness_of_fit_all                   ? 
_refine.ls_goodness_of_fit_all_esd               ? 
_refine.ls_goodness_of_fit_obs                   ? 
_refine.ls_goodness_of_fit_obs_esd               ? 
_refine.ls_hydrogen_treatment                    ? 
_refine.ls_matrix_type                           ? 
_refine.ls_number_constraints                    ? 
_refine.ls_number_parameters                     ? 
_refine.ls_number_reflns_all                     ? 
_refine.ls_number_reflns_obs                     16415 
_refine.ls_number_reflns_R_free                  877 
_refine.ls_number_reflns_R_work                  ? 
_refine.ls_number_restraints                     ? 
_refine.ls_percent_reflns_obs                    99.47 
_refine.ls_percent_reflns_R_free                 5.1 
_refine.ls_R_factor_all                          ? 
_refine.ls_R_factor_obs                          0.17834 
_refine.ls_R_factor_R_free                       0.21116 
_refine.ls_R_factor_R_free_error                 ? 
_refine.ls_R_factor_R_free_error_details         ? 
_refine.ls_R_factor_R_work                       0.17669 
_refine.ls_R_Fsqd_factor_obs                     ? 
_refine.ls_R_I_factor_obs                        ? 
_refine.ls_redundancy_reflns_all                 ? 
_refine.ls_redundancy_reflns_obs                 ? 
_refine.ls_restrained_S_all                      ? 
_refine.ls_restrained_S_obs                      ? 
_refine.ls_shift_over_esd_max                    ? 
_refine.ls_shift_over_esd_mean                   ? 
_refine.ls_structure_factor_coef                 ? 
_refine.ls_weighting_details                     ? 
_refine.ls_weighting_scheme                      ? 
_refine.ls_wR_factor_all                         ? 
_refine.ls_wR_factor_obs                         ? 
_refine.ls_wR_factor_R_free                      ? 
_refine.ls_wR_factor_R_work                      ? 
_refine.occupancy_max                            ? 
_refine.occupancy_min                            ? 
_refine.solvent_model_details                    ? 
_refine.solvent_model_param_bsol                 ? 
_refine.solvent_model_param_ksol                 ? 
_refine.ls_R_factor_gt                           ? 
_refine.ls_goodness_of_fit_gt                    ? 
_refine.ls_goodness_of_fit_ref                   ? 
_refine.ls_shift_over_su_max                     ? 
_refine.ls_shift_over_su_max_lt                  ? 
_refine.ls_shift_over_su_mean                    ? 
_refine.ls_shift_over_su_mean_lt                 ? 
_refine.pdbx_ls_sigma_I                          ? 
_refine.pdbx_ls_sigma_F                          ? 
_refine.pdbx_ls_sigma_Fsqd                       ? 
_refine.pdbx_data_cutoff_high_absF               ? 
_refine.pdbx_data_cutoff_high_rms_absF           ? 
_refine.pdbx_data_cutoff_low_absF                ? 
_refine.pdbx_isotropic_thermal_model             ? 
_refine.pdbx_ls_cross_valid_method               THROUGHOUT 
_refine.pdbx_method_to_determine_struct          'MOLECULAR REPLACEMENT' 
_refine.pdbx_starting_model                      5ZRC 
_refine.pdbx_stereochemistry_target_values       ? 
_refine.pdbx_R_Free_selection_details            RANDOM 
_refine.pdbx_stereochem_target_val_spec_case     ? 
_refine.pdbx_overall_ESU_R                       0.090 
_refine.pdbx_overall_ESU_R_Free                  0.091 
_refine.pdbx_solvent_vdw_probe_radii             1.20 
_refine.pdbx_solvent_ion_probe_radii             0.80 
_refine.pdbx_solvent_shrinkage_radii             0.80 
_refine.pdbx_real_space_R                        ? 
_refine.pdbx_density_correlation                 ? 
_refine.pdbx_pd_number_of_powder_patterns        ? 
_refine.pdbx_pd_number_of_points                 ? 
_refine.pdbx_pd_meas_number_of_points            ? 
_refine.pdbx_pd_proc_ls_prof_R_factor            ? 
_refine.pdbx_pd_proc_ls_prof_wR_factor           ? 
_refine.pdbx_pd_Marquardt_correlation_coeff      ? 
_refine.pdbx_pd_Fsqrd_R_factor                   ? 
_refine.pdbx_pd_ls_matrix_band_width             ? 
_refine.pdbx_overall_phase_error                 ? 
_refine.pdbx_overall_SU_R_free_Cruickshank_DPI   ? 
_refine.pdbx_overall_SU_R_free_Blow_DPI          ? 
_refine.pdbx_overall_SU_R_Blow_DPI               ? 
_refine.pdbx_TLS_residual_ADP_flag               ? 
_refine.pdbx_diffrn_id                           1 
_refine.overall_SU_B                             1.927 
_refine.overall_SU_ML                            0.068 
_refine.overall_SU_R_Cruickshank_DPI             ? 
_refine.overall_SU_R_free                        ? 
_refine.overall_FOM_free_R_set                   ? 
_refine.overall_FOM_work_R_set                   ? 
_refine.pdbx_average_fsc_overall                 ? 
_refine.pdbx_average_fsc_work                    ? 
_refine.pdbx_average_fsc_free                    ? 
# 
_refine_hist.pdbx_refine_id                   'X-RAY DIFFRACTION' 
_refine_hist.cycle_id                         1 
_refine_hist.pdbx_number_atoms_protein        938 
_refine_hist.pdbx_number_atoms_nucleic_acid   0 
_refine_hist.pdbx_number_atoms_ligand         21 
_refine_hist.number_atoms_solvent             163 
_refine_hist.number_atoms_total               1122 
_refine_hist.d_res_high                       1.58 
_refine_hist.d_res_low                        29.42 
# 
loop_
_refine_ls_restr.pdbx_refine_id 
_refine_ls_restr.criterion 
_refine_ls_restr.dev_ideal 
_refine_ls_restr.dev_ideal_target 
_refine_ls_restr.number 
_refine_ls_restr.rejects 
_refine_ls_restr.type 
_refine_ls_restr.weight 
_refine_ls_restr.pdbx_restraint_function 
'X-RAY DIFFRACTION' ? 0.004  0.019  1037 ? r_bond_refined_d             ? ? 
'X-RAY DIFFRACTION' ? 0.000  0.020  996  ? r_bond_other_d               ? ? 
'X-RAY DIFFRACTION' ? 0.836  1.986  1425 ? r_angle_refined_deg          ? ? 
'X-RAY DIFFRACTION' ? 0.515  3.000  2273 ? r_angle_other_deg            ? ? 
'X-RAY DIFFRACTION' ? 8.075  5.000  136  ? r_dihedral_angle_1_deg       ? ? 
'X-RAY DIFFRACTION' ? 30.448 21.778 45   ? r_dihedral_angle_2_deg       ? ? 
'X-RAY DIFFRACTION' ? 14.371 15.000 156  ? r_dihedral_angle_3_deg       ? ? 
'X-RAY DIFFRACTION' ? 17.382 15.000 14   ? r_dihedral_angle_4_deg       ? ? 
'X-RAY DIFFRACTION' ? 0.060  0.200  160  ? r_chiral_restr               ? ? 
'X-RAY DIFFRACTION' ? 0.017  0.021  1200 ? r_gen_planes_refined         ? ? 
'X-RAY DIFFRACTION' ? 0.003  0.020  239  ? r_gen_planes_other           ? ? 
'X-RAY DIFFRACTION' ? ?      ?      ?    ? r_nbd_refined                ? ? 
'X-RAY DIFFRACTION' ? ?      ?      ?    ? r_nbd_other                  ? ? 
'X-RAY DIFFRACTION' ? ?      ?      ?    ? r_nbtor_refined              ? ? 
'X-RAY DIFFRACTION' ? ?      ?      ?    ? r_nbtor_other                ? ? 
'X-RAY DIFFRACTION' ? ?      ?      ?    ? r_xyhbond_nbd_refined        ? ? 
'X-RAY DIFFRACTION' ? ?      ?      ?    ? r_xyhbond_nbd_other          ? ? 
'X-RAY DIFFRACTION' ? ?      ?      ?    ? r_metal_ion_refined          ? ? 
'X-RAY DIFFRACTION' ? ?      ?      ?    ? r_metal_ion_other            ? ? 
'X-RAY DIFFRACTION' ? ?      ?      ?    ? r_symmetry_vdw_refined       ? ? 
'X-RAY DIFFRACTION' ? ?      ?      ?    ? r_symmetry_vdw_other         ? ? 
'X-RAY DIFFRACTION' ? ?      ?      ?    ? r_symmetry_hbond_refined     ? ? 
'X-RAY DIFFRACTION' ? ?      ?      ?    ? r_symmetry_hbond_other       ? ? 
'X-RAY DIFFRACTION' ? ?      ?      ?    ? r_symmetry_metal_ion_refined ? ? 
'X-RAY DIFFRACTION' ? ?      ?      ?    ? r_symmetry_metal_ion_other   ? ? 
'X-RAY DIFFRACTION' ? 2.676  1.572  529  ? r_mcbond_it                  ? ? 
'X-RAY DIFFRACTION' ? 2.651  1.567  528  ? r_mcbond_other               ? ? 
'X-RAY DIFFRACTION' ? 3.565  2.347  667  ? r_mcangle_it                 ? ? 
'X-RAY DIFFRACTION' ? 3.570  2.350  668  ? r_mcangle_other              ? ? 
'X-RAY DIFFRACTION' ? 3.767  1.912  508  ? r_scbond_it                  ? ? 
'X-RAY DIFFRACTION' ? 3.763  1.911  508  ? r_scbond_other               ? ? 
'X-RAY DIFFRACTION' ? ?      ?      ?    ? r_scangle_it                 ? ? 
'X-RAY DIFFRACTION' ? 5.281  2.738  758  ? r_scangle_other              ? ? 
'X-RAY DIFFRACTION' ? 7.783  15.192 1277 ? r_long_range_B_refined       ? ? 
'X-RAY DIFFRACTION' ? 7.566  14.163 1194 ? r_long_range_B_other         ? ? 
'X-RAY DIFFRACTION' ? ?      ?      ?    ? r_rigid_bond_restr           ? ? 
'X-RAY DIFFRACTION' ? ?      ?      ?    ? r_sphericity_free            ? ? 
'X-RAY DIFFRACTION' ? ?      ?      ?    ? r_sphericity_bonded          ? ? 
# 
_refine_ls_shell.pdbx_refine_id                   'X-RAY DIFFRACTION' 
_refine_ls_shell.d_res_high                       1.576 
_refine_ls_shell.d_res_low                        1.617 
_refine_ls_shell.number_reflns_all                ? 
_refine_ls_shell.number_reflns_obs                ? 
_refine_ls_shell.number_reflns_R_free             79 
_refine_ls_shell.number_reflns_R_work             1153 
_refine_ls_shell.percent_reflns_obs               98.17 
_refine_ls_shell.percent_reflns_R_free            ? 
_refine_ls_shell.R_factor_all                     ? 
_refine_ls_shell.R_factor_obs                     ? 
_refine_ls_shell.R_factor_R_free                  0.262 
_refine_ls_shell.R_factor_R_free_error            ? 
_refine_ls_shell.R_factor_R_work                  0.308 
_refine_ls_shell.redundancy_reflns_all            ? 
_refine_ls_shell.redundancy_reflns_obs            ? 
_refine_ls_shell.wR_factor_all                    ? 
_refine_ls_shell.wR_factor_obs                    ? 
_refine_ls_shell.wR_factor_R_free                 ? 
_refine_ls_shell.wR_factor_R_work                 ? 
_refine_ls_shell.pdbx_total_number_of_bins_used   20 
_refine_ls_shell.pdbx_phase_error                 ? 
_refine_ls_shell.pdbx_fsc_work                    ? 
_refine_ls_shell.pdbx_fsc_free                    ? 
# 
_struct.entry_id                     5ZRI 
_struct.title                        'M. smegmatis antimutator protein MutT2 in complex with 5m-dCMP' 
_struct.pdbx_model_details           ? 
_struct.pdbx_formula_weight          ? 
_struct.pdbx_formula_weight_method   ? 
_struct.pdbx_model_type_details      ? 
_struct.pdbx_CASP_flag               N 
# 
_struct_keywords.entry_id        5ZRI 
_struct_keywords.text            'Nudix hydrolase, MutT, antimutator, CTP pyrophosphorylase, CMP, HYDROLASE, base excision repair' 
_struct_keywords.pdbx_keywords   HYDROLASE 
# 
loop_
_struct_asym.id 
_struct_asym.pdbx_blank_PDB_chainid_flag 
_struct_asym.pdbx_modified 
_struct_asym.entity_id 
_struct_asym.details 
A N N 1 ? 
B N N 2 ? 
C N N 3 ? 
D N N 4 ? 
# 
loop_
_struct_conf.conf_type_id 
_struct_conf.id 
_struct_conf.pdbx_PDB_helix_id 
_struct_conf.beg_label_comp_id 
_struct_conf.beg_label_asym_id 
_struct_conf.beg_label_seq_id 
_struct_conf.pdbx_beg_PDB_ins_code 
_struct_conf.end_label_comp_id 
_struct_conf.end_label_asym_id 
_struct_conf.end_label_seq_id 
_struct_conf.pdbx_end_PDB_ins_code 
_struct_conf.beg_auth_comp_id 
_struct_conf.beg_auth_asym_id 
_struct_conf.beg_auth_seq_id 
_struct_conf.end_auth_comp_id 
_struct_conf.end_auth_asym_id 
_struct_conf.end_auth_seq_id 
_struct_conf.pdbx_PDB_helix_class 
_struct_conf.details 
_struct_conf.pdbx_PDB_helix_length 
HELX_P HELX_P1 AA1 SER A 64  ? GLY A 78  ? SER A 44  GLY A 58  1 ? 15 
HELX_P HELX_P2 AA2 GLY A 123 ? ILE A 127 ? GLY A 103 ILE A 107 5 ? 5  
HELX_P HELX_P3 AA3 VAL A 133 ? ALA A 138 ? VAL A 113 ALA A 118 1 ? 6  
HELX_P HELX_P4 AA4 TRP A 139 ? LEU A 147 ? TRP A 119 LEU A 127 1 ? 9  
# 
_struct_conf_type.id          HELX_P 
_struct_conf_type.criteria    ? 
_struct_conf_type.reference   ? 
# 
loop_
_struct_conn.id 
_struct_conn.conn_type_id 
_struct_conn.pdbx_leaving_atom_flag 
_struct_conn.pdbx_PDB_id 
_struct_conn.ptnr1_label_asym_id 
_struct_conn.ptnr1_label_comp_id 
_struct_conn.ptnr1_label_seq_id 
_struct_conn.ptnr1_label_atom_id 
_struct_conn.pdbx_ptnr1_label_alt_id 
_struct_conn.pdbx_ptnr1_PDB_ins_code 
_struct_conn.pdbx_ptnr1_standard_comp_id 
_struct_conn.ptnr1_symmetry 
_struct_conn.ptnr2_label_asym_id 
_struct_conn.ptnr2_label_comp_id 
_struct_conn.ptnr2_label_seq_id 
_struct_conn.ptnr2_label_atom_id 
_struct_conn.pdbx_ptnr2_label_alt_id 
_struct_conn.pdbx_ptnr2_PDB_ins_code 
_struct_conn.ptnr1_auth_asym_id 
_struct_conn.ptnr1_auth_comp_id 
_struct_conn.ptnr1_auth_seq_id 
_struct_conn.ptnr2_auth_asym_id 
_struct_conn.ptnr2_auth_comp_id 
_struct_conn.ptnr2_auth_seq_id 
_struct_conn.ptnr2_symmetry 
_struct_conn.pdbx_ptnr3_label_atom_id 
_struct_conn.pdbx_ptnr3_label_seq_id 
_struct_conn.pdbx_ptnr3_label_comp_id 
_struct_conn.pdbx_ptnr3_label_asym_id 
_struct_conn.pdbx_ptnr3_label_alt_id 
_struct_conn.pdbx_ptnr3_PDB_ins_code 
_struct_conn.details 
_struct_conn.pdbx_dist_value 
_struct_conn.pdbx_value_order 
_struct_conn.pdbx_role 
metalc1 metalc ? ? A GLY 56 O   ? ? ? 1_555 C MG  . MG ? ? A GLY 36  A MG  202 1_555 ? ? ? ? ? ? ? 2.355 ? ? 
metalc2 metalc ? ? A GLU 76 OE2 ? ? ? 1_555 C MG  . MG ? ? A GLU 56  A MG  202 1_555 ? ? ? ? ? ? ? 2.193 ? ? 
metalc3 metalc ? ? B 9L3 .  O3A ? ? ? 1_555 C MG  . MG ? ? A 9L3 201 A MG  202 1_555 ? ? ? ? ? ? ? 2.218 ? ? 
metalc4 metalc ? ? C MG  .  MG  ? ? ? 1_555 D HOH . O  ? ? A MG  202 A HOH 312 1_555 ? ? ? ? ? ? ? 2.344 ? ? 
metalc5 metalc ? ? C MG  .  MG  ? ? ? 1_555 D HOH . O  ? ? A MG  202 A HOH 365 1_555 ? ? ? ? ? ? ? 2.185 ? ? 
metalc6 metalc ? ? C MG  .  MG  ? ? ? 1_555 D HOH . O  ? ? A MG  202 A HOH 379 1_555 ? ? ? ? ? ? ? 2.269 ? ? 
# 
_struct_conn_type.id          metalc 
_struct_conn_type.criteria    ? 
_struct_conn_type.reference   ? 
# 
_struct_mon_prot_cis.pdbx_id                1 
_struct_mon_prot_cis.label_comp_id          ARG 
_struct_mon_prot_cis.label_seq_id           44 
_struct_mon_prot_cis.label_asym_id          A 
_struct_mon_prot_cis.label_alt_id           . 
_struct_mon_prot_cis.pdbx_PDB_ins_code      ? 
_struct_mon_prot_cis.auth_comp_id           ARG 
_struct_mon_prot_cis.auth_seq_id            24 
_struct_mon_prot_cis.auth_asym_id           A 
_struct_mon_prot_cis.pdbx_label_comp_id_2   PRO 
_struct_mon_prot_cis.pdbx_label_seq_id_2    45 
_struct_mon_prot_cis.pdbx_label_asym_id_2   A 
_struct_mon_prot_cis.pdbx_PDB_ins_code_2    ? 
_struct_mon_prot_cis.pdbx_auth_comp_id_2    PRO 
_struct_mon_prot_cis.pdbx_auth_seq_id_2     25 
_struct_mon_prot_cis.pdbx_auth_asym_id_2    A 
_struct_mon_prot_cis.pdbx_PDB_model_num     1 
_struct_mon_prot_cis.pdbx_omega_angle       -16.80 
# 
loop_
_struct_sheet.id 
_struct_sheet.type 
_struct_sheet.number_strands 
_struct_sheet.details 
AA1 ? 4 ? 
AA2 ? 4 ? 
AA3 ? 3 ? 
AA4 ? 3 ? 
# 
loop_
_struct_sheet_order.sheet_id 
_struct_sheet_order.range_id_1 
_struct_sheet_order.range_id_2 
_struct_sheet_order.offset 
_struct_sheet_order.sense 
AA1 1 2 ? anti-parallel 
AA2 1 2 ? anti-parallel 
AA2 2 3 ? parallel      
AA2 3 4 ? anti-parallel 
AA3 1 2 ? anti-parallel 
AA3 2 3 ? anti-parallel 
AA4 1 2 ? anti-parallel 
AA4 2 3 ? anti-parallel 
# 
loop_
_struct_sheet_range.sheet_id 
_struct_sheet_range.id 
_struct_sheet_range.beg_label_comp_id 
_struct_sheet_range.beg_label_asym_id 
_struct_sheet_range.beg_label_seq_id 
_struct_sheet_range.pdbx_beg_PDB_ins_code 
_struct_sheet_range.end_label_comp_id 
_struct_sheet_range.end_label_asym_id 
_struct_sheet_range.end_label_seq_id 
_struct_sheet_range.pdbx_end_PDB_ins_code 
_struct_sheet_range.beg_auth_comp_id 
_struct_sheet_range.beg_auth_asym_id 
_struct_sheet_range.beg_auth_seq_id 
_struct_sheet_range.end_auth_comp_id 
_struct_sheet_range.end_auth_asym_id 
_struct_sheet_range.end_auth_seq_id 
AA1 1 GLY A 56  ? LYS A 58  ? GLY A 36 LYS A 38  
AA1 2 GLN A 24  ? SER A 33  ? GLN A 4  SER A 13  
AA1 3 TRP A 52  ? GLU A 53  ? TRP A 32 GLU A 33  
AA1 4 ALA A 118 ? VAL A 122 ? ALA A 98 VAL A 102 
AA2 1 GLY A 56  ? LYS A 58  ? GLY A 36 LYS A 38  
AA2 2 GLN A 24  ? SER A 33  ? GLN A 4  SER A 13  
AA2 3 MET A 97  ? SER A 108 ? MET A 77 SER A 88  
AA2 4 VAL A 91  ? ALA A 92  ? VAL A 71 ALA A 72  
AA3 1 VAL A 91  ? ALA A 92  ? VAL A 71 ALA A 72  
AA3 2 MET A 97  ? SER A 108 ? MET A 77 SER A 88  
AA3 3 ASP A 80  ? ARG A 86  ? ASP A 60 ARG A 66  
AA4 1 GLY A 56  ? LYS A 58  ? GLY A 36 LYS A 38  
AA4 2 GLN A 24  ? SER A 33  ? GLN A 4  SER A 13  
AA4 3 THR A 36  ? GLN A 41  ? THR A 16 GLN A 21  
# 
loop_
_pdbx_struct_sheet_hbond.sheet_id 
_pdbx_struct_sheet_hbond.range_id_1 
_pdbx_struct_sheet_hbond.range_id_2 
_pdbx_struct_sheet_hbond.range_1_label_atom_id 
_pdbx_struct_sheet_hbond.range_1_label_comp_id 
_pdbx_struct_sheet_hbond.range_1_label_asym_id 
_pdbx_struct_sheet_hbond.range_1_label_seq_id 
_pdbx_struct_sheet_hbond.range_1_PDB_ins_code 
_pdbx_struct_sheet_hbond.range_1_auth_atom_id 
_pdbx_struct_sheet_hbond.range_1_auth_comp_id 
_pdbx_struct_sheet_hbond.range_1_auth_asym_id 
_pdbx_struct_sheet_hbond.range_1_auth_seq_id 
_pdbx_struct_sheet_hbond.range_2_label_atom_id 
_pdbx_struct_sheet_hbond.range_2_label_comp_id 
_pdbx_struct_sheet_hbond.range_2_label_asym_id 
_pdbx_struct_sheet_hbond.range_2_label_seq_id 
_pdbx_struct_sheet_hbond.range_2_PDB_ins_code 
_pdbx_struct_sheet_hbond.range_2_auth_atom_id 
_pdbx_struct_sheet_hbond.range_2_auth_comp_id 
_pdbx_struct_sheet_hbond.range_2_auth_asym_id 
_pdbx_struct_sheet_hbond.range_2_auth_seq_id 
AA1 1 2 O GLY A 57  ? O GLY A 37 N VAL A 27 ? N VAL A 7  
AA2 1 2 O GLY A 57  ? O GLY A 37 N VAL A 27 ? N VAL A 7  
AA2 2 3 N VAL A 26  ? N VAL A 6  O THR A 98 ? O THR A 78 
AA2 3 4 O LEU A 99  ? O LEU A 79 N VAL A 91 ? N VAL A 71 
AA3 1 2 N VAL A 91  ? N VAL A 71 O LEU A 99 ? O LEU A 79 
AA3 2 3 O ARG A 107 ? O ARG A 87 N ASP A 80 ? N ASP A 60 
AA4 1 2 O GLY A 57  ? O GLY A 37 N VAL A 27 ? N VAL A 7  
AA4 2 3 N LEU A 31  ? N LEU A 11 O LEU A 38 ? O LEU A 18 
# 
loop_
_struct_site.id 
_struct_site.pdbx_evidence_code 
_struct_site.pdbx_auth_asym_id 
_struct_site.pdbx_auth_comp_id 
_struct_site.pdbx_auth_seq_id 
_struct_site.pdbx_auth_ins_code 
_struct_site.pdbx_num_residues 
_struct_site.details 
AC1 Software A 9L3 201 ? 13 'binding site for residue 9L3 A 201' 
AC2 Software A MG  202 ? 6  'binding site for residue MG A 202'  
# 
loop_
_struct_site_gen.id 
_struct_site_gen.site_id 
_struct_site_gen.pdbx_num_res 
_struct_site_gen.label_comp_id 
_struct_site_gen.label_asym_id 
_struct_site_gen.label_seq_id 
_struct_site_gen.pdbx_auth_ins_code 
_struct_site_gen.auth_comp_id 
_struct_site_gen.auth_asym_id 
_struct_site_gen.auth_seq_id 
_struct_site_gen.label_atom_id 
_struct_site_gen.label_alt_id 
_struct_site_gen.symmetry 
_struct_site_gen.details 
1  AC1 13 ARG A 42  ? ARG A 22  . ? 1_555 ? 
2  AC1 13 GLU A 53  ? GLU A 33  . ? 1_555 ? 
3  AC1 13 LEU A 54  ? LEU A 34  . ? 1_555 ? 
4  AC1 13 GLY A 56  ? GLY A 36  . ? 1_555 ? 
5  AC1 13 LEU A 93  ? LEU A 73  . ? 1_555 ? 
6  AC1 13 LEU A 99  ? LEU A 79  . ? 1_555 ? 
7  AC1 13 ASP A 136 ? ASP A 116 . ? 1_555 ? 
8  AC1 13 MG  C .   ? MG  A 202 . ? 1_555 ? 
9  AC1 13 HOH D .   ? HOH A 303 . ? 1_555 ? 
10 AC1 13 HOH D .   ? HOH A 334 . ? 1_555 ? 
11 AC1 13 HOH D .   ? HOH A 365 . ? 1_555 ? 
12 AC1 13 HOH D .   ? HOH A 373 . ? 1_555 ? 
13 AC1 13 HOH D .   ? HOH A 379 . ? 1_555 ? 
14 AC2 6  GLY A 56  ? GLY A 36  . ? 1_555 ? 
15 AC2 6  GLU A 76  ? GLU A 56  . ? 1_555 ? 
16 AC2 6  9L3 B .   ? 9L3 A 201 . ? 1_555 ? 
17 AC2 6  HOH D .   ? HOH A 312 . ? 1_555 ? 
18 AC2 6  HOH D .   ? HOH A 365 . ? 1_555 ? 
19 AC2 6  HOH D .   ? HOH A 379 . ? 1_555 ? 
# 
_atom_sites.entry_id                    5ZRI 
_atom_sites.fract_transf_matrix[1][1]   -0.00904089 
_atom_sites.fract_transf_matrix[1][2]   0.01106893 
_atom_sites.fract_transf_matrix[1][3]   0.00535727 
_atom_sites.fract_transf_matrix[2][1]   0.00595421 
_atom_sites.fract_transf_matrix[2][2]   -0.00272691 
_atom_sites.fract_transf_matrix[2][3]   0.01568252 
_atom_sites.fract_transf_matrix[3][1]   0.02314281 
_atom_sites.fract_transf_matrix[3][2]   0.02135785 
_atom_sites.fract_transf_matrix[3][3]   -0.00507293 
_atom_sites.fract_transf_vector[1]      -0.146469 
_atom_sites.fract_transf_vector[2]      0.175847 
_atom_sites.fract_transf_vector[3]      -0.001028 
# 
loop_
_atom_type.symbol 
C  
MG 
N  
O  
P  
S  
# 
loop_
_atom_site.group_PDB 
_atom_site.id 
_atom_site.type_symbol 
_atom_site.label_atom_id 
_atom_site.label_alt_id 
_atom_site.label_comp_id 
_atom_site.label_asym_id 
_atom_site.label_entity_id 
_atom_site.label_seq_id 
_atom_site.pdbx_PDB_ins_code 
_atom_site.Cartn_x 
_atom_site.Cartn_y 
_atom_site.Cartn_z 
_atom_site.occupancy 
_atom_site.B_iso_or_equiv 
_atom_site.pdbx_formal_charge 
_atom_site.auth_seq_id 
_atom_site.auth_comp_id 
_atom_site.auth_asym_id 
_atom_site.auth_atom_id 
_atom_site.pdbx_PDB_model_num 
ATOM   1    N  N     . LYS A 1 23  ? 10.597  -8.116  -15.500 1.00 50.46 ? 3   LYS A N     1 
ATOM   2    C  CA    . LYS A 1 23  ? 10.549  -7.803  -14.041 1.00 43.52 ? 3   LYS A CA    1 
ATOM   3    C  C     . LYS A 1 23  ? 9.192   -8.179  -13.448 1.00 48.00 ? 3   LYS A C     1 
ATOM   4    O  O     . LYS A 1 23  ? 8.146   -7.805  -13.981 1.00 43.12 ? 3   LYS A O     1 
ATOM   5    C  CB    . LYS A 1 23  ? 10.822  -6.315  -13.806 1.00 43.54 ? 3   LYS A CB    1 
ATOM   6    C  CG    . LYS A 1 23  ? 12.297  -5.949  -13.792 1.00 42.23 ? 3   LYS A CG    1 
ATOM   7    C  CD    . LYS A 1 23  ? 12.632  -5.029  -12.630 1.00 43.34 ? 3   LYS A CD    1 
ATOM   8    N  N     . GLN A 1 24  ? 9.221   -8.951  -12.365 1.00 36.41 ? 4   GLN A N     1 
ATOM   9    C  CA    . GLN A 1 24  ? 8.022   -9.230  -11.582 1.00 33.55 ? 4   GLN A CA    1 
ATOM   10   C  C     . GLN A 1 24  ? 7.461   -7.937  -10.998 1.00 24.67 ? 4   GLN A C     1 
ATOM   11   O  O     . GLN A 1 24  ? 8.211   -7.038  -10.617 1.00 26.20 ? 4   GLN A O     1 
ATOM   12   C  CB    . GLN A 1 24  ? 8.344   -10.213 -10.455 1.00 32.91 ? 4   GLN A CB    1 
ATOM   13   C  CG    . GLN A 1 24  ? 7.351   -10.188 -9.304  1.00 38.92 ? 4   GLN A CG    1 
ATOM   14   C  CD    . GLN A 1 24  ? 6.181   -11.128 -9.520  1.00 49.89 ? 4   GLN A CD    1 
ATOM   15   O  OE1   . GLN A 1 24  ? 6.295   -12.338 -9.317  1.00 55.65 ? 4   GLN A OE1   1 
ATOM   16   N  NE2   . GLN A 1 24  ? 5.034   -10.569 -9.895  1.00 53.13 ? 4   GLN A NE2   1 
ATOM   17   N  N     . ILE A 1 25  ? 6.137   -7.810  -11.019 1.00 25.06 ? 5   ILE A N     1 
ATOM   18   C  CA    . ILE A 1 25  ? 5.488   -6.605  -10.524 1.00 21.80 ? 5   ILE A CA    1 
ATOM   19   C  C     . ILE A 1 25  ? 4.896   -6.839  -9.138  1.00 14.42 ? 5   ILE A C     1 
ATOM   20   O  O     . ILE A 1 25  ? 4.276   -7.876  -8.872  1.00 15.04 ? 5   ILE A O     1 
ATOM   21   C  CB    . ILE A 1 25  ? 4.367   -6.133  -11.472 1.00 21.08 ? 5   ILE A CB    1 
ATOM   22   C  CG1   . ILE A 1 25  ? 4.924   -5.905  -12.880 1.00 27.49 ? 5   ILE A CG1   1 
ATOM   23   C  CG2   . ILE A 1 25  ? 3.724   -4.860  -10.943 1.00 27.75 ? 5   ILE A CG2   1 
ATOM   24   C  CD1   . ILE A 1 25  ? 6.027   -4.871  -12.941 1.00 34.67 ? 5   ILE A CD1   1 
ATOM   25   N  N     . VAL A 1 26  ? 5.200   -5.912  -8.234  1.00 15.11 ? 6   VAL A N     1 
ATOM   26   C  CA    . VAL A 1 26  ? 4.533   -5.816  -6.939  1.00 13.89 ? 6   VAL A CA    1 
ATOM   27   C  C     . VAL A 1 26  ? 3.629   -4.584  -6.932  1.00 13.20 ? 6   VAL A C     1 
ATOM   28   O  O     . VAL A 1 26  ? 4.093   -3.474  -7.159  1.00 14.50 ? 6   VAL A O     1 
ATOM   29   C  CB    . VAL A 1 26  ? 5.576   -5.680  -5.816  1.00 14.62 ? 6   VAL A CB    1 
ATOM   30   C  CG1   . VAL A 1 26  ? 4.920   -5.719  -4.451  1.00 14.49 ? 6   VAL A CG1   1 
ATOM   31   C  CG2   . VAL A 1 26  ? 6.631   -6.772  -5.951  1.00 16.15 ? 6   VAL A CG2   1 
ATOM   32   N  N     . VAL A 1 27  ? 2.353   -4.777  -6.615  1.00 11.81 ? 7   VAL A N     1 
ATOM   33   C  CA    . VAL A 1 27  ? 1.402   -3.668  -6.590  1.00 13.40 ? 7   VAL A CA    1 
ATOM   34   C  C     . VAL A 1 27  ? 1.075   -3.289  -5.150  1.00 12.16 ? 7   VAL A C     1 
ATOM   35   O  O     . VAL A 1 27  ? 1.205   -4.116  -4.250  1.00 14.37 ? 7   VAL A O     1 
ATOM   36   C  CB    . VAL A 1 27  ? 0.094   -4.011  -7.336  1.00 12.34 ? 7   VAL A CB    1 
ATOM   37   C  CG1   . VAL A 1 27  ? 0.341   -4.104  -8.835  1.00 16.13 ? 7   VAL A CG1   1 
ATOM   38   C  CG2   . VAL A 1 27  ? -0.532  -5.286  -6.795  1.00 12.14 ? 7   VAL A CG2   1 
ATOM   39   N  N     . ALA A 1 28  ? 0.915   -1.986  -4.924  1.00 9.20  ? 8   ALA A N     1 
ATOM   40   C  CA    . ALA A 1 28  ? 0.658   -1.458  -3.592  1.00 10.48 ? 8   ALA A CA    1 
ATOM   41   C  C     . ALA A 1 28  ? -0.476  -0.443  -3.654  1.00 9.68  ? 8   ALA A C     1 
ATOM   42   O  O     . ALA A 1 28  ? -0.707  0.179   -4.690  1.00 9.70  ? 8   ALA A O     1 
ATOM   43   C  CB    . ALA A 1 28  ? 1.915   -0.810  -3.027  1.00 11.46 ? 8   ALA A CB    1 
ATOM   44   N  N     . GLY A 1 29  ? -1.208  -0.304  -2.555  1.00 8.82  ? 9   GLY A N     1 
ATOM   45   C  CA    . GLY A 1 29  ? -2.434  0.476   -2.555  1.00 8.74  ? 9   GLY A CA    1 
ATOM   46   C  C     . GLY A 1 29  ? -2.313  1.679   -1.644  1.00 9.25  ? 9   GLY A C     1 
ATOM   47   O  O     . GLY A 1 29  ? -1.909  1.538   -0.479  1.00 9.55  ? 9   GLY A O     1 
ATOM   48   N  N     . ALA A 1 30  ? -2.640  2.855   -2.179  1.00 9.60  ? 10  ALA A N     1 
ATOM   49   C  CA    . ALA A 1 30  ? -2.814  4.067   -1.375  1.00 9.81  ? 10  ALA A CA    1 
ATOM   50   C  C     . ALA A 1 30  ? -4.295  4.307   -1.136  1.00 10.63 ? 10  ALA A C     1 
ATOM   51   O  O     . ALA A 1 30  ? -4.994  4.845   -2.003  1.00 7.93  ? 10  ALA A O     1 
ATOM   52   C  CB    . ALA A 1 30  ? -2.195  5.271   -2.071  1.00 11.40 ? 10  ALA A CB    1 
ATOM   53   N  N     . LEU A 1 31  ? -4.778  3.795   -0.010  1.00 8.91  ? 11  LEU A N     1 
ATOM   54   C  CA    . LEU A 1 31  ? -6.187  3.877   0.344   1.00 9.73  ? 11  LEU A CA    1 
ATOM   55   C  C     . LEU A 1 31  ? -6.405  5.165   1.106   1.00 8.63  ? 11  LEU A C     1 
ATOM   56   O  O     . LEU A 1 31  ? -5.893  5.341   2.216   1.00 9.86  ? 11  LEU A O     1 
ATOM   57   C  CB    . LEU A 1 31  ? -6.589  2.681   1.216   1.00 11.40 ? 11  LEU A CB    1 
ATOM   58   C  CG    . LEU A 1 31  ? -8.013  2.665   1.783   1.00 13.48 ? 11  LEU A CG    1 
ATOM   59   C  CD1   . LEU A 1 31  ? -9.045  2.851   0.681   1.00 17.35 ? 11  LEU A CD1   1 
ATOM   60   C  CD2   . LEU A 1 31  ? -8.255  1.351   2.517   1.00 15.51 ? 11  LEU A CD2   1 
ATOM   61   N  N     . ILE A 1 32  ? -7.152  6.073   0.492   1.00 10.80 ? 12  ILE A N     1 
ATOM   62   C  CA    . ILE A 1 32  ? -7.512  7.332   1.126   1.00 10.77 ? 12  ILE A CA    1 
ATOM   63   C  C     . ILE A 1 32  ? -9.004  7.338   1.429   1.00 13.07 ? 12  ILE A C     1 
ATOM   64   O  O     . ILE A 1 32  ? -9.808  6.913   0.601   1.00 13.38 ? 12  ILE A O     1 
ATOM   65   C  CB    . ILE A 1 32  ? -7.150  8.533   0.231   1.00 12.48 ? 12  ILE A CB    1 
ATOM   66   C  CG1   . ILE A 1 32  ? -5.634  8.611   0.062   1.00 14.68 ? 12  ILE A CG1   1 
ATOM   67   C  CG2   . ILE A 1 32  ? -7.685  9.820   0.833   1.00 14.38 ? 12  ILE A CG2   1 
ATOM   68   C  CD1   . ILE A 1 32  ? -5.177  9.473   -1.096  1.00 17.65 ? 12  ILE A CD1   1 
ATOM   69   N  N     . SER A 1 33  ? -9.319  7.534   2.703   1.00 14.67 ? 13  SER A N     1 
ATOM   70   C  CA    . SER A 1 33  ? -10.697 7.454   3.181   1.00 16.88 ? 13  SER A CA    1 
ATOM   71   C  C     . SER A 1 33  ? -10.955 8.565   4.188   1.00 20.50 ? 13  SER A C     1 
ATOM   72   O  O     . SER A 1 33  ? -10.163 8.780   5.111   1.00 17.35 ? 13  SER A O     1 
ATOM   73   C  CB    . SER A 1 33  ? -10.970 6.095   3.828   1.00 18.67 ? 13  SER A CB    1 
ATOM   74   O  OG    . SER A 1 33  ? -12.289 6.027   4.354   1.00 21.22 ? 13  SER A OG    1 
ATOM   75   N  N     . ARG A 1 34  ? -12.056 9.284   3.992   1.00 19.24 ? 14  ARG A N     1 
ATOM   76   C  CA    . ARG A 1 34  ? -12.396 10.416  4.850   1.00 22.54 ? 14  ARG A CA    1 
ATOM   77   C  C     . ARG A 1 34  ? -11.182 11.303  5.095   1.00 16.99 ? 14  ARG A C     1 
ATOM   78   O  O     . ARG A 1 34  ? -10.916 11.701  6.227   1.00 20.57 ? 14  ARG A O     1 
ATOM   79   C  CB    . ARG A 1 34  ? -12.961 9.925   6.185   1.00 23.34 ? 14  ARG A CB    1 
ATOM   80   C  CG    . ARG A 1 34  ? -14.152 8.992   6.042   1.00 22.72 ? 14  ARG A CG    1 
ATOM   81   C  CD    . ARG A 1 34  ? -14.575 8.398   7.375   1.00 29.11 ? 14  ARG A CD    1 
ATOM   82   N  NE    . ARG A 1 34  ? -15.180 9.400   8.246   1.00 32.63 ? 14  ARG A NE    1 
ATOM   83   C  CZ    . ARG A 1 34  ? -16.454 9.783   8.186   1.00 33.38 ? 14  ARG A CZ    1 
ATOM   84   N  NH1   . ARG A 1 34  ? -16.872 10.797  8.929   1.00 28.20 ? 14  ARG A NH1   1 
ATOM   85   N  NH2   . ARG A 1 34  ? -17.301 9.182   7.357   1.00 30.62 ? 14  ARG A NH2   1 
ATOM   86   N  N     . GLY A 1 35  ? -10.376 11.502  4.059   1.00 18.95 ? 15  GLY A N     1 
ATOM   87   C  CA    . GLY A 1 35  ? -9.308  12.498  4.110   1.00 14.38 ? 15  GLY A CA    1 
ATOM   88   C  C     . GLY A 1 35  ? -8.003  12.013  4.727   1.00 19.26 ? 15  GLY A C     1 
ATOM   89   O  O     . GLY A 1 35  ? -7.078  12.793  4.924   1.00 20.95 ? 15  GLY A O     1 
ATOM   90   N  N     . THR A 1 36  ? -7.905  10.719  5.018   1.00 16.86 ? 16  THR A N     1 
ATOM   91   C  CA    . THR A 1 36  ? -6.671  10.179  5.606   1.00 15.34 ? 16  THR A CA    1 
ATOM   92   C  C     . THR A 1 36  ? -6.159  9.019   4.762   1.00 14.43 ? 16  THR A C     1 
ATOM   93   O  O     . THR A 1 36  ? -6.938  8.394   4.047   1.00 14.79 ? 16  THR A O     1 
ATOM   94   C  CB    . THR A 1 36  ? -6.899  9.673   7.048   1.00 15.09 ? 16  THR A CB    1 
ATOM   95   O  OG1   . THR A 1 36  ? -7.966  8.720   7.065   1.00 18.89 ? 16  THR A OG1   1 
ATOM   96   C  CG2   . THR A 1 36  ? -7.239  10.833  7.974   1.00 23.44 ? 16  THR A CG2   1 
ATOM   97   N  N     . LEU A 1 37  ? -4.891  8.655   4.964   1.00 13.16 ? 17  LEU A N     1 
ATOM   98   C  CA    . LEU A 1 37  ? -4.254  7.567   4.222   1.00 13.23 ? 17  LEU A CA    1 
ATOM   99   C  C     . LEU A 1 37  ? -3.995  6.374   5.146   1.00 10.53 ? 17  LEU A C     1 
ATOM   100  O  O     . LEU A 1 37  ? -3.436  6.525   6.230   1.00 11.72 ? 17  LEU A O     1 
ATOM   101  C  CB    . LEU A 1 37  ? -2.920  8.038   3.636   1.00 12.27 ? 17  LEU A CB    1 
ATOM   102  C  CG    . LEU A 1 37  ? -2.006  6.969   3.026   1.00 11.79 ? 17  LEU A CG    1 
ATOM   103  C  CD1   . LEU A 1 37  ? -2.527  6.500   1.681   1.00 11.48 ? 17  LEU A CD1   1 
ATOM   104  C  CD2   . LEU A 1 37  ? -0.588  7.501   2.877   1.00 12.71 ? 17  LEU A CD2   1 
ATOM   105  N  N     . LEU A 1 38  ? -4.333  5.185   4.674   1.00 10.36 ? 18  LEU A N     1 
ATOM   106  C  CA    . LEU A 1 38  ? -3.990  3.963   5.387   1.00 9.61  ? 18  LEU A CA    1 
ATOM   107  C  C     . LEU A 1 38  ? -2.531  3.597   5.132   1.00 10.48 ? 18  LEU A C     1 
ATOM   108  O  O     . LEU A 1 38  ? -2.091  3.453   3.988   1.00 9.75  ? 18  LEU A O     1 
ATOM   109  C  CB    . LEU A 1 38  ? -4.891  2.806   4.964   1.00 12.40 ? 18  LEU A CB    1 
ATOM   110  C  CG    . LEU A 1 38  ? -4.748  1.561   5.835   1.00 14.78 ? 18  LEU A CG    1 
ATOM   111  C  CD1   . LEU A 1 38  ? -5.318  1.807   7.221   1.00 14.89 ? 18  LEU A CD1   1 
ATOM   112  C  CD2   . LEU A 1 38  ? -5.416  0.362   5.187   1.00 20.75 ? 18  LEU A CD2   1 
ATOM   113  N  N     . VAL A 1 39  ? -1.798  3.397   6.219   1.00 6.13  ? 19  VAL A N     1 
ATOM   114  C  CA    . VAL A 1 39  ? -0.470  2.796   6.166   1.00 10.68 ? 19  VAL A CA    1 
ATOM   115  C  C     . VAL A 1 39  ? -0.371  1.593   7.098   1.00 10.31 ? 19  VAL A C     1 
ATOM   116  O  O     . VAL A 1 39  ? -1.179  1.440   8.004   1.00 10.94 ? 19  VAL A O     1 
ATOM   117  C  CB    . VAL A 1 39  ? 0.622   3.820   6.537   1.00 12.35 ? 19  VAL A CB    1 
ATOM   118  C  CG1   . VAL A 1 39  ? 0.675   4.916   5.483   1.00 13.85 ? 19  VAL A CG1   1 
ATOM   119  C  CG2   . VAL A 1 39  ? 0.382   4.406   7.923   1.00 11.49 ? 19  VAL A CG2   1 
ATOM   120  N  N     . ALA A 1 40  ? 0.453   0.636   6.694   1.00 10.96 ? 20  ALA A N     1 
ATOM   121  C  CA    . ALA A 1 40  ? 0.449   -0.691  7.278   1.00 9.74  ? 20  ALA A CA    1 
ATOM   122  C  C     . ALA A 1 40  ? 1.860   -1.070  7.695   1.00 10.62 ? 20  ALA A C     1 
ATOM   123  O  O     . ALA A 1 40  ? 2.824   -0.825  6.949   1.00 11.40 ? 20  ALA A O     1 
ATOM   124  C  CB    . ALA A 1 40  ? -0.095  -1.700  6.277   1.00 10.88 ? 20  ALA A CB    1 
ATOM   125  N  N     . GLN A 1 41  ? 2.005   -1.447  8.962   1.00 10.56 ? 21  GLN A N     1 
ATOM   126  C  CA    . GLN A 1 41  ? 3.320   -1.732  9.521   1.00 10.72 ? 21  GLN A CA    1 
ATOM   127  C  C     . GLN A 1 41  ? 3.696   -3.185  9.310   1.00 10.87 ? 21  GLN A C     1 
ATOM   128  O  O     . GLN A 1 41  ? 3.031   -4.088  9.810   1.00 11.74 ? 21  GLN A O     1 
ATOM   129  C  CB    . GLN A 1 41  ? 3.354   -1.395  11.007  1.00 11.85 ? 21  GLN A CB    1 
ATOM   130  C  CG    . GLN A 1 41  ? 4.757   -1.395  11.596  1.00 12.07 ? 21  GLN A CG    1 
ATOM   131  C  CD    . GLN A 1 41  ? 4.752   -1.105  13.083  1.00 13.87 ? 21  GLN A CD    1 
ATOM   132  O  OE1   . GLN A 1 41  ? 3.813   -1.470  13.796  1.00 15.95 ? 21  GLN A OE1   1 
ATOM   133  N  NE2   . GLN A 1 41  ? 5.751   -0.364  13.541  1.00 16.10 ? 21  GLN A NE2   1 
ATOM   134  N  N     . ARG A 1 42  ? 4.736   -3.416  8.518   1.00 9.30  ? 22  ARG A N     1 
ATOM   135  C  CA    . ARG A 1 42  ? 5.123   -4.783  8.182   1.00 9.61  ? 22  ARG A CA    1 
ATOM   136  C  C     . ARG A 1 42  ? 5.568   -5.550  9.416   1.00 11.14 ? 22  ARG A C     1 
ATOM   137  O  O     . ARG A 1 42  ? 6.102   -4.966  10.355  1.00 13.57 ? 22  ARG A O     1 
ATOM   138  C  CB    . ARG A 1 42  ? 6.252   -4.780  7.150   1.00 11.36 ? 22  ARG A CB    1 
ATOM   139  C  CG    . ARG A 1 42  ? 5.825   -4.292  5.773   1.00 11.70 ? 22  ARG A CG    1 
ATOM   140  C  CD    . ARG A 1 42  ? 6.893   -4.559  4.722   1.00 12.36 ? 22  ARG A CD    1 
ATOM   141  N  NE    . ARG A 1 42  ? 7.097   -5.988  4.499   1.00 12.38 ? 22  ARG A NE    1 
ATOM   142  C  CZ    . ARG A 1 42  ? 6.662   -6.672  3.447   1.00 12.43 ? 22  ARG A CZ    1 
ATOM   143  N  NH1   . ARG A 1 42  ? 5.878   -6.103  2.539   1.00 13.18 ? 22  ARG A NH1   1 
ATOM   144  N  NH2   . ARG A 1 42  ? 6.898   -7.977  3.373   1.00 14.89 ? 22  ARG A NH2   1 
ATOM   145  N  N     . ASP A 1 43  ? 5.524   -6.875  9.308   1.00 11.26 ? 23  ASP A N     1 
ATOM   146  C  CA    A ASP A 1 43  ? 5.919   -7.794  10.366  0.50 12.35 ? 23  ASP A CA    1 
ATOM   147  C  CA    B ASP A 1 43  ? 6.034   -7.710  10.387  0.50 13.12 ? 23  ASP A CA    1 
ATOM   148  C  C     . ASP A 1 43  ? 7.009   -8.762  9.888   1.00 15.00 ? 23  ASP A C     1 
ATOM   149  O  O     . ASP A 1 43  ? 7.498   -9.578  10.666  1.00 13.75 ? 23  ASP A O     1 
ATOM   150  C  CB    A ASP A 1 43  ? 4.699   -8.601  10.810  0.50 13.05 ? 23  ASP A CB    1 
ATOM   151  C  CB    B ASP A 1 43  ? 4.890   -8.362  11.165  0.50 15.57 ? 23  ASP A CB    1 
ATOM   152  C  CG    A ASP A 1 43  ? 4.910   -9.294  12.137  0.50 13.79 ? 23  ASP A CG    1 
ATOM   153  C  CG    B ASP A 1 43  ? 3.980   -9.194  10.288  0.50 16.40 ? 23  ASP A CG    1 
ATOM   154  O  OD1   A ASP A 1 43  ? 5.170   -8.584  13.129  0.50 16.23 ? 23  ASP A OD1   1 
ATOM   155  O  OD1   B ASP A 1 43  ? 4.484   -9.844  9.348   0.50 18.35 ? 23  ASP A OD1   1 
ATOM   156  O  OD2   A ASP A 1 43  ? 4.725   -10.530 12.194  0.50 16.94 ? 23  ASP A OD2   1 
ATOM   157  O  OD2   B ASP A 1 43  ? 2.782   -9.304  10.628  0.50 25.50 ? 23  ASP A OD2   1 
ATOM   158  N  N     . ARG A 1 44  ? 7.401   -8.645  8.621   1.00 12.64 ? 24  ARG A N     1 
ATOM   159  C  CA    . ARG A 1 44  ? 8.382   -9.542  8.012   1.00 13.31 ? 24  ARG A CA    1 
ATOM   160  C  C     . ARG A 1 44  ? 8.879   -8.957  6.693   1.00 12.93 ? 24  ARG A C     1 
ATOM   161  O  O     . ARG A 1 44  ? 8.248   -8.052  6.146   1.00 12.28 ? 24  ARG A O     1 
ATOM   162  C  CB    . ARG A 1 44  ? 7.754   -10.909 7.761   1.00 13.54 ? 24  ARG A CB    1 
ATOM   163  C  CG    . ARG A 1 44  ? 6.695   -10.920 6.676   1.00 15.02 ? 24  ARG A CG    1 
ATOM   164  C  CD    . ARG A 1 44  ? 6.060   -12.295 6.560   1.00 20.65 ? 24  ARG A CD    1 
ATOM   165  N  NE    . ARG A 1 44  ? 5.124   -12.364 5.443   1.00 30.26 ? 24  ARG A NE    1 
ATOM   166  N  N     . PRO A 1 45  ? 10.064  -9.391  6.226   1.00 12.99 ? 25  PRO A N     1 
ATOM   167  C  CA    . PRO A 1 45  ? 11.075  -10.097 7.005   1.00 12.15 ? 25  PRO A CA    1 
ATOM   168  C  C     . PRO A 1 45  ? 11.708  -9.194  8.057   1.00 11.53 ? 25  PRO A C     1 
ATOM   169  O  O     . PRO A 1 45  ? 11.317  -8.040  8.204   1.00 12.51 ? 25  PRO A O     1 
ATOM   170  C  CB    . PRO A 1 45  ? 12.110  -10.478 5.947   1.00 13.86 ? 25  PRO A CB    1 
ATOM   171  C  CG    . PRO A 1 45  ? 12.037  -9.368  4.954   1.00 13.13 ? 25  PRO A CG    1 
ATOM   172  C  CD    . PRO A 1 45  ? 10.624  -8.848  4.975   1.00 12.57 ? 25  PRO A CD    1 
ATOM   173  N  N     . ALA A 1 46  ? 12.765  -9.677  8.693   1.00 11.17 ? 26  ALA A N     1 
ATOM   174  C  CA    . ALA A 1 46  ? 13.374  -8.946  9.795   1.00 11.89 ? 26  ALA A CA    1 
ATOM   175  C  C     . ALA A 1 46  ? 13.766  -7.533  9.379   1.00 11.12 ? 26  ALA A C     1 
ATOM   176  O  O     . ALA A 1 46  ? 13.614  -6.588  10.154  1.00 11.65 ? 26  ALA A O     1 
ATOM   177  C  CB    . ALA A 1 46  ? 14.587  -9.696  10.314  1.00 13.46 ? 26  ALA A CB    1 
ATOM   178  N  N     . GLU A 1 47  ? 14.280  -7.404  8.155   1.00 12.10 ? 27  GLU A N     1 
ATOM   179  C  CA    . GLU A 1 47  ? 14.767  -6.129  7.632   1.00 13.93 ? 27  GLU A CA    1 
ATOM   180  C  C     . GLU A 1 47  ? 13.673  -5.076  7.483   1.00 12.75 ? 27  GLU A C     1 
ATOM   181  O  O     . GLU A 1 47  ? 13.971  -3.884  7.422   1.00 12.28 ? 27  GLU A O     1 
ATOM   182  C  CB    . GLU A 1 47  ? 15.444  -6.342  6.276   1.00 14.99 ? 27  GLU A CB    1 
ATOM   183  C  CG    . GLU A 1 47  ? 16.781  -7.061  6.365   1.00 19.89 ? 27  GLU A CG    1 
ATOM   184  C  CD    . GLU A 1 47  ? 16.661  -8.570  6.244   1.00 22.31 ? 27  GLU A CD    1 
ATOM   185  O  OE1   . GLU A 1 47  ? 15.529  -9.113  6.342   1.00 16.41 ? 27  GLU A OE1   1 
ATOM   186  O  OE2   . GLU A 1 47  ? 17.722  -9.215  6.069   1.00 22.31 ? 27  GLU A OE2   1 
ATOM   187  N  N     . LEU A 1 48  ? 12.424  -5.513  7.345   1.00 12.91 ? 28  LEU A N     1 
ATOM   188  C  CA    . LEU A 1 48  ? 11.313  -4.590  7.106   1.00 12.23 ? 28  LEU A CA    1 
ATOM   189  C  C     . LEU A 1 48  ? 10.323  -4.582  8.268   1.00 13.11 ? 28  LEU A C     1 
ATOM   190  O  O     . LEU A 1 48  ? 9.421   -3.743  8.323   1.00 12.03 ? 28  LEU A O     1 
ATOM   191  C  CB    . LEU A 1 48  ? 10.588  -4.959  5.817   1.00 11.89 ? 28  LEU A CB    1 
ATOM   192  C  CG    . LEU A 1 48  ? 11.424  -4.878  4.540   1.00 13.60 ? 28  LEU A CG    1 
ATOM   193  C  CD1   . LEU A 1 48  ? 10.541  -5.139  3.332   1.00 14.72 ? 28  LEU A CD1   1 
ATOM   194  C  CD2   . LEU A 1 48  ? 12.117  -3.530  4.426   1.00 13.06 ? 28  LEU A CD2   1 
ATOM   195  N  N     . ALA A 1 49  ? 10.466  -5.538  9.181   1.00 11.80 ? 29  ALA A N     1 
ATOM   196  C  CA    . ALA A 1 49  ? 9.518   -5.667  10.276  1.00 10.92 ? 29  ALA A CA    1 
ATOM   197  C  C     . ALA A 1 49  ? 9.607   -4.448  11.193  1.00 11.77 ? 29  ALA A C     1 
ATOM   198  O  O     . ALA A 1 49  ? 10.690  -4.050  11.615  1.00 12.77 ? 29  ALA A O     1 
ATOM   199  C  CB    . ALA A 1 49  ? 9.784   -6.947  11.056  1.00 11.54 ? 29  ALA A CB    1 
ATOM   200  N  N     . GLY A 1 50  ? 8.474   -3.791  11.413  1.00 9.89  ? 30  GLY A N     1 
ATOM   201  C  CA    . GLY A 1 50  ? 8.453   -2.528  12.142  1.00 11.31 ? 30  GLY A CA    1 
ATOM   202  C  C     . GLY A 1 50  ? 8.341   -1.296  11.262  1.00 12.07 ? 30  GLY A C     1 
ATOM   203  O  O     . GLY A 1 50  ? 8.185   -0.185  11.773  1.00 13.81 ? 30  GLY A O     1 
ATOM   204  N  N     . LEU A 1 51  ? 8.580   -1.465  9.965   1.00 11.92 ? 31  LEU A N     1 
ATOM   205  C  CA    . LEU A 1 51  ? 8.539   -0.355  9.026   1.00 12.60 ? 31  LEU A CA    1 
ATOM   206  C  C     . LEU A 1 51  ? 7.241   -0.327  8.232   1.00 12.68 ? 31  LEU A C     1 
ATOM   207  O  O     . LEU A 1 51  ? 6.523   -1.327  8.141   1.00 12.77 ? 31  LEU A O     1 
ATOM   208  C  CB    . LEU A 1 51  ? 9.722   -0.425  8.064   1.00 12.42 ? 31  LEU A CB    1 
ATOM   209  C  CG    . LEU A 1 51  ? 11.093  -0.591  8.717   1.00 12.94 ? 31  LEU A CG    1 
ATOM   210  C  CD1   . LEU A 1 51  ? 12.161  -0.540  7.637   1.00 12.56 ? 31  LEU A CD1   1 
ATOM   211  C  CD2   . LEU A 1 51  ? 11.326  0.477   9.769   1.00 12.81 ? 31  LEU A CD2   1 
ATOM   212  N  N     . TRP A 1 52  ? 6.903   0.852   7.728   1.00 10.95 ? 32  TRP A N     1 
ATOM   213  C  CA    . TRP A 1 52  ? 5.558   1.109   7.234   1.00 11.05 ? 32  TRP A CA    1 
ATOM   214  C  C     . TRP A 1 52  ? 5.531   1.072   5.710   1.00 10.86 ? 32  TRP A C     1 
ATOM   215  O  O     . TRP A 1 52  ? 6.486   1.470   5.042   1.00 11.33 ? 32  TRP A O     1 
ATOM   216  C  CB    . TRP A 1 52  ? 5.065   2.462   7.730   1.00 10.13 ? 32  TRP A CB    1 
ATOM   217  C  CG    . TRP A 1 52  ? 4.872   2.518   9.215   1.00 12.06 ? 32  TRP A CG    1 
ATOM   218  C  CD1   . TRP A 1 52  ? 5.846   2.691   10.155  1.00 14.13 ? 32  TRP A CD1   1 
ATOM   219  C  CD2   . TRP A 1 52  ? 3.678   2.182   9.931   1.00 11.79 ? 32  TRP A CD2   1 
ATOM   220  N  NE1   . TRP A 1 52  ? 5.312   2.569   11.417  1.00 14.44 ? 32  TRP A NE1   1 
ATOM   221  C  CE2   . TRP A 1 52  ? 3.986   2.241   11.305  1.00 12.71 ? 32  TRP A CE2   1 
ATOM   222  C  CE3   . TRP A 1 52  ? 2.369   1.864   9.546   1.00 11.77 ? 32  TRP A CE3   1 
ATOM   223  C  CZ2   . TRP A 1 52  ? 3.017   2.084   12.292  1.00 13.57 ? 32  TRP A CZ2   1 
ATOM   224  C  CZ3   . TRP A 1 52  ? 1.403   1.724   10.530  1.00 12.13 ? 32  TRP A CZ3   1 
ATOM   225  C  CH2   . TRP A 1 52  ? 1.728   1.848   11.886  1.00 13.03 ? 32  TRP A CH2   1 
ATOM   226  N  N     . GLU A 1 53  ? 4.399   0.641   5.172   1.00 9.84  ? 33  GLU A N     1 
ATOM   227  C  CA    . GLU A 1 53  ? 4.262   0.472   3.742   1.00 9.92  ? 33  GLU A CA    1 
ATOM   228  C  C     . GLU A 1 53  ? 2.854   0.817   3.280   1.00 10.19 ? 33  GLU A C     1 
ATOM   229  O  O     . GLU A 1 53  ? 1.897   0.843   4.066   1.00 10.45 ? 33  GLU A O     1 
ATOM   230  C  CB    . GLU A 1 53  ? 4.596   -0.968  3.341   1.00 9.38  ? 33  GLU A CB    1 
ATOM   231  C  CG    . GLU A 1 53  ? 3.539   -1.987  3.762   1.00 12.16 ? 33  GLU A CG    1 
ATOM   232  C  CD    . GLU A 1 53  ? 3.749   -3.376  3.171   1.00 11.63 ? 33  GLU A CD    1 
ATOM   233  O  OE1   . GLU A 1 53  ? 4.771   -3.598  2.478   1.00 12.38 ? 33  GLU A OE1   1 
ATOM   234  O  OE2   . GLU A 1 53  ? 2.979   -4.298  3.527   1.00 12.63 ? 33  GLU A OE2   1 
ATOM   235  N  N     . LEU A 1 54  ? 2.727   0.983   1.971   1.00 9.47  ? 34  LEU A N     1 
ATOM   236  C  CA    . LEU A 1 54  ? 1.450   0.805   1.303   1.00 9.11  ? 34  LEU A CA    1 
ATOM   237  C  C     . LEU A 1 54  ? 1.249   -0.681  1.032   1.00 9.49  ? 34  LEU A C     1 
ATOM   238  O  O     . LEU A 1 54  ? 2.064   -1.310  0.359   1.00 11.99 ? 34  LEU A O     1 
ATOM   239  C  CB    . LEU A 1 54  ? 1.427   1.593   -0.005  1.00 9.79  ? 34  LEU A CB    1 
ATOM   240  C  CG    . LEU A 1 54  ? 1.662   3.104   0.074   1.00 8.92  ? 34  LEU A CG    1 
ATOM   241  C  CD1   . LEU A 1 54  ? 1.452   3.727   -1.298  1.00 10.25 ? 34  LEU A CD1   1 
ATOM   242  C  CD2   . LEU A 1 54  ? 0.725   3.738   1.094   1.00 10.77 ? 34  LEU A CD2   1 
ATOM   243  N  N     . PRO A 1 55  ? 0.188   -1.260  1.597   1.00 10.35 ? 35  PRO A N     1 
ATOM   244  C  CA    . PRO A 1 55  ? 0.028   -2.702  1.508   1.00 10.37 ? 35  PRO A CA    1 
ATOM   245  C  C     . PRO A 1 55  ? -0.228  -3.176  0.085   1.00 10.13 ? 35  PRO A C     1 
ATOM   246  O  O     . PRO A 1 55  ? -0.766  -2.440  -0.748  1.00 10.35 ? 35  PRO A O     1 
ATOM   247  C  CB    . PRO A 1 55  ? -1.181  -2.980  2.406   1.00 12.30 ? 35  PRO A CB    1 
ATOM   248  C  CG    . PRO A 1 55  ? -1.943  -1.702  2.421   1.00 12.87 ? 35  PRO A CG    1 
ATOM   249  C  CD    . PRO A 1 55  ? -0.917  -0.617  2.329   1.00 12.50 ? 35  PRO A CD    1 
ATOM   250  N  N     . GLY A 1 56  ? 0.135   -4.424  -0.183  1.00 11.55 ? 36  GLY A N     1 
ATOM   251  C  CA    . GLY A 1 56  ? -0.022  -4.996  -1.506  1.00 10.33 ? 36  GLY A CA    1 
ATOM   252  C  C     . GLY A 1 56  ? 0.739   -6.300  -1.612  1.00 13.17 ? 36  GLY A C     1 
ATOM   253  O  O     . GLY A 1 56  ? 1.006   -6.959  -0.601  1.00 16.52 ? 36  GLY A O     1 
ATOM   254  N  N     . GLY A 1 57  ? 1.210   -6.606  -2.813  1.00 12.74 ? 37  GLY A N     1 
ATOM   255  C  CA    . GLY A 1 57  ? 1.913   -7.871  -3.044  1.00 15.67 ? 37  GLY A CA    1 
ATOM   256  C  C     . GLY A 1 57  ? 2.192   -8.134  -4.505  1.00 15.29 ? 37  GLY A C     1 
ATOM   257  O  O     . GLY A 1 57  ? 1.735   -7.396  -5.373  1.00 14.66 ? 37  GLY A O     1 
ATOM   258  N  N     . LYS A 1 58  ? 2.744   -9.313  -4.778  1.00 17.32 ? 38  LYS A N     1 
ATOM   259  C  CA    . LYS A 1 58  ? 3.123   -9.697  -6.135  1.00 19.29 ? 38  LYS A CA    1 
ATOM   260  C  C     . LYS A 1 58  ? 1.893   -9.980  -7.001  1.00 19.25 ? 38  LYS A C     1 
ATOM   261  O  O     . LYS A 1 58  ? 0.962   -10.675 -6.577  1.00 20.02 ? 38  LYS A O     1 
ATOM   262  C  CB    . LYS A 1 58  ? 4.020   -10.940 -6.099  1.00 23.54 ? 38  LYS A CB    1 
ATOM   263  C  CG    . LYS A 1 58  ? 5.354   -10.727 -5.403  1.00 27.50 ? 38  LYS A CG    1 
ATOM   264  C  CD    . LYS A 1 58  ? 6.225   -11.974 -5.471  1.00 32.65 ? 38  LYS A CD    1 
ATOM   265  N  N     . VAL A 1 59  ? 1.971   -9.556  -8.257  1.00 19.23 ? 39  VAL A N     1 
ATOM   266  C  CA    . VAL A 1 59  ? 1.033   -9.980  -9.291  1.00 21.68 ? 39  VAL A CA    1 
ATOM   267  C  C     . VAL A 1 59  ? 1.330   -11.419 -9.703  1.00 24.53 ? 39  VAL A C     1 
ATOM   268  O  O     . VAL A 1 59  ? 2.490   -11.814 -9.815  1.00 25.36 ? 39  VAL A O     1 
ATOM   269  C  CB    . VAL A 1 59  ? 1.129   -9.067  -10.526 1.00 22.62 ? 39  VAL A CB    1 
ATOM   270  C  CG1   . VAL A 1 59  ? 0.151   -9.503  -11.606 1.00 25.32 ? 39  VAL A CG1   1 
ATOM   271  C  CG2   . VAL A 1 59  ? 0.881   -7.621  -10.130 1.00 16.61 ? 39  VAL A CG2   1 
ATOM   272  N  N     . THR A 1 60  ? 0.276   -12.216 -9.823  1.00 27.35 ? 40  THR A N     1 
ATOM   273  C  CA    . THR A 1 60  ? 0.369   -13.558 -10.390 1.00 28.54 ? 40  THR A CA    1 
ATOM   274  C  C     . THR A 1 60  ? 0.291   -13.483 -11.912 1.00 23.88 ? 40  THR A C     1 
ATOM   275  O  O     . THR A 1 60  ? -0.568  -12.797 -12.448 1.00 22.94 ? 40  THR A O     1 
ATOM   276  C  CB    . THR A 1 60  ? -0.800  -14.426 -9.899  1.00 29.07 ? 40  THR A CB    1 
ATOM   277  O  OG1   . THR A 1 60  ? -0.955  -14.272 -8.483  1.00 40.28 ? 40  THR A OG1   1 
ATOM   278  C  CG2   . THR A 1 60  ? -0.559  -15.892 -10.232 1.00 43.56 ? 40  THR A CG2   1 
ATOM   279  N  N     . PRO A 1 61  ? 1.063   -14.331 -12.611 1.00 37.12 ? 41  PRO A N     1 
ATOM   280  C  CA    . PRO A 1 61  ? 0.883   -14.391 -14.058 1.00 38.35 ? 41  PRO A CA    1 
ATOM   281  C  C     . PRO A 1 61  ? -0.562  -14.690 -14.465 1.00 29.25 ? 41  PRO A C     1 
ATOM   282  O  O     . PRO A 1 61  ? -1.241  -15.481 -13.804 1.00 27.78 ? 41  PRO A O     1 
ATOM   283  C  CB    . PRO A 1 61  ? 1.817   -15.526 -14.474 1.00 44.45 ? 41  PRO A CB    1 
ATOM   284  C  CG    . PRO A 1 61  ? 2.919   -15.481 -13.468 1.00 46.79 ? 41  PRO A CG    1 
ATOM   285  C  CD    . PRO A 1 61  ? 2.321   -14.971 -12.182 1.00 42.14 ? 41  PRO A CD    1 
ATOM   286  N  N     . GLY A 1 62  ? -1.086  -13.896 -15.395 1.00 27.69 ? 42  GLY A N     1 
ATOM   287  C  CA    . GLY A 1 62  ? -2.492  -13.984 -15.781 1.00 25.24 ? 42  GLY A CA    1 
ATOM   288  C  C     . GLY A 1 62  ? -3.346  -12.884 -15.183 1.00 26.72 ? 42  GLY A C     1 
ATOM   289  O  O     . GLY A 1 62  ? -4.484  -12.674 -15.605 1.00 26.62 ? 42  GLY A O     1 
ATOM   290  N  N     . GLU A 1 63  ? -2.859  -12.297 -14.095 1.00 19.85 ? 43  GLU A N     1 
ATOM   291  C  CA    . GLU A 1 63  ? -3.607  -11.300 -13.344 1.00 17.19 ? 43  GLU A CA    1 
ATOM   292  C  C     . GLU A 1 63  ? -3.351  -9.903  -13.894 1.00 13.77 ? 43  GLU A C     1 
ATOM   293  O  O     . GLU A 1 63  ? -2.203  -9.529  -14.106 1.00 17.13 ? 43  GLU A O     1 
ATOM   294  C  CB    . GLU A 1 63  ? -3.169  -11.324 -11.879 1.00 21.83 ? 43  GLU A CB    1 
ATOM   295  C  CG    . GLU A 1 63  ? -4.162  -11.973 -10.939 1.00 23.27 ? 43  GLU A CG    1 
ATOM   296  C  CD    . GLU A 1 63  ? -3.748  -11.850 -9.488  1.00 18.67 ? 43  GLU A CD    1 
ATOM   297  O  OE1   . GLU A 1 63  ? -2.548  -11.615 -9.223  1.00 17.45 ? 43  GLU A OE1   1 
ATOM   298  O  OE2   . GLU A 1 63  ? -4.630  -11.981 -8.620  1.00 25.95 ? 43  GLU A OE2   1 
ATOM   299  N  N     . SER A 1 64  ? -4.392  -9.077  -13.904 1.00 13.30 ? 44  SER A N     1 
ATOM   300  C  CA    . SER A 1 64  ? -4.208  -7.635  -14.031 1.00 11.95 ? 44  SER A CA    1 
ATOM   301  C  C     . SER A 1 64  ? -3.662  -7.045  -12.732 1.00 12.40 ? 44  SER A C     1 
ATOM   302  O  O     . SER A 1 64  ? -3.817  -7.625  -11.646 1.00 13.20 ? 44  SER A O     1 
ATOM   303  C  CB    . SER A 1 64  ? -5.526  -6.959  -14.400 1.00 12.53 ? 44  SER A CB    1 
ATOM   304  O  OG    . SER A 1 64  ? -6.429  -6.962  -13.300 1.00 13.01 ? 44  SER A OG    1 
ATOM   305  N  N     . ASP A 1 65  ? -3.103  -5.847  -12.830 1.00 10.77 ? 45  ASP A N     1 
ATOM   306  C  CA    . ASP A 1 65  ? -2.673  -5.124  -11.639 1.00 10.48 ? 45  ASP A CA    1 
ATOM   307  C  C     . ASP A 1 65  ? -3.868  -4.948  -10.698 1.00 9.19  ? 45  ASP A C     1 
ATOM   308  O  O     . ASP A 1 65  ? -3.752  -5.147  -9.493  1.00 12.22 ? 45  ASP A O     1 
ATOM   309  C  CB    . ASP A 1 65  ? -2.110  -3.753  -12.015 1.00 10.17 ? 45  ASP A CB    1 
ATOM   310  C  CG    . ASP A 1 65  ? -0.694  -3.817  -12.568 1.00 11.12 ? 45  ASP A CG    1 
ATOM   311  O  OD1   . ASP A 1 65  ? -0.208  -4.935  -12.848 1.00 13.12 ? 45  ASP A OD1   1 
ATOM   312  O  OD2   . ASP A 1 65  ? -0.060  -2.743  -12.666 1.00 11.42 ? 45  ASP A OD2   1 
ATOM   313  N  N     . ALA A 1 66  ? -5.020  -4.595  -11.259 1.00 11.06 ? 46  ALA A N     1 
ATOM   314  C  CA    . ALA A 1 66  ? -6.219  -4.327  -10.454 1.00 11.69 ? 46  ALA A CA    1 
ATOM   315  C  C     . ALA A 1 66  ? -6.663  -5.584  -9.708  1.00 14.41 ? 46  ALA A C     1 
ATOM   316  O  O     . ALA A 1 66  ? -7.034  -5.524  -8.531  1.00 13.46 ? 46  ALA A O     1 
ATOM   317  C  CB    . ALA A 1 66  ? -7.343  -3.808  -11.329 1.00 13.76 ? 46  ALA A CB    1 
ATOM   318  N  N     . ASP A 1 67  ? -6.633  -6.717  -10.396 1.00 12.18 ? 47  ASP A N     1 
ATOM   319  C  CA    . ASP A 1 67  ? -7.077  -7.972  -9.793  1.00 13.49 ? 47  ASP A CA    1 
ATOM   320  C  C     . ASP A 1 67  ? -6.147  -8.346  -8.650  1.00 12.91 ? 47  ASP A C     1 
ATOM   321  O  O     . ASP A 1 67  ? -6.594  -8.665  -7.541  1.00 13.90 ? 47  ASP A O     1 
ATOM   322  C  CB    . ASP A 1 67  ? -7.112  -9.086  -10.844 1.00 17.20 ? 47  ASP A CB    1 
ATOM   323  C  CG    . ASP A 1 67  ? -8.326  -8.994  -11.754 1.00 21.44 ? 47  ASP A CG    1 
ATOM   324  O  OD1   . ASP A 1 67  ? -9.293  -8.288  -11.397 1.00 27.16 ? 47  ASP A OD1   1 
ATOM   325  O  OD2   . ASP A 1 67  ? -8.325  -9.667  -12.804 1.00 37.63 ? 47  ASP A OD2   1 
ATOM   326  N  N     . ALA A 1 68  ? -4.849  -8.218  -8.891  1.00 11.72 ? 48  ALA A N     1 
ATOM   327  C  CA    . ALA A 1 68  ? -3.854  -8.568  -7.887  1.00 13.55 ? 48  ALA A CA    1 
ATOM   328  C  C     . ALA A 1 68  ? -3.984  -7.685  -6.648  1.00 12.38 ? 48  ALA A C     1 
ATOM   329  O  O     . ALA A 1 68  ? -3.930  -8.169  -5.510  1.00 12.36 ? 48  ALA A O     1 
ATOM   330  C  CB    . ALA A 1 68  ? -2.460  -8.462  -8.479  1.00 12.35 ? 48  ALA A CB    1 
ATOM   331  N  N     . LEU A 1 69  ? -4.100  -6.379  -6.850  1.00 11.39 ? 49  LEU A N     1 
ATOM   332  C  CA    . LEU A 1 69  ? -4.115  -5.465  -5.722  1.00 10.98 ? 49  LEU A CA    1 
ATOM   333  C  C     . LEU A 1 69  ? -5.382  -5.647  -4.895  1.00 11.18 ? 49  LEU A C     1 
ATOM   334  O  O     . LEU A 1 69  ? -5.310  -5.746  -3.680  1.00 10.21 ? 49  LEU A O     1 
ATOM   335  C  CB    . LEU A 1 69  ? -3.987  -4.010  -6.182  1.00 11.15 ? 49  LEU A CB    1 
ATOM   336  C  CG    . LEU A 1 69  ? -3.907  -2.972  -5.056  1.00 12.36 ? 49  LEU A CG    1 
ATOM   337  C  CD1   . LEU A 1 69  ? -2.854  -3.366  -4.035  1.00 11.88 ? 49  LEU A CD1   1 
ATOM   338  C  CD2   . LEU A 1 69  ? -3.614  -1.591  -5.614  1.00 12.12 ? 49  LEU A CD2   1 
ATOM   339  N  N     . ALA A 1 70  ? -6.517  -5.832  -5.561  1.00 10.51 ? 50  ALA A N     1 
ATOM   340  C  CA    . ALA A 1 70  ? -7.773  -6.059  -4.852  1.00 11.21 ? 50  ALA A CA    1 
ATOM   341  C  C     . ALA A 1 70  ? -7.728  -7.383  -4.088  1.00 12.22 ? 50  ALA A C     1 
ATOM   342  O  O     . ALA A 1 70  ? -8.141  -7.445  -2.931  1.00 11.67 ? 50  ALA A O     1 
ATOM   343  C  CB    . ALA A 1 70  ? -8.950  -6.029  -5.817  1.00 14.70 ? 50  ALA A CB    1 
ATOM   344  N  N     . ARG A 1 71  ? -7.035  -8.364  -4.659  1.00 11.17 ? 51  ARG A N     1 
ATOM   345  C  CA    . ARG A 1 71  ? -6.842  -9.659  -4.001  1.00 12.87 ? 51  ARG A CA    1 
ATOM   346  C  C     . ARG A 1 71  ? -6.023  -9.488  -2.726  1.00 12.86 ? 51  ARG A C     1 
ATOM   347  O  O     . ARG A 1 71  ? -6.409  -9.960  -1.647  1.00 12.92 ? 51  ARG A O     1 
ATOM   348  C  CB    . ARG A 1 71  ? -6.135  -10.630 -4.955  1.00 13.82 ? 51  ARG A CB    1 
ATOM   349  C  CG    . ARG A 1 71  ? -5.752  -11.951 -4.302  1.00 18.02 ? 51  ARG A CG    1 
ATOM   350  C  CD    . ARG A 1 71  ? -5.173  -12.938 -5.297  1.00 18.18 ? 51  ARG A CD    1 
ATOM   351  N  NE    . ARG A 1 71  ? -4.079  -12.375 -6.086  1.00 18.77 ? 51  ARG A NE    1 
ATOM   352  C  CZ    . ARG A 1 71  ? -2.909  -11.988 -5.590  1.00 17.85 ? 51  ARG A CZ    1 
ATOM   353  N  NH1   . ARG A 1 71  ? -2.604  -12.238 -4.322  1.00 20.13 ? 51  ARG A NH1   1 
ATOM   354  N  NH2   . ARG A 1 71  ? -1.969  -11.529 -6.410  1.00 19.28 ? 51  ARG A NH2   1 
ATOM   355  N  N     . GLU A 1 72  ? -4.891  -8.803  -2.845  1.00 12.12 ? 52  GLU A N     1 
ATOM   356  C  CA    . GLU A 1 72  ? -3.987  -8.634  -1.716  1.00 15.17 ? 52  GLU A CA    1 
ATOM   357  C  C     . GLU A 1 72  ? -4.643  -7.864  -0.575  1.00 15.11 ? 52  GLU A C     1 
ATOM   358  O  O     . GLU A 1 72  ? -4.456  -8.196  0.596   1.00 13.91 ? 52  GLU A O     1 
ATOM   359  C  CB    . GLU A 1 72  ? -2.702  -7.936  -2.162  1.00 17.01 ? 52  GLU A CB    1 
ATOM   360  C  CG    . GLU A 1 72  ? -1.745  -8.836  -2.932  1.00 21.62 ? 52  GLU A CG    1 
ATOM   361  C  CD    . GLU A 1 72  ? -1.081  -9.870  -2.043  1.00 30.29 ? 52  GLU A CD    1 
ATOM   362  O  OE1   . GLU A 1 72  ? -1.494  -9.999  -0.873  1.00 33.11 ? 52  GLU A OE1   1 
ATOM   363  O  OE2   . GLU A 1 72  ? -0.190  -10.598 -2.531  1.00 33.54 ? 52  GLU A OE2   1 
ATOM   364  N  N     . LEU A 1 73  ? -5.407  -6.826  -0.901  1.00 12.00 ? 53  LEU A N     1 
ATOM   365  C  CA    . LEU A 1 73  ? -6.006  -5.993  0.137   1.00 11.32 ? 53  LEU A CA    1 
ATOM   366  C  C     . LEU A 1 73  ? -7.221  -6.654  0.786   1.00 11.76 ? 53  LEU A C     1 
ATOM   367  O  O     . LEU A 1 73  ? -7.454  -6.489  1.984   1.00 12.59 ? 53  LEU A O     1 
ATOM   368  C  CB    . LEU A 1 73  ? -6.389  -4.626  -0.426  1.00 11.62 ? 53  LEU A CB    1 
ATOM   369  C  CG    . LEU A 1 73  ? -5.196  -3.836  -0.960  1.00 13.41 ? 53  LEU A CG    1 
ATOM   370  C  CD1   . LEU A 1 73  ? -5.560  -2.392  -1.263  1.00 14.50 ? 53  LEU A CD1   1 
ATOM   371  C  CD2   . LEU A 1 73  ? -4.029  -3.906  0.004   1.00 15.22 ? 53  LEU A CD2   1 
ATOM   372  N  N     . ARG A 1 74  ? -7.895  -7.528  0.050   1.00 12.35 ? 54  ARG A N     1 
ATOM   373  C  CA    . ARG A 1 74  ? -8.939  -8.347  0.658   1.00 13.31 ? 54  ARG A CA    1 
ATOM   374  C  C     . ARG A 1 74  ? -8.308  -9.323  1.650   1.00 12.41 ? 54  ARG A C     1 
ATOM   375  O  O     . ARG A 1 74  ? -8.748  -9.418  2.798   1.00 14.77 ? 54  ARG A O     1 
ATOM   376  C  CB    . ARG A 1 74  ? -9.735  -9.108  -0.401  1.00 13.14 ? 54  ARG A CB    1 
ATOM   377  C  CG    . ARG A 1 74  ? -10.856 -9.967  0.179   1.00 15.25 ? 54  ARG A CG    1 
ATOM   378  C  CD    . ARG A 1 74  ? -11.696 -10.610 -0.918  1.00 18.48 ? 54  ARG A CD    1 
ATOM   379  N  NE    . ARG A 1 74  ? -12.443 -9.624  -1.694  1.00 19.95 ? 54  ARG A NE    1 
ATOM   380  C  CZ    . ARG A 1 74  ? -13.742 -9.374  -1.543  1.00 22.67 ? 54  ARG A CZ    1 
ATOM   381  N  NH1   . ARG A 1 74  ? -14.441 -9.977  -0.589  1.00 19.41 ? 54  ARG A NH1   1 
ATOM   382  N  NH2   . ARG A 1 74  ? -14.327 -8.452  -2.294  1.00 24.22 ? 54  ARG A NH2   1 
ATOM   383  N  N     . GLU A 1 75  ? -7.255  -10.011 1.213   1.00 12.99 ? 55  GLU A N     1 
ATOM   384  C  CA    . GLU A 1 75  ? -6.531  -10.951 2.072   1.00 16.74 ? 55  GLU A CA    1 
ATOM   385  C  C     . GLU A 1 75  ? -5.921  -10.266 3.294   1.00 16.17 ? 55  GLU A C     1 
ATOM   386  O  O     . GLU A 1 75  ? -6.109  -10.717 4.431   1.00 20.81 ? 55  GLU A O     1 
ATOM   387  C  CB    . GLU A 1 75  ? -5.436  -11.666 1.272   1.00 18.53 ? 55  GLU A CB    1 
ATOM   388  C  CG    . GLU A 1 75  ? -4.580  -12.606 2.108   1.00 26.07 ? 55  GLU A CG    1 
ATOM   389  C  CD    . GLU A 1 75  ? -5.326  -13.854 2.538   1.00 33.45 ? 55  GLU A CD    1 
ATOM   390  O  OE1   . GLU A 1 75  ? -4.810  -14.581 3.413   1.00 47.17 ? 55  GLU A OE1   1 
ATOM   391  O  OE2   . GLU A 1 75  ? -6.438  -14.096 2.021   1.00 44.60 ? 55  GLU A OE2   1 
ATOM   392  N  N     . GLU A 1 76  ? -5.175  -9.187  3.074   1.00 14.78 ? 56  GLU A N     1 
ATOM   393  C  CA    . GLU A 1 76  ? -4.369  -8.604  4.144   1.00 14.92 ? 56  GLU A CA    1 
ATOM   394  C  C     . GLU A 1 76  ? -5.216  -7.732  5.083   1.00 15.28 ? 56  GLU A C     1 
ATOM   395  O  O     . GLU A 1 76  ? -4.930  -7.649  6.278   1.00 14.82 ? 56  GLU A O     1 
ATOM   396  C  CB    . GLU A 1 76  ? -3.204  -7.779  3.569   1.00 16.78 ? 56  GLU A CB    1 
ATOM   397  C  CG    . GLU A 1 76  ? -2.157  -8.617  2.844   1.00 18.72 ? 56  GLU A CG    1 
ATOM   398  C  CD    . GLU A 1 76  ? -0.892  -7.850  2.489   1.00 17.07 ? 56  GLU A CD    1 
ATOM   399  O  OE1   . GLU A 1 76  ? -0.874  -6.609  2.630   1.00 17.71 ? 56  GLU A OE1   1 
ATOM   400  O  OE2   . GLU A 1 76  ? 0.089   -8.489  2.039   1.00 18.45 ? 56  GLU A OE2   1 
ATOM   401  N  N     . LEU A 1 77  ? -6.203  -7.027  4.535   1.00 13.51 ? 57  LEU A N     1 
ATOM   402  C  CA    . LEU A 1 77  ? -6.916  -5.987  5.290   1.00 11.40 ? 57  LEU A CA    1 
ATOM   403  C  C     . LEU A 1 77  ? -8.370  -6.329  5.565   1.00 11.78 ? 57  LEU A C     1 
ATOM   404  O  O     . LEU A 1 77  ? -9.006  -5.668  6.376   1.00 12.16 ? 57  LEU A O     1 
ATOM   405  C  CB    . LEU A 1 77  ? -6.858  -4.633  4.572   1.00 11.49 ? 57  LEU A CB    1 
ATOM   406  C  CG    . LEU A 1 77  ? -5.502  -4.020  4.213   1.00 13.63 ? 57  LEU A CG    1 
ATOM   407  C  CD1   . LEU A 1 77  ? -5.719  -2.703  3.480   1.00 15.00 ? 57  LEU A CD1   1 
ATOM   408  C  CD2   . LEU A 1 77  ? -4.642  -3.796  5.449   1.00 14.68 ? 57  LEU A CD2   1 
ATOM   409  N  N     . GLY A 1 78  ? -8.928  -7.260  4.799   1.00 12.98 ? 58  GLY A N     1 
ATOM   410  C  CA    . GLY A 1 78  ? -10.333 -7.612  4.937   1.00 11.70 ? 58  GLY A CA    1 
ATOM   411  C  C     . GLY A 1 78  ? -11.266 -6.591  4.313   1.00 11.97 ? 58  GLY A C     1 
ATOM   412  O  O     . GLY A 1 78  ? -12.409 -6.426  4.753   1.00 13.39 ? 58  GLY A O     1 
ATOM   413  N  N     . VAL A 1 79  ? -10.793 -5.909  3.274   1.00 12.63 ? 59  VAL A N     1 
ATOM   414  C  CA    . VAL A 1 79  ? -11.604 -4.910  2.586   1.00 13.53 ? 59  VAL A CA    1 
ATOM   415  C  C     . VAL A 1 79  ? -11.732 -5.196  1.092   1.00 12.46 ? 59  VAL A C     1 
ATOM   416  O  O     . VAL A 1 79  ? -10.833 -5.769  0.461   1.00 14.22 ? 59  VAL A O     1 
ATOM   417  C  CB    . VAL A 1 79  ? -11.044 -3.490  2.774   1.00 13.12 ? 59  VAL A CB    1 
ATOM   418  C  CG1   . VAL A 1 79  ? -11.107 -3.082  4.237   1.00 17.81 ? 59  VAL A CG1   1 
ATOM   419  C  CG2   . VAL A 1 79  ? -9.618  -3.400  2.253   1.00 13.33 ? 59  VAL A CG2   1 
ATOM   420  N  N     . ASP A 1 80  ? -12.851 -4.753  0.537   1.00 11.39 ? 60  ASP A N     1 
ATOM   421  C  CA    . ASP A 1 80  ? -13.071 -4.718  -0.899  1.00 12.43 ? 60  ASP A CA    1 
ATOM   422  C  C     . ASP A 1 80  ? -12.808 -3.301  -1.390  1.00 12.33 ? 60  ASP A C     1 
ATOM   423  O  O     . ASP A 1 80  ? -13.366 -2.346  -0.853  1.00 13.03 ? 60  ASP A O     1 
ATOM   424  C  CB    . ASP A 1 80  ? -14.516 -5.127  -1.191  1.00 14.40 ? 60  ASP A CB    1 
ATOM   425  C  CG    . ASP A 1 80  ? -14.883 -5.025  -2.658  1.00 19.36 ? 60  ASP A CG    1 
ATOM   426  O  OD1   . ASP A 1 80  ? -13.986 -5.155  -3.518  1.00 19.20 ? 60  ASP A OD1   1 
ATOM   427  O  OD2   . ASP A 1 80  ? -16.095 -5.120  -2.941  1.00 20.85 ? 60  ASP A OD2   1 
ATOM   428  N  N     . VAL A 1 81  ? -11.830 -3.161  -2.281  1.00 12.61 ? 61  VAL A N     1 
ATOM   429  C  CA    . VAL A 1 81  ? -11.488 -1.854  -2.834  1.00 13.35 ? 61  VAL A CA    1 
ATOM   430  C  C     . VAL A 1 81  ? -11.716 -1.771  -4.335  1.00 12.96 ? 61  VAL A C     1 
ATOM   431  O  O     . VAL A 1 81  ? -11.611 -2.763  -5.064  1.00 14.33 ? 61  VAL A O     1 
ATOM   432  C  CB    . VAL A 1 81  ? -10.031 -1.450  -2.540  1.00 14.06 ? 61  VAL A CB    1 
ATOM   433  C  CG1   . VAL A 1 81  ? -9.777  -1.413  -1.036  1.00 14.46 ? 61  VAL A CG1   1 
ATOM   434  C  CG2   . VAL A 1 81  ? -9.057  -2.386  -3.243  1.00 15.81 ? 61  VAL A CG2   1 
ATOM   435  N  N     . ALA A 1 82  ? -11.851 -0.538  -4.807  1.00 11.07 ? 62  ALA A N     1 
ATOM   436  C  CA    . ALA A 1 82  ? -11.737 -0.235  -6.220  1.00 12.62 ? 62  ALA A CA    1 
ATOM   437  C  C     . ALA A 1 82  ? -10.354 0.331   -6.498  1.00 12.07 ? 62  ALA A C     1 
ATOM   438  O  O     . ALA A 1 82  ? -9.896  1.235   -5.795  1.00 10.96 ? 62  ALA A O     1 
ATOM   439  C  CB    . ALA A 1 82  ? -12.803 0.772   -6.617  1.00 15.53 ? 62  ALA A CB    1 
ATOM   440  N  N     . VAL A 1 83  ? -9.726  -0.157  -7.563  1.00 11.17 ? 63  VAL A N     1 
ATOM   441  C  CA    . VAL A 1 83  ? -8.382  0.264   -7.936  1.00 10.46 ? 63  VAL A CA    1 
ATOM   442  C  C     . VAL A 1 83  ? -8.430  1.340   -9.012  1.00 11.48 ? 63  VAL A C     1 
ATOM   443  O  O     . VAL A 1 83  ? -9.005  1.149   -10.095 1.00 13.36 ? 63  VAL A O     1 
ATOM   444  C  CB    . VAL A 1 83  ? -7.529  -0.914  -8.436  1.00 11.04 ? 63  VAL A CB    1 
ATOM   445  C  CG1   . VAL A 1 83  ? -6.114  -0.445  -8.747  1.00 10.23 ? 63  VAL A CG1   1 
ATOM   446  C  CG2   . VAL A 1 83  ? -7.499  -2.026  -7.398  1.00 10.63 ? 63  VAL A CG2   1 
ATOM   447  N  N     . GLY A 1 84  ? -7.816  2.477   -8.712  1.00 9.78  ? 64  GLY A N     1 
ATOM   448  C  CA    . GLY A 1 84  ? -7.931  3.665   -9.553  1.00 11.19 ? 64  GLY A CA    1 
ATOM   449  C  C     . GLY A 1 84  ? -6.608  4.007   -10.217 1.00 12.55 ? 64  GLY A C     1 
ATOM   450  O  O     . GLY A 1 84  ? -5.873  3.121   -10.649 1.00 12.75 ? 64  GLY A O     1 
ATOM   451  N  N     . GLU A 1 85  ? -6.332  5.301   -10.329 1.00 10.53 ? 65  GLU A N     1 
ATOM   452  C  CA    . GLU A 1 85  ? -5.151  5.785   -11.027 1.00 11.97 ? 65  GLU A CA    1 
ATOM   453  C  C     . GLU A 1 85  ? -3.866  5.422   -10.292 1.00 10.95 ? 65  GLU A C     1 
ATOM   454  O  O     . GLU A 1 85  ? -3.865  5.251   -9.077  1.00 11.50 ? 65  GLU A O     1 
ATOM   455  C  CB    . GLU A 1 85  ? -5.237  7.297   -11.200 1.00 15.04 ? 65  GLU A CB    1 
ATOM   456  C  CG    . GLU A 1 85  ? -6.373  7.737   -12.109 1.00 14.07 ? 65  GLU A CG    1 
ATOM   457  C  CD    . GLU A 1 85  ? -6.178  7.269   -13.532 1.00 20.91 ? 65  GLU A CD    1 
ATOM   458  O  OE1   . GLU A 1 85  ? -5.262  7.788   -14.219 1.00 21.92 ? 65  GLU A OE1   1 
ATOM   459  O  OE2   . GLU A 1 85  ? -6.859  6.305   -13.920 1.00 19.93 ? 65  GLU A OE2   1 
ATOM   460  N  N     . ARG A 1 86  ? -2.757  5.424   -11.022 1.00 11.69 ? 66  ARG A N     1 
ATOM   461  C  CA    . ARG A 1 86  ? -1.442  5.302   -10.412 1.00 13.19 ? 66  ARG A CA    1 
ATOM   462  C  C     . ARG A 1 86  ? -1.198  6.408   -9.397  1.00 13.84 ? 66  ARG A C     1 
ATOM   463  O  O     . ARG A 1 86  ? -1.597  7.556   -9.600  1.00 13.83 ? 66  ARG A O     1 
ATOM   464  C  CB    . ARG A 1 86  ? -0.352  5.336   -11.480 1.00 15.43 ? 66  ARG A CB    1 
ATOM   465  C  CG    . ARG A 1 86  ? -0.315  4.093   -12.334 1.00 17.66 ? 66  ARG A CG    1 
ATOM   466  C  CD    . ARG A 1 86  ? 0.108   2.894   -11.515 1.00 19.84 ? 66  ARG A CD    1 
ATOM   467  N  NE    . ARG A 1 86  ? 1.444   3.077   -10.959 1.00 21.54 ? 66  ARG A NE    1 
ATOM   468  C  CZ    . ARG A 1 86  ? 2.557   3.088   -11.685 1.00 31.99 ? 66  ARG A CZ    1 
ATOM   469  N  NH1   . ARG A 1 86  ? 2.503   2.853   -12.991 1.00 28.79 ? 66  ARG A NH1   1 
ATOM   470  N  NH2   . ARG A 1 86  ? 3.732   3.258   -11.093 1.00 26.14 ? 66  ARG A NH2   1 
ATOM   471  N  N     . LEU A 1 87  ? -0.434  6.064   -8.368  1.00 12.76 ? 67  LEU A N     1 
ATOM   472  C  CA    . LEU A 1 87  ? 0.082   7.019   -7.409  1.00 14.18 ? 67  LEU A CA    1 
ATOM   473  C  C     . LEU A 1 87  ? 1.601   7.005   -7.498  1.00 14.97 ? 67  LEU A C     1 
ATOM   474  O  O     . LEU A 1 87  ? 2.235   5.981   -7.231  1.00 15.64 ? 67  LEU A O     1 
ATOM   475  C  CB    . LEU A 1 87  ? -0.361  6.626   -5.997  1.00 17.12 ? 67  LEU A CB    1 
ATOM   476  C  CG    . LEU A 1 87  ? 0.042   7.502   -4.804  1.00 22.87 ? 67  LEU A CG    1 
ATOM   477  C  CD1   . LEU A 1 87  ? 1.513   7.333   -4.456  1.00 21.63 ? 67  LEU A CD1   1 
ATOM   478  C  CD2   . LEU A 1 87  ? -0.301  8.962   -5.052  1.00 22.48 ? 67  LEU A CD2   1 
ATOM   479  N  N     . GLY A 1 88  ? 2.159   8.088   -8.020  1.00 17.39 ? 68  GLY A N     1 
ATOM   480  C  CA    . GLY A 1 88  ? 3.602   8.192   -8.210  1.00 19.87 ? 68  GLY A CA    1 
ATOM   481  C  C     . GLY A 1 88  ? 4.146   7.277   -9.298  1.00 20.31 ? 68  GLY A C     1 
ATOM   482  O  O     . GLY A 1 88  ? 3.405   6.772   -10.146 1.00 21.71 ? 68  GLY A O     1 
ATOM   483  N  N     . ALA A 1 89  ? 5.444   7.005   -9.218  1.00 18.57 ? 69  ALA A N     1 
ATOM   484  C  CA    . ALA A 1 89  ? 6.153   6.305   -10.282 1.00 22.54 ? 69  ALA A CA    1 
ATOM   485  C  C     . ALA A 1 89  ? 6.527   4.900   -9.839  1.00 18.41 ? 69  ALA A C     1 
ATOM   486  O  O     . ALA A 1 89  ? 6.470   4.572   -8.651  1.00 22.15 ? 69  ALA A O     1 
ATOM   487  C  CB    . ALA A 1 89  ? 7.403   7.078   -10.675 1.00 22.43 ? 69  ALA A CB    1 
ATOM   488  N  N     . ASP A 1 90  ? 6.972   4.093   -10.791 1.00 17.30 ? 70  ASP A N     1 
ATOM   489  C  CA    . ASP A 1 90  ? 7.468   2.762   -10.486 1.00 18.47 ? 70  ASP A CA    1 
ATOM   490  C  C     . ASP A 1 90  ? 8.713   2.872   -9.622  1.00 18.97 ? 70  ASP A C     1 
ATOM   491  O  O     . ASP A 1 90  ? 9.494   3.815   -9.760  1.00 21.22 ? 70  ASP A O     1 
ATOM   492  C  CB    . ASP A 1 90  ? 7.807   2.011   -11.771 1.00 15.47 ? 70  ASP A CB    1 
ATOM   493  C  CG    . ASP A 1 90  ? 6.576   1.600   -12.556 1.00 23.00 ? 70  ASP A CG    1 
ATOM   494  O  OD1   . ASP A 1 90  ? 5.453   1.706   -12.017 1.00 24.44 ? 70  ASP A OD1   1 
ATOM   495  O  OD2   . ASP A 1 90  ? 6.753   1.018   -13.643 1.00 26.64 ? 70  ASP A OD2   1 
ATOM   496  N  N     . VAL A 1 91  ? 8.877   1.923   -8.710  1.00 16.12 ? 71  VAL A N     1 
ATOM   497  C  CA    . VAL A 1 91  ? 10.082  1.842   -7.894  1.00 20.45 ? 71  VAL A CA    1 
ATOM   498  C  C     . VAL A 1 91  ? 10.803  0.534   -8.172  1.00 16.32 ? 71  VAL A C     1 
ATOM   499  O  O     . VAL A 1 91  ? 10.219  -0.547  -8.079  1.00 18.79 ? 71  VAL A O     1 
ATOM   500  C  CB    . VAL A 1 91  ? 9.732   1.930   -6.397  1.00 19.25 ? 71  VAL A CB    1 
ATOM   501  C  CG1   . VAL A 1 91  ? 10.949  1.613   -5.537  1.00 22.29 ? 71  VAL A CG1   1 
ATOM   502  C  CG2   . VAL A 1 91  ? 9.180   3.308   -6.074  1.00 21.60 ? 71  VAL A CG2   1 
ATOM   503  N  N     . ALA A 1 92  ? 12.108  0.620   -8.409  1.00 23.25 ? 72  ALA A N     1 
ATOM   504  C  CA    . ALA A 1 92  ? 12.916  -0.578  -8.601  1.00 26.65 ? 72  ALA A CA    1 
ATOM   505  C  C     . ALA A 1 92  ? 13.272  -1.177  -7.244  1.00 28.04 ? 72  ALA A C     1 
ATOM   506  O  O     . ALA A 1 92  ? 13.862  -0.509  -6.397  1.00 32.75 ? 72  ALA A O     1 
ATOM   507  C  CB    . ALA A 1 92  ? 14.180  -0.244  -9.385  1.00 32.33 ? 72  ALA A CB    1 
ATOM   508  N  N     . LEU A 1 93  ? 12.760  -2.372  -6.983  1.00 24.96 ? 73  LEU A N     1 
ATOM   509  C  CA    . LEU A 1 93  ? 13.142  -3.116  -5.789  1.00 28.96 ? 73  LEU A CA    1 
ATOM   510  C  C     . LEU A 1 93  ? 14.505  -3.756  -5.996  1.00 42.78 ? 73  LEU A C     1 
ATOM   511  O  O     . LEU A 1 93  ? 15.423  -3.552  -5.200  1.00 44.29 ? 73  LEU A O     1 
ATOM   512  C  CB    . LEU A 1 93  ? 12.111  -4.202  -5.486  1.00 27.72 ? 73  LEU A CB    1 
ATOM   513  C  CG    . LEU A 1 93  ? 10.815  -3.699  -4.857  1.00 27.60 ? 73  LEU A CG    1 
ATOM   514  C  CD1   . LEU A 1 93  ? 9.798   -4.825  -4.788  1.00 26.76 ? 73  LEU A CD1   1 
ATOM   515  C  CD2   . LEU A 1 93  ? 11.090  -3.125  -3.475  1.00 28.01 ? 73  LEU A CD2   1 
ATOM   516  N  N     . ASN A 1 94  ? 14.576  -4.648  -6.977  1.00 50.00 ? 74  ASN A N     1 
ATOM   517  C  CA    . ASN A 1 94  ? 15.850  -5.141  -7.482  1.00 57.41 ? 74  ASN A CA    1 
ATOM   518  C  C     . ASN A 1 94  ? 15.822  -5.243  -9.004  1.00 64.29 ? 74  ASN A C     1 
ATOM   519  O  O     . ASN A 1 94  ? 14.920  -4.708  -9.654  1.00 42.76 ? 74  ASN A O     1 
ATOM   520  C  CB    . ASN A 1 94  ? 16.167  -6.509  -6.869  1.00 61.67 ? 74  ASN A CB    1 
ATOM   521  C  CG    . ASN A 1 94  ? 14.918  -7.288  -6.498  1.00 69.46 ? 74  ASN A CG    1 
ATOM   522  O  OD1   . ASN A 1 94  ? 14.171  -6.894  -5.602  1.00 72.63 ? 74  ASN A OD1   1 
ATOM   523  N  ND2   . ASN A 1 94  ? 14.732  -8.441  -7.129  1.00 77.45 ? 74  ASN A ND2   1 
ATOM   524  N  N     . ASP A 1 95  ? 16.802  -5.945  -9.564  1.00 50.75 ? 75  ASP A N     1 
ATOM   525  C  CA    . ASP A 1 95  ? 16.812  -6.244  -10.992 1.00 52.98 ? 75  ASP A CA    1 
ATOM   526  C  C     . ASP A 1 95  ? 15.563  -7.022  -11.409 1.00 48.30 ? 75  ASP A C     1 
ATOM   527  O  O     . ASP A 1 95  ? 15.134  -6.943  -12.561 1.00 51.94 ? 75  ASP A O     1 
ATOM   528  C  CB    . ASP A 1 95  ? 18.070  -7.037  -11.358 1.00 59.18 ? 75  ASP A CB    1 
ATOM   529  N  N     . ALA A 1 96  ? 14.950  -7.721  -10.457 1.00 38.08 ? 76  ALA A N     1 
ATOM   530  C  CA    . ALA A 1 96  ? 13.934  -8.728  -10.768 1.00 39.04 ? 76  ALA A CA    1 
ATOM   531  C  C     . ALA A 1 96  ? 12.519  -8.165  -10.626 1.00 29.58 ? 76  ALA A C     1 
ATOM   532  O  O     . ALA A 1 96  ? 11.562  -8.735  -11.149 1.00 35.80 ? 76  ALA A O     1 
ATOM   533  C  CB    . ALA A 1 96  ? 14.105  -9.940  -9.866  1.00 42.92 ? 76  ALA A CB    1 
ATOM   534  N  N     . MET A 1 97  ? 12.382  -7.119  -9.818  1.00 24.89 ? 77  MET A N     1 
ATOM   535  C  CA    . MET A 1 97  ? 11.087  -6.752  -9.251  1.00 23.29 ? 77  MET A CA    1 
ATOM   536  C  C     . MET A 1 97  ? 10.869  -5.248  -9.351  1.00 19.79 ? 77  MET A C     1 
ATOM   537  O  O     . MET A 1 97  ? 11.772  -4.457  -9.081  1.00 23.28 ? 77  MET A O     1 
ATOM   538  C  CB    . MET A 1 97  ? 11.019  -7.179  -7.782  1.00 30.94 ? 77  MET A CB    1 
ATOM   539  C  CG    . MET A 1 97  ? 10.231  -8.453  -7.530  1.00 35.97 ? 77  MET A CG    1 
ATOM   540  S  SD    . MET A 1 97  ? 10.003  -8.761  -5.766  1.00 34.52 ? 77  MET A SD    1 
ATOM   541  C  CE    . MET A 1 97  ? 11.678  -8.548  -5.166  1.00 46.99 ? 77  MET A CE    1 
ATOM   542  N  N     . THR A 1 98  ? 9.649   -4.858  -9.712  1.00 18.22 ? 78  THR A N     1 
ATOM   543  C  CA    . THR A 1 98  ? 9.257   -3.459  -9.757  1.00 17.62 ? 78  THR A CA    1 
ATOM   544  C  C     . THR A 1 98  ? 8.018   -3.256  -8.885  1.00 15.35 ? 78  THR A C     1 
ATOM   545  O  O     . THR A 1 98  ? 7.119   -4.081  -8.893  1.00 17.60 ? 78  THR A O     1 
ATOM   546  C  CB    . THR A 1 98  ? 8.899   -3.029  -11.191 1.00 21.40 ? 78  THR A CB    1 
ATOM   547  O  OG1   . THR A 1 98  ? 10.024  -3.240  -12.054 1.00 23.40 ? 78  THR A OG1   1 
ATOM   548  C  CG2   . THR A 1 98  ? 8.501   -1.565  -11.232 1.00 19.04 ? 78  THR A CG2   1 
ATOM   549  N  N     . LEU A 1 99  ? 8.011   -2.162  -8.129  1.00 14.59 ? 79  LEU A N     1 
ATOM   550  C  CA    . LEU A 1 99  ? 6.908   -1.827  -7.230  1.00 16.52 ? 79  LEU A CA    1 
ATOM   551  C  C     . LEU A 1 99  ? 6.065   -0.693  -7.831  1.00 17.08 ? 79  LEU A C     1 
ATOM   552  O  O     . LEU A 1 99  ? 6.601   0.323   -8.259  1.00 17.10 ? 79  LEU A O     1 
ATOM   553  C  CB    . LEU A 1 99  ? 7.491   -1.402  -5.876  1.00 20.14 ? 79  LEU A CB    1 
ATOM   554  C  CG    . LEU A 1 99  ? 6.550   -1.088  -4.714  1.00 24.06 ? 79  LEU A CG    1 
ATOM   555  C  CD1   . LEU A 1 99  ? 5.711   -2.302  -4.351  1.00 19.65 ? 79  LEU A CD1   1 
ATOM   556  C  CD2   . LEU A 1 99  ? 7.370   -0.619  -3.518  1.00 24.34 ? 79  LEU A CD2   1 
ATOM   557  N  N     A ARG A 1 100 ? 4.749   -0.867  -7.821  0.50 13.60 ? 80  ARG A N     1 
ATOM   558  N  N     B ARG A 1 100 ? 4.746   -0.894  -7.911  0.50 15.23 ? 80  ARG A N     1 
ATOM   559  C  CA    A ARG A 1 100 ? 3.854   0.135   -8.370  0.50 15.17 ? 80  ARG A CA    1 
ATOM   560  C  CA    B ARG A 1 100 ? 3.830   0.123   -8.458  0.50 16.80 ? 80  ARG A CA    1 
ATOM   561  C  C     A ARG A 1 100 ? 2.722   0.383   -7.394  0.50 13.18 ? 80  ARG A C     1 
ATOM   562  C  C     B ARG A 1 100 ? 2.671   0.382   -7.493  0.50 13.74 ? 80  ARG A C     1 
ATOM   563  O  O     A ARG A 1 100 ? 2.298   -0.529  -6.688  0.50 14.68 ? 80  ARG A O     1 
ATOM   564  O  O     B ARG A 1 100 ? 1.862   -0.520  -7.267  0.50 13.47 ? 80  ARG A O     1 
ATOM   565  C  CB    A ARG A 1 100 ? 3.295   -0.323  -9.711  0.50 13.62 ? 80  ARG A CB    1 
ATOM   566  C  CB    B ARG A 1 100 ? 3.239   -0.334  -9.800  0.50 17.60 ? 80  ARG A CB    1 
ATOM   567  C  CG    A ARG A 1 100 ? 2.171   0.548   -10.239 0.50 14.49 ? 80  ARG A CG    1 
ATOM   568  C  CG    B ARG A 1 100 ? 4.235   -0.857  -10.826 0.50 21.61 ? 80  ARG A CG    1 
ATOM   569  C  CD    A ARG A 1 100 ? 1.891   0.236   -11.698 0.50 13.39 ? 80  ARG A CD    1 
ATOM   570  C  CD    B ARG A 1 100 ? 3.518   -1.385  -12.066 0.50 21.50 ? 80  ARG A CD    1 
ATOM   571  N  NE    A ARG A 1 100 ? 2.966   0.693   -12.571 0.50 15.14 ? 80  ARG A NE    1 
ATOM   572  N  NE    B ARG A 1 100 ? 3.647   -0.488  -13.212 0.50 18.00 ? 80  ARG A NE    1 
ATOM   573  C  CZ    A ARG A 1 100 ? 2.877   0.733   -13.896 0.50 18.58 ? 80  ARG A CZ    1 
ATOM   574  C  CZ    B ARG A 1 100 ? 2.774   -0.415  -14.214 0.50 16.62 ? 80  ARG A CZ    1 
ATOM   575  N  NH1   A ARG A 1 100 ? 1.800   0.253   -14.503 0.50 14.92 ? 80  ARG A NH1   1 
ATOM   576  N  NH1   B ARG A 1 100 ? 3.021   0.372   -15.254 0.50 17.55 ? 80  ARG A NH1   1 
ATOM   577  N  NH2   A ARG A 1 100 ? 3.872   1.234   -14.616 0.50 17.51 ? 80  ARG A NH2   1 
ATOM   578  N  NH2   B ARG A 1 100 ? 1.630   -1.080  -14.158 0.50 17.29 ? 80  ARG A NH2   1 
ATOM   579  N  N     . ALA A 1 101 ? 2.452   1.658   -7.159  1.00 12.81 ? 81  ALA A N     1 
ATOM   580  C  CA    . ALA A 1 101 ? 1.360   2.056   -6.271  1.00 12.17 ? 81  ALA A CA    1 
ATOM   581  C  C     . ALA A 1 101 ? 0.182   2.596   -7.066  1.00 10.61 ? 81  ALA A C     1 
ATOM   582  O  O     . ALA A 1 101 ? 0.356   3.286   -8.072  1.00 10.95 ? 81  ALA A O     1 
ATOM   583  C  CB    . ALA A 1 101 ? 1.834   3.105   -5.279  1.00 12.82 ? 81  ALA A CB    1 
ATOM   584  N  N     . TYR A 1 102 ? -1.019  2.280   -6.598  1.00 9.16  ? 82  TYR A N     1 
ATOM   585  C  CA    . TYR A 1 102 ? -2.249  2.817   -7.162  1.00 8.74  ? 82  TYR A CA    1 
ATOM   586  C  C     . TYR A 1 102 ? -3.042  3.467   -6.034  1.00 9.17  ? 82  TYR A C     1 
ATOM   587  O  O     . TYR A 1 102 ? -3.095  2.932   -4.930  1.00 9.75  ? 82  TYR A O     1 
ATOM   588  C  CB    . TYR A 1 102 ? -3.090  1.688   -7.765  1.00 9.17  ? 82  TYR A CB    1 
ATOM   589  C  CG    . TYR A 1 102 ? -2.546  1.115   -9.062  1.00 10.14 ? 82  TYR A CG    1 
ATOM   590  C  CD1   . TYR A 1 102 ? -1.683  0.027   -9.066  1.00 9.28  ? 82  TYR A CD1   1 
ATOM   591  C  CD2   . TYR A 1 102 ? -3.036  1.554   -10.270 1.00 9.93  ? 82  TYR A CD2   1 
ATOM   592  C  CE1   . TYR A 1 102 ? -1.239  -0.536  -10.257 1.00 9.45  ? 82  TYR A CE1   1 
ATOM   593  C  CE2   . TYR A 1 102 ? -2.535  1.070   -11.457 1.00 11.02 ? 82  TYR A CE2   1 
ATOM   594  C  CZ    . TYR A 1 102 ? -1.717  -0.043  -11.447 1.00 10.49 ? 82  TYR A CZ    1 
ATOM   595  O  OH    . TYR A 1 102 ? -1.282  -0.537  -12.661 1.00 13.11 ? 82  TYR A OH    1 
ATOM   596  N  N     . ARG A 1 103 ? -3.792  4.507   -6.367  1.00 8.43  ? 83  ARG A N     1 
ATOM   597  C  CA    . ARG A 1 103 ? -4.907  4.925   -5.525  1.00 8.49  ? 83  ARG A CA    1 
ATOM   598  C  C     . ARG A 1 103 ? -5.932  3.793   -5.471  1.00 8.83  ? 83  ARG A C     1 
ATOM   599  O  O     . ARG A 1 103 ? -6.301  3.233   -6.507  1.00 9.76  ? 83  ARG A O     1 
ATOM   600  C  CB    . ARG A 1 103 ? -5.563  6.177   -6.092  1.00 10.17 ? 83  ARG A CB    1 
ATOM   601  C  CG    . ARG A 1 103 ? -4.738  7.444   -5.999  1.00 11.61 ? 83  ARG A CG    1 
ATOM   602  C  CD    . ARG A 1 103 ? -5.407  8.585   -6.746  1.00 14.35 ? 83  ARG A CD    1 
ATOM   603  N  NE    . ARG A 1 103 ? -4.664  9.834   -6.601  1.00 15.56 ? 83  ARG A NE    1 
ATOM   604  C  CZ    . ARG A 1 103 ? -4.990  10.812  -5.761  1.00 13.67 ? 83  ARG A CZ    1 
ATOM   605  N  NH1   . ARG A 1 103 ? -4.299  11.941  -5.768  1.00 16.09 ? 83  ARG A NH1   1 
ATOM   606  N  NH2   . ARG A 1 103 ? -6.042  10.695  -4.965  1.00 14.81 ? 83  ARG A NH2   1 
ATOM   607  N  N     . VAL A 1 104 ? -6.464  3.535   -4.280  1.00 8.02  ? 84  VAL A N     1 
ATOM   608  C  CA    . VAL A 1 104 ? -7.623  2.659   -4.122  1.00 8.91  ? 84  VAL A CA    1 
ATOM   609  C  C     . VAL A 1 104 ? -8.642  3.311   -3.195  1.00 10.18 ? 84  VAL A C     1 
ATOM   610  O  O     . VAL A 1 104 ? -8.303  4.204   -2.406  1.00 9.31  ? 84  VAL A O     1 
ATOM   611  C  CB    . VAL A 1 104 ? -7.228  1.284   -3.543  1.00 9.64  ? 84  VAL A CB    1 
ATOM   612  C  CG1   . VAL A 1 104 ? -6.210  0.594   -4.440  1.00 11.32 ? 84  VAL A CG1   1 
ATOM   613  C  CG2   . VAL A 1 104 ? -6.669  1.420   -2.139  1.00 11.63 ? 84  VAL A CG2   1 
ATOM   614  N  N     . THR A 1 105 ? -9.904  2.955   -3.378  1.00 9.16  ? 85  THR A N     1 
ATOM   615  C  CA    . THR A 1 105 ? -10.950 3.463   -2.503  1.00 10.34 ? 85  THR A CA    1 
ATOM   616  C  C     . THR A 1 105 ? -11.847 2.340   -2.028  1.00 10.42 ? 85  THR A C     1 
ATOM   617  O  O     . THR A 1 105 ? -11.913 1.275   -2.651  1.00 10.68 ? 85  THR A O     1 
ATOM   618  C  CB    . THR A 1 105 ? -11.805 4.538   -3.194  1.00 12.79 ? 85  THR A CB    1 
ATOM   619  O  OG1   . THR A 1 105 ? -12.365 4.012   -4.394  1.00 13.49 ? 85  THR A OG1   1 
ATOM   620  C  CG2   . THR A 1 105 ? -10.973 5.769   -3.522  1.00 16.32 ? 85  THR A CG2   1 
ATOM   621  N  N     . LEU A 1 106 ? -12.397 2.531   -0.836  1.00 11.80 ? 86  LEU A N     1 
ATOM   622  C  CA    . LEU A 1 106 ? -13.121 1.473   -0.139  1.00 13.51 ? 86  LEU A CA    1 
ATOM   623  C  C     . LEU A 1 106 ? -14.479 1.244   -0.787  1.00 15.89 ? 86  LEU A C     1 
ATOM   624  O  O     . LEU A 1 106 ? -15.215 2.192   -1.059  1.00 17.09 ? 86  LEU A O     1 
ATOM   625  C  CB    . LEU A 1 106 ? -13.319 1.845   1.331   1.00 16.19 ? 86  LEU A CB    1 
ATOM   626  C  CG    . LEU A 1 106 ? -12.256 1.391   2.330   1.00 25.61 ? 86  LEU A CG    1 
ATOM   627  C  CD1   . LEU A 1 106 ? -12.548 1.971   3.707   1.00 27.24 ? 86  LEU A CD1   1 
ATOM   628  C  CD2   . LEU A 1 106 ? -12.173 -0.127  2.395   1.00 22.91 ? 86  LEU A CD2   1 
ATOM   629  N  N     A ARG A 1 107 ? -14.837 -0.019  -0.981  0.50 13.82 ? 87  ARG A N     1 
ATOM   630  N  N     B ARG A 1 107 ? -14.774 -0.021  -1.078  0.50 13.59 ? 87  ARG A N     1 
ATOM   631  C  CA    A ARG A 1 107 ? -16.203 -0.360  -1.350  0.50 16.22 ? 87  ARG A CA    1 
ATOM   632  C  CA    B ARG A 1 107 ? -16.111 -0.438  -1.487  0.50 15.41 ? 87  ARG A CA    1 
ATOM   633  C  C     A ARG A 1 107 ? -16.952 -0.916  -0.148  0.50 14.47 ? 87  ARG A C     1 
ATOM   634  C  C     B ARG A 1 107 ? -16.906 -0.969  -0.296  0.50 15.66 ? 87  ARG A C     1 
ATOM   635  O  O     A ARG A 1 107 ? -18.010 -0.401  0.225   0.50 12.49 ? 87  ARG A O     1 
ATOM   636  O  O     B ARG A 1 107 ? -18.118 -0.752  -0.208  0.50 15.87 ? 87  ARG A O     1 
ATOM   637  C  CB    A ARG A 1 107 ? -16.211 -1.367  -2.497  0.50 18.18 ? 87  ARG A CB    1 
ATOM   638  C  CB    B ARG A 1 107 ? -16.026 -1.519  -2.567  0.50 16.05 ? 87  ARG A CB    1 
ATOM   639  C  CG    A ARG A 1 107 ? -15.832 -0.770  -3.843  0.50 24.36 ? 87  ARG A CG    1 
ATOM   640  C  CG    B ARG A 1 107 ? -15.533 -1.021  -3.917  0.50 17.96 ? 87  ARG A CG    1 
ATOM   641  C  CD    A ARG A 1 107 ? -16.562 -1.458  -4.989  0.50 34.22 ? 87  ARG A CD    1 
ATOM   642  C  CD    B ARG A 1 107 ? -15.627 -2.104  -4.985  0.50 22.37 ? 87  ARG A CD    1 
ATOM   643  N  NE    A ARG A 1 107 ? -17.120 -2.749  -4.596  0.50 30.57 ? 87  ARG A NE    1 
ATOM   644  N  NE    B ARG A 1 107 ? -15.573 -1.549  -6.337  0.50 26.49 ? 87  ARG A NE    1 
ATOM   645  C  CZ    A ARG A 1 107 ? -18.420 -2.986  -4.447  0.50 34.88 ? 87  ARG A CZ    1 
ATOM   646  C  CZ    B ARG A 1 107 ? -16.640 -1.197  -7.051  0.50 26.24 ? 87  ARG A CZ    1 
ATOM   647  N  NH1   A ARG A 1 107 ? -18.835 -4.184  -4.062  0.50 31.48 ? 87  ARG A NH1   1 
ATOM   648  N  NH1   B ARG A 1 107 ? -17.861 -1.383  -6.568  0.50 23.06 ? 87  ARG A NH1   1 
ATOM   649  N  NH2   A ARG A 1 107 ? -19.301 -2.015  -4.649  0.50 34.04 ? 87  ARG A NH2   1 
ATOM   650  N  NH2   B ARG A 1 107 ? -16.486 -0.654  -8.250  0.50 29.86 ? 87  ARG A NH2   1 
ATOM   651  N  N     A SER A 1 108 ? -16.331 -1.875  0.532   0.50 12.22 ? 88  SER A N     1 
ATOM   652  N  N     B SER A 1 108 ? -16.247 -1.757  0.551   0.50 15.09 ? 88  SER A N     1 
ATOM   653  C  CA    A SER A 1 108 ? -16.920 -2.465  1.726   0.50 12.02 ? 88  SER A CA    1 
ATOM   654  C  CA    B SER A 1 108 ? -16.880 -2.297  1.753   0.50 15.89 ? 88  SER A CA    1 
ATOM   655  C  C     A SER A 1 108 ? -15.849 -2.957  2.692   0.50 12.24 ? 88  SER A C     1 
ATOM   656  C  C     B SER A 1 108 ? -15.862 -2.954  2.687   0.50 14.57 ? 88  SER A C     1 
ATOM   657  O  O     A SER A 1 108 ? -14.747 -3.317  2.286   0.50 14.02 ? 88  SER A O     1 
ATOM   658  O  O     B SER A 1 108 ? -14.814 -3.424  2.250   0.50 16.84 ? 88  SER A O     1 
ATOM   659  C  CB    A SER A 1 108 ? -17.840 -3.626  1.349   0.50 11.18 ? 88  SER A CB    1 
ATOM   660  C  CB    B SER A 1 108 ? -17.961 -3.312  1.373   0.50 18.28 ? 88  SER A CB    1 
ATOM   661  O  OG    A SER A 1 108 ? -18.646 -3.993  2.450   0.50 11.32 ? 88  SER A OG    1 
ATOM   662  O  OG    B SER A 1 108 ? -17.385 -4.504  0.875   0.50 21.94 ? 88  SER A OG    1 
ATOM   663  N  N     . GLY A 1 109 ? -16.188 -3.004  3.975   1.00 15.67 ? 89  GLY A N     1 
ATOM   664  C  CA    . GLY A 1 109 ? -15.264 -3.526  4.975   1.00 15.70 ? 89  GLY A CA    1 
ATOM   665  C  C     . GLY A 1 109 ? -14.435 -2.454  5.654   1.00 16.22 ? 89  GLY A C     1 
ATOM   666  O  O     . GLY A 1 109 ? -14.340 -1.324  5.171   1.00 18.79 ? 89  GLY A O     1 
ATOM   667  N  N     . SER A 1 110 ? -13.976 -2.771  6.861   1.00 15.06 ? 90  SER A N     1 
ATOM   668  C  CA    . SER A 1 110 ? -13.043 -1.927  7.595   1.00 16.73 ? 90  SER A CA    1 
ATOM   669  C  C     . SER A 1 110 ? -11.698 -2.636  7.735   1.00 17.86 ? 90  SER A C     1 
ATOM   670  O  O     . SER A 1 110 ? -11.647 -3.824  8.065   1.00 16.34 ? 90  SER A O     1 
ATOM   671  C  CB    . SER A 1 110 ? -13.602 -1.617  8.986   1.00 25.28 ? 90  SER A CB    1 
ATOM   672  O  OG    . SER A 1 110 ? -14.981 -1.294  8.922   1.00 33.35 ? 90  SER A OG    1 
ATOM   673  N  N     . PRO A 1 111 ? -10.603 -1.907  7.478   1.00 15.01 ? 91  PRO A N     1 
ATOM   674  C  CA    . PRO A 1 111 ? -9.277  -2.513  7.473   1.00 16.27 ? 91  PRO A CA    1 
ATOM   675  C  C     . PRO A 1 111 ? -8.901  -3.091  8.830   1.00 14.30 ? 91  PRO A C     1 
ATOM   676  O  O     . PRO A 1 111 ? -9.112  -2.449  9.861   1.00 16.08 ? 91  PRO A O     1 
ATOM   677  C  CB    . PRO A 1 111 ? -8.356  -1.344  7.119   1.00 18.31 ? 91  PRO A CB    1 
ATOM   678  C  CG    . PRO A 1 111 ? -9.215  -0.405  6.350   1.00 22.87 ? 91  PRO A CG    1 
ATOM   679  C  CD    . PRO A 1 111 ? -10.587 -0.531  6.954   1.00 19.31 ? 91  PRO A CD    1 
ATOM   680  N  N     A HIS A 1 112 ? -8.372  -4.309  8.825   0.50 14.57 ? 92  HIS A N     1 
ATOM   681  N  N     B HIS A 1 112 ? -8.414  -4.327  8.819   0.50 14.05 ? 92  HIS A N     1 
ATOM   682  C  CA    A HIS A 1 112 ? -7.799  -4.901  10.028  0.50 15.58 ? 92  HIS A CA    1 
ATOM   683  C  CA    B HIS A 1 112 ? -7.806  -4.940  9.996   0.50 14.98 ? 92  HIS A CA    1 
ATOM   684  C  C     A HIS A 1 112 ? -6.456  -5.536  9.690   0.50 14.56 ? 92  HIS A C     1 
ATOM   685  C  C     B HIS A 1 112 ? -6.402  -5.414  9.633   0.50 13.76 ? 92  HIS A C     1 
ATOM   686  O  O     A HIS A 1 112 ? -6.316  -6.165  8.641   0.50 11.56 ? 92  HIS A O     1 
ATOM   687  O  O     B HIS A 1 112 ? -6.155  -5.793  8.493   0.50 12.72 ? 92  HIS A O     1 
ATOM   688  C  CB    A HIS A 1 112 ? -8.747  -5.958  10.601  0.50 19.25 ? 92  HIS A CB    1 
ATOM   689  C  CB    B HIS A 1 112 ? -8.654  -6.128  10.460  0.50 17.50 ? 92  HIS A CB    1 
ATOM   690  C  CG    A HIS A 1 112 ? -9.995  -5.388  11.202  0.50 21.70 ? 92  HIS A CG    1 
ATOM   691  C  CG    B HIS A 1 112 ? -8.233  -6.697  11.780  0.50 19.66 ? 92  HIS A CG    1 
ATOM   692  N  ND1   A HIS A 1 112 ? -11.175 -5.275  10.500  0.50 21.98 ? 92  HIS A ND1   1 
ATOM   693  N  ND1   B HIS A 1 112 ? -7.474  -7.843  11.886  0.50 22.44 ? 92  HIS A ND1   1 
ATOM   694  C  CD2   A HIS A 1 112 ? -10.228 -4.839  12.418  0.50 28.06 ? 92  HIS A CD2   1 
ATOM   695  C  CD2   B HIS A 1 112 ? -8.502  -6.305  13.046  0.50 21.23 ? 92  HIS A CD2   1 
ATOM   696  C  CE1   A HIS A 1 112 ? -12.073 -4.657  11.246  0.50 21.57 ? 92  HIS A CE1   1 
ATOM   697  C  CE1   B HIS A 1 112 ? -7.217  -8.079  13.161  0.50 21.41 ? 92  HIS A CE1   1 
ATOM   698  N  NE2   A HIS A 1 112 ? -11.537 -4.423  12.430  0.50 26.71 ? 92  HIS A NE2   1 
ATOM   699  N  NE2   B HIS A 1 112 ? -7.835  -7.166  13.887  0.50 21.44 ? 92  HIS A NE2   1 
ATOM   700  N  N     . PRO A 1 113 ? -5.493  -5.448  10.619  1.00 16.98 ? 93  PRO A N     1 
ATOM   701  C  CA    . PRO A 1 113 ? -4.142  -5.973  10.402  1.00 15.01 ? 93  PRO A CA    1 
ATOM   702  C  C     . PRO A 1 113 ? -4.078  -7.503  10.481  1.00 17.24 ? 93  PRO A C     1 
ATOM   703  O  O     . PRO A 1 113 ? -3.434  -8.055  11.375  1.00 18.85 ? 93  PRO A O     1 
ATOM   704  C  CB    . PRO A 1 113 ? -3.337  -5.345  11.545  1.00 18.51 ? 93  PRO A CB    1 
ATOM   705  C  CG    . PRO A 1 113 ? -4.333  -5.109  12.622  1.00 20.46 ? 93  PRO A CG    1 
ATOM   706  C  CD    . PRO A 1 113 ? -5.620  -4.767  11.922  1.00 21.22 ? 93  PRO A CD    1 
ATOM   707  N  N     . HIS A 1 114 ? -4.638  -8.177  9.485   1.00 14.66 ? 94  HIS A N     1 
ATOM   708  C  CA    . HIS A 1 114 ? -4.580  -9.636  9.431   1.00 16.10 ? 94  HIS A CA    1 
ATOM   709  C  C     . HIS A 1 114 ? -3.163  -10.145 9.171   1.00 19.40 ? 94  HIS A C     1 
ATOM   710  O  O     . HIS A 1 114 ? -2.837  -11.280 9.512   1.00 20.09 ? 94  HIS A O     1 
ATOM   711  C  CB    . HIS A 1 114 ? -5.520  -10.169 8.350   1.00 16.54 ? 94  HIS A CB    1 
ATOM   712  C  CG    . HIS A 1 114 ? -6.967  -9.904  8.627   1.00 16.04 ? 94  HIS A CG    1 
ATOM   713  N  ND1   . HIS A 1 114 ? -7.618  -10.408 9.732   1.00 19.69 ? 94  HIS A ND1   1 
ATOM   714  C  CD2   . HIS A 1 114 ? -7.905  -9.249  7.903   1.00 19.65 ? 94  HIS A CD2   1 
ATOM   715  C  CE1   . HIS A 1 114 ? -8.896  -10.076 9.676   1.00 20.74 ? 94  HIS A CE1   1 
ATOM   716  N  NE2   . HIS A 1 114 ? -9.093  -9.357  8.587   1.00 21.34 ? 94  HIS A NE2   1 
ATOM   717  N  N     . ASP A 1 115 ? -2.322  -9.298  8.584   1.00 17.12 ? 95  ASP A N     1 
ATOM   718  C  CA    . ASP A 1 115 ? -1.012  -9.732  8.083   1.00 18.19 ? 95  ASP A CA    1 
ATOM   719  C  C     . ASP A 1 115 ? 0.068   -8.705  8.426   1.00 17.19 ? 95  ASP A C     1 
ATOM   720  O  O     . ASP A 1 115 ? 1.170   -8.742  7.879   1.00 27.03 ? 95  ASP A O     1 
ATOM   721  C  CB    . ASP A 1 115 ? -1.058  -9.933  6.567   1.00 25.00 ? 95  ASP A CB    1 
ATOM   722  C  CG    . ASP A 1 115 ? 0.067   -10.822 6.058   1.00 33.41 ? 95  ASP A CG    1 
ATOM   723  O  OD1   . ASP A 1 115 ? 0.444   -11.776 6.770   1.00 41.12 ? 95  ASP A OD1   1 
ATOM   724  O  OD2   . ASP A 1 115 ? 0.580   -10.562 4.948   1.00 38.57 ? 95  ASP A OD2   1 
ATOM   725  N  N     . HIS A 1 116 ? -0.305  -7.717  9.225   1.00 15.88 ? 96  HIS A N     1 
ATOM   726  C  CA    . HIS A 1 116 ? 0.599   -6.640  9.591   1.00 12.84 ? 96  HIS A CA    1 
ATOM   727  C  C     . HIS A 1 116 ? 0.683   -6.525  11.105  1.00 14.28 ? 96  HIS A C     1 
ATOM   728  O  O     . HIS A 1 116 ? -0.201  -6.997  11.821  1.00 15.98 ? 96  HIS A O     1 
ATOM   729  C  CB    . HIS A 1 116 ? 0.113   -5.308  9.000   1.00 13.52 ? 96  HIS A CB    1 
ATOM   730  C  CG    . HIS A 1 116 ? 0.379   -5.162  7.534   1.00 13.80 ? 96  HIS A CG    1 
ATOM   731  N  ND1   . HIS A 1 116 ? -0.553  -5.488  6.570   1.00 13.96 ? 96  HIS A ND1   1 
ATOM   732  C  CD2   . HIS A 1 116 ? 1.467   -4.706  6.867   1.00 13.60 ? 96  HIS A CD2   1 
ATOM   733  C  CE1   . HIS A 1 116 ? -0.054  -5.227  5.374   1.00 14.99 ? 96  HIS A CE1   1 
ATOM   734  N  NE2   . HIS A 1 116 ? 1.185   -4.792  5.526   1.00 13.92 ? 96  HIS A NE2   1 
ATOM   735  N  N     . ARG A 1 117 ? 1.669   -5.764  11.570  1.00 14.29 ? 97  ARG A N     1 
ATOM   736  C  CA    . ARG A 1 117 ? 1.863   -5.507  12.993  1.00 14.96 ? 97  ARG A CA    1 
ATOM   737  C  C     . ARG A 1 117 ? 0.821   -4.504  13.492  1.00 15.50 ? 97  ARG A C     1 
ATOM   738  O  O     . ARG A 1 117 ? 0.300   -4.627  14.603  1.00 18.72 ? 97  ARG A O     1 
ATOM   739  C  CB    . ARG A 1 117 ? 3.281   -4.961  13.218  1.00 16.85 ? 97  ARG A CB    1 
ATOM   740  C  CG    . ARG A 1 117 ? 3.659   -4.696  14.667  1.00 22.78 ? 97  ARG A CG    1 
ATOM   741  C  CD    . ARG A 1 117 ? 5.175   -4.659  14.848  1.00 20.93 ? 97  ARG A CD    1 
ATOM   742  N  NE    . ARG A 1 117 ? 5.824   -5.910  14.465  1.00 21.97 ? 97  ARG A NE    1 
ATOM   743  C  CZ    . ARG A 1 117 ? 7.145   -6.090  14.439  1.00 24.18 ? 97  ARG A CZ    1 
ATOM   744  N  NH1   . ARG A 1 117 ? 7.952   -5.073  14.683  1.00 24.20 ? 97  ARG A NH1   1 
ATOM   745  N  NH2   . ARG A 1 117 ? 7.659   -7.276  14.147  1.00 24.49 ? 97  ARG A NH2   1 
ATOM   746  N  N     . ALA A 1 118 ? 0.446   -3.575  12.618  1.00 14.85 ? 98  ALA A N     1 
ATOM   747  C  CA    . ALA A 1 118 ? -0.437  -2.470  12.974  1.00 12.88 ? 98  ALA A CA    1 
ATOM   748  C  C     . ALA A 1 118 ? -0.892  -1.773  11.693  1.00 13.32 ? 98  ALA A C     1 
ATOM   749  O  O     . ALA A 1 118 ? -0.239  -1.894  10.658  1.00 11.55 ? 98  ALA A O     1 
ATOM   750  C  CB    . ALA A 1 118 ? 0.271   -1.485  13.894  1.00 14.18 ? 98  ALA A CB    1 
ATOM   751  N  N     . LEU A 1 119 ? -2.042  -1.108  11.761  1.00 14.99 ? 99  LEU A N     1 
ATOM   752  C  CA    . LEU A 1 119 ? -2.467  -0.159  10.731  1.00 12.70 ? 99  LEU A CA    1 
ATOM   753  C  C     . LEU A 1 119 ? -2.620  1.223   11.353  1.00 13.62 ? 99  LEU A C     1 
ATOM   754  O  O     . LEU A 1 119 ? -2.892  1.349   12.550  1.00 15.73 ? 99  LEU A O     1 
ATOM   755  C  CB    . LEU A 1 119 ? -3.801  -0.586  10.119  1.00 13.61 ? 99  LEU A CB    1 
ATOM   756  C  CG    . LEU A 1 119 ? -3.907  -1.994  9.528   1.00 12.52 ? 99  LEU A CG    1 
ATOM   757  C  CD1   . LEU A 1 119 ? -5.338  -2.244  9.064   1.00 15.70 ? 99  LEU A CD1   1 
ATOM   758  C  CD2   . LEU A 1 119 ? -2.931  -2.191  8.376   1.00 13.23 ? 99  LEU A CD2   1 
ATOM   759  N  N     A ARG A 1 120 ? -2.517  2.257   10.525  0.50 12.92 ? 100 ARG A N     1 
ATOM   760  N  N     B ARG A 1 120 ? -2.458  2.251   10.530  0.50 12.21 ? 100 ARG A N     1 
ATOM   761  C  CA    A ARG A 1 120 ? -2.643  3.638   10.990  0.50 14.21 ? 100 ARG A CA    1 
ATOM   762  C  CA    B ARG A 1 120 ? -2.666  3.624   10.961  0.50 12.60 ? 100 ARG A CA    1 
ATOM   763  C  C     A ARG A 1 120 ? -3.220  4.506   9.869   0.50 13.51 ? 100 ARG A C     1 
ATOM   764  C  C     B ARG A 1 120 ? -3.337  4.398   9.831   0.50 12.06 ? 100 ARG A C     1 
ATOM   765  O  O     A ARG A 1 120 ? -2.807  4.397   8.713   0.50 12.23 ? 100 ARG A O     1 
ATOM   766  O  O     B ARG A 1 120 ? -3.198  4.038   8.658   0.50 10.64 ? 100 ARG A O     1 
ATOM   767  C  CB    A ARG A 1 120 ? -1.277  4.181   11.423  0.50 19.46 ? 100 ARG A CB    1 
ATOM   768  C  CB    B ARG A 1 120 ? -1.329  4.271   11.322  0.50 15.95 ? 100 ARG A CB    1 
ATOM   769  C  CG    A ARG A 1 120 ? -1.298  4.999   12.707  0.50 21.97 ? 100 ARG A CG    1 
ATOM   770  C  CG    B ARG A 1 120 ? -1.444  5.677   11.884  0.50 14.93 ? 100 ARG A CG    1 
ATOM   771  C  CD    A ARG A 1 120 ? 0.108   5.362   13.171  0.50 22.22 ? 100 ARG A CD    1 
ATOM   772  C  CD    B ARG A 1 120 ? -0.120  6.160   12.463  0.50 19.76 ? 100 ARG A CD    1 
ATOM   773  N  NE    A ARG A 1 120 ? 0.411   6.780   12.986  0.50 24.32 ? 100 ARG A NE    1 
ATOM   774  N  NE    B ARG A 1 120 ? 0.457   5.216   13.418  0.50 19.03 ? 100 ARG A NE    1 
ATOM   775  C  CZ    A ARG A 1 120 ? 1.641   7.280   12.903  0.50 26.61 ? 100 ARG A CZ    1 
ATOM   776  C  CZ    B ARG A 1 120 ? 1.703   5.285   13.879  0.50 17.80 ? 100 ARG A CZ    1 
ATOM   777  N  NH1   A ARG A 1 120 ? 2.691   6.485   13.050  0.50 31.13 ? 100 ARG A NH1   1 
ATOM   778  N  NH1   B ARG A 1 120 ? 2.510   6.257   13.475  0.50 21.42 ? 100 ARG A NH1   1 
ATOM   779  N  NH2   A ARG A 1 120 ? 1.822   8.567   12.638  0.50 25.75 ? 100 ARG A NH2   1 
ATOM   780  N  NH2   B ARG A 1 120 ? 2.143   4.387   14.752  0.50 18.13 ? 100 ARG A NH2   1 
ATOM   781  N  N     . TRP A 1 121 ? -4.213  5.324   10.205  1.00 13.54 ? 101 TRP A N     1 
ATOM   782  C  CA    . TRP A 1 121 ? -4.718  6.339   9.281   1.00 12.77 ? 101 TRP A CA    1 
ATOM   783  C  C     . TRP A 1 121 ? -3.992  7.661   9.530   1.00 15.59 ? 101 TRP A C     1 
ATOM   784  O  O     . TRP A 1 121 ? -3.980  8.156   10.657  1.00 18.97 ? 101 TRP A O     1 
ATOM   785  C  CB    . TRP A 1 121 ? -6.222  6.535   9.491   1.00 12.35 ? 101 TRP A CB    1 
ATOM   786  C  CG    . TRP A 1 121 ? -7.060  5.359   9.100   1.00 15.60 ? 101 TRP A CG    1 
ATOM   787  C  CD1   . TRP A 1 121 ? -7.671  4.481   9.943   1.00 21.85 ? 101 TRP A CD1   1 
ATOM   788  C  CD2   . TRP A 1 121 ? -7.515  5.026   7.782   1.00 15.13 ? 101 TRP A CD2   1 
ATOM   789  N  NE1   . TRP A 1 121 ? -8.445  3.597   9.233   1.00 23.08 ? 101 TRP A NE1   1 
ATOM   790  C  CE2   . TRP A 1 121 ? -8.344  3.891   7.899   1.00 19.37 ? 101 TRP A CE2   1 
ATOM   791  C  CE3   . TRP A 1 121 ? -7.312  5.583   6.516   1.00 14.69 ? 101 TRP A CE3   1 
ATOM   792  C  CZ2   . TRP A 1 121 ? -9.005  3.335   6.806   1.00 17.86 ? 101 TRP A CZ2   1 
ATOM   793  C  CZ3   . TRP A 1 121 ? -7.902  4.980   5.424   1.00 15.54 ? 101 TRP A CZ3   1 
ATOM   794  C  CH2   . TRP A 1 121 ? -8.729  3.858   5.572   1.00 16.70 ? 101 TRP A CH2   1 
ATOM   795  N  N     . VAL A 1 122 ? -3.282  8.160   8.522   1.00 14.07 ? 102 VAL A N     1 
ATOM   796  C  CA    . VAL A 1 122 ? -2.441  9.338   8.710   1.00 14.65 ? 102 VAL A CA    1 
ATOM   797  C  C     . VAL A 1 122 ? -2.891  10.480  7.813   1.00 17.43 ? 102 VAL A C     1 
ATOM   798  O  O     . VAL A 1 122 ? -3.458  10.263  6.747   1.00 15.81 ? 102 VAL A O     1 
ATOM   799  C  CB    . VAL A 1 122 ? -0.953  9.038   8.446   1.00 17.57 ? 102 VAL A CB    1 
ATOM   800  C  CG1   . VAL A 1 122 ? -0.397  8.103   9.514   1.00 18.83 ? 102 VAL A CG1   1 
ATOM   801  C  CG2   . VAL A 1 122 ? -0.758  8.450   7.054   1.00 17.93 ? 102 VAL A CG2   1 
ATOM   802  N  N     . GLY A 1 123 ? -2.617  11.702  8.251   1.00 17.56 ? 103 GLY A N     1 
ATOM   803  C  CA    . GLY A 1 123 ? -2.816  12.872  7.405   1.00 18.37 ? 103 GLY A CA    1 
ATOM   804  C  C     . GLY A 1 123 ? -1.522  13.388  6.817   1.00 19.53 ? 103 GLY A C     1 
ATOM   805  O  O     . GLY A 1 123 ? -0.454  12.828  7.051   1.00 18.21 ? 103 GLY A O     1 
ATOM   806  N  N     . ALA A 1 124 ? -1.624  14.424  5.988   1.00 19.79 ? 104 ALA A N     1 
ATOM   807  C  CA    . ALA A 1 124 ? -0.503  14.844  5.160   1.00 17.75 ? 104 ALA A CA    1 
ATOM   808  C  C     . ALA A 1 124 ? 0.722   15.123  6.015   1.00 17.49 ? 104 ALA A C     1 
ATOM   809  O  O     . ALA A 1 124 ? 1.842   14.795  5.635   1.00 20.57 ? 104 ALA A O     1 
ATOM   810  C  CB    . ALA A 1 124 ? -0.878  16.083  4.360   1.00 18.56 ? 104 ALA A CB    1 
ATOM   811  N  N     . ASP A 1 125 ? 0.503   15.745  7.171   1.00 21.07 ? 105 ASP A N     1 
ATOM   812  C  CA    . ASP A 1 125 ? 1.603   16.249  7.984   1.00 24.16 ? 105 ASP A CA    1 
ATOM   813  C  C     . ASP A 1 125 ? 2.331   15.137  8.735   1.00 21.94 ? 105 ASP A C     1 
ATOM   814  O  O     . ASP A 1 125 ? 3.392   15.370  9.306   1.00 25.32 ? 105 ASP A O     1 
ATOM   815  C  CB    . ASP A 1 125 ? 1.089   17.294  8.982   1.00 31.71 ? 105 ASP A CB    1 
ATOM   816  C  CG    . ASP A 1 125 ? -0.037  16.770  9.851   1.00 39.93 ? 105 ASP A CG    1 
ATOM   817  O  OD1   . ASP A 1 125 ? -0.676  15.766  9.464   1.00 55.23 ? 105 ASP A OD1   1 
ATOM   818  O  OD2   . ASP A 1 125 ? -0.385  17.453  10.836  1.00 67.49 ? 105 ASP A OD2   1 
ATOM   819  N  N     . GLU A 1 126 ? 1.792   13.921  8.673   1.00 19.43 ? 106 GLU A N     1 
ATOM   820  C  CA    . GLU A 1 126 ? 2.394   12.763  9.333   1.00 20.81 ? 106 GLU A CA    1 
ATOM   821  C  C     . GLU A 1 126 ? 3.257   11.924  8.386   1.00 18.25 ? 106 GLU A C     1 
ATOM   822  O  O     . GLU A 1 126 ? 4.017   11.059  8.825   1.00 21.32 ? 106 GLU A O     1 
ATOM   823  C  CB    . GLU A 1 126 ? 1.304   11.867  9.923   1.00 23.68 ? 106 GLU A CB    1 
ATOM   824  C  CG    . GLU A 1 126 ? 0.542   12.476  11.084  1.00 29.26 ? 106 GLU A CG    1 
ATOM   825  C  CD    . GLU A 1 126 ? -0.632  11.616  11.505  1.00 31.80 ? 106 GLU A CD    1 
ATOM   826  O  OE1   . GLU A 1 126 ? -0.393  10.540  12.096  1.00 37.43 ? 106 GLU A OE1   1 
ATOM   827  O  OE2   . GLU A 1 126 ? -1.753  11.881  11.025  1.00 24.31 ? 106 GLU A OE2   1 
ATOM   828  N  N     . ILE A 1 127 ? 3.062   12.105  7.087   1.00 15.56 ? 107 ILE A N     1 
ATOM   829  C  CA    . ILE A 1 127 ? 3.606   11.176  6.104   1.00 16.47 ? 107 ILE A CA    1 
ATOM   830  C  C     . ILE A 1 127 ? 5.137   11.093  6.126   1.00 17.82 ? 107 ILE A C     1 
ATOM   831  O  O     . ILE A 1 127 ? 5.705   10.004  6.136   1.00 16.99 ? 107 ILE A O     1 
ATOM   832  C  CB    . ILE A 1 127 ? 3.145   11.539  4.683   1.00 19.47 ? 107 ILE A CB    1 
ATOM   833  C  CG1   . ILE A 1 127 ? 1.624   11.414  4.574   1.00 23.20 ? 107 ILE A CG1   1 
ATOM   834  C  CG2   . ILE A 1 127 ? 3.855   10.666  3.663   1.00 20.28 ? 107 ILE A CG2   1 
ATOM   835  C  CD1   . ILE A 1 127 ? 1.104   10.004  4.725   1.00 28.38 ? 107 ILE A CD1   1 
ATOM   836  N  N     . ASP A 1 128 ? 5.816   12.235  6.148   1.00 18.21 ? 108 ASP A N     1 
ATOM   837  C  CA    . ASP A 1 128 ? 7.269   12.219  6.013   1.00 19.03 ? 108 ASP A CA    1 
ATOM   838  C  C     . ASP A 1 128 ? 7.972   11.844  7.319   1.00 19.39 ? 108 ASP A C     1 
ATOM   839  O  O     . ASP A 1 128 ? 9.131   11.448  7.302   1.00 23.09 ? 108 ASP A O     1 
ATOM   840  C  CB    . ASP A 1 128 ? 7.798   13.555  5.473   1.00 24.98 ? 108 ASP A CB    1 
ATOM   841  C  CG    . ASP A 1 128 ? 7.552   14.718  6.416   1.00 31.81 ? 108 ASP A CG    1 
ATOM   842  O  OD1   . ASP A 1 128 ? 7.308   14.482  7.619   1.00 32.14 ? 108 ASP A OD1   1 
ATOM   843  O  OD2   . ASP A 1 128 ? 7.708   15.876  5.971   1.00 30.05 ? 108 ASP A OD2   1 
ATOM   844  N  N     . GLY A 1 129 ? 7.203   11.767  8.400   1.00 18.79 ? 109 GLY A N     1 
ATOM   845  C  CA    . GLY A 1 129 ? 7.736   11.365  9.702   1.00 21.30 ? 109 GLY A CA    1 
ATOM   846  C  C     . GLY A 1 129 ? 7.681   9.867   9.970   1.00 19.27 ? 109 GLY A C     1 
ATOM   847  O  O     . GLY A 1 129 ? 8.280   9.375   10.936  1.00 19.02 ? 109 GLY A O     1 
ATOM   848  N  N     . LEU A 1 130 ? 6.917   9.149   9.156   1.00 15.88 ? 110 LEU A N     1 
ATOM   849  C  CA    . LEU A 1 130 ? 6.757   7.710   9.336   1.00 15.94 ? 110 LEU A CA    1 
ATOM   850  C  C     . LEU A 1 130 ? 8.061   6.978   9.034   1.00 13.20 ? 110 LEU A C     1 
ATOM   851  O  O     . LEU A 1 130 ? 8.827   7.387   8.168   1.00 15.98 ? 110 LEU A O     1 
ATOM   852  C  CB    . LEU A 1 130 ? 5.655   7.181   8.417   1.00 16.51 ? 110 LEU A CB    1 
ATOM   853  C  CG    . LEU A 1 130 ? 4.199   7.379   8.841   1.00 25.07 ? 110 LEU A CG    1 
ATOM   854  C  CD1   . LEU A 1 130 ? 3.286   6.928   7.711   1.00 27.50 ? 110 LEU A CD1   1 
ATOM   855  C  CD2   . LEU A 1 130 ? 3.879   6.618   10.119  1.00 27.77 ? 110 LEU A CD2   1 
ATOM   856  N  N     . ALA A 1 131 ? 8.285   5.865   9.722   1.00 14.20 ? 111 ALA A N     1 
ATOM   857  C  CA    . ALA A 1 131 ? 9.410   4.990   9.419   1.00 14.58 ? 111 ALA A CA    1 
ATOM   858  C  C     . ALA A 1 131 ? 9.097   4.077   8.235   1.00 13.94 ? 111 ALA A C     1 
ATOM   859  O  O     . ALA A 1 131 ? 8.787   2.899   8.415   1.00 14.73 ? 111 ALA A O     1 
ATOM   860  C  CB    . ALA A 1 131 ? 9.763   4.166   10.648  1.00 16.71 ? 111 ALA A CB    1 
ATOM   861  N  N     . TRP A 1 132 ? 9.147   4.640   7.030   1.00 13.09 ? 112 TRP A N     1 
ATOM   862  C  CA    . TRP A 1 132 ? 8.799   3.912   5.803   1.00 13.00 ? 112 TRP A CA    1 
ATOM   863  C  C     . TRP A 1 132 ? 9.781   2.789   5.508   1.00 11.59 ? 112 TRP A C     1 
ATOM   864  O  O     . TRP A 1 132 ? 11.003  2.961   5.641   1.00 13.93 ? 112 TRP A O     1 
ATOM   865  C  CB    . TRP A 1 132 ? 8.782   4.863   4.603   1.00 13.62 ? 112 TRP A CB    1 
ATOM   866  C  CG    . TRP A 1 132 ? 7.608   5.785   4.569   1.00 11.46 ? 112 TRP A CG    1 
ATOM   867  C  CD1   . TRP A 1 132 ? 7.565   7.076   5.016   1.00 13.59 ? 112 TRP A CD1   1 
ATOM   868  C  CD2   . TRP A 1 132 ? 6.272   5.468   4.141   1.00 11.72 ? 112 TRP A CD2   1 
ATOM   869  N  NE1   . TRP A 1 132 ? 6.295   7.575   4.897   1.00 14.63 ? 112 TRP A NE1   1 
ATOM   870  C  CE2   . TRP A 1 132 ? 5.497   6.631   4.306   1.00 12.50 ? 112 TRP A CE2   1 
ATOM   871  C  CE3   . TRP A 1 132 ? 5.678   4.336   3.573   1.00 11.62 ? 112 TRP A CE3   1 
ATOM   872  C  CZ2   . TRP A 1 132 ? 4.143   6.688   3.954   1.00 14.29 ? 112 TRP A CZ2   1 
ATOM   873  C  CZ3   . TRP A 1 132 ? 4.332   4.387   3.236   1.00 13.89 ? 112 TRP A CZ3   1 
ATOM   874  C  CH2   . TRP A 1 132 ? 3.574   5.549   3.457   1.00 13.33 ? 112 TRP A CH2   1 
ATOM   875  N  N     . VAL A 1 133 ? 9.262   1.696   4.963   1.00 9.94  ? 113 VAL A N     1 
ATOM   876  C  CA    . VAL A 1 133 ? 10.057  0.806   4.119   1.00 12.64 ? 113 VAL A CA    1 
ATOM   877  C  C     . VAL A 1 133 ? 10.814  1.633   3.073   1.00 12.76 ? 113 VAL A C     1 
ATOM   878  O  O     . VAL A 1 133 ? 10.233  2.521   2.454   1.00 13.90 ? 113 VAL A O     1 
ATOM   879  C  CB    . VAL A 1 133 ? 9.151   -0.218  3.402   1.00 12.54 ? 113 VAL A CB    1 
ATOM   880  C  CG1   . VAL A 1 133 ? 9.908   -0.935  2.304   1.00 13.92 ? 113 VAL A CG1   1 
ATOM   881  C  CG2   . VAL A 1 133 ? 8.584   -1.218  4.396   1.00 12.67 ? 113 VAL A CG2   1 
ATOM   882  N  N     . PRO A 1 134 ? 12.129  1.418   2.944   1.00 13.91 ? 114 PRO A N     1 
ATOM   883  C  CA    . PRO A 1 134 ? 12.895  2.338   2.113   1.00 14.59 ? 114 PRO A CA    1 
ATOM   884  C  C     . PRO A 1 134 ? 12.370  2.474   0.687   1.00 13.91 ? 114 PRO A C     1 
ATOM   885  O  O     . PRO A 1 134 ? 12.324  3.586   0.158   1.00 14.40 ? 114 PRO A O     1 
ATOM   886  C  CB    . PRO A 1 134 ? 14.296  1.734   2.134   1.00 15.49 ? 114 PRO A CB    1 
ATOM   887  C  CG    . PRO A 1 134 ? 14.388  1.139   3.507   1.00 17.14 ? 114 PRO A CG    1 
ATOM   888  C  CD    . PRO A 1 134 ? 13.004  0.618   3.819   1.00 18.85 ? 114 PRO A CD    1 
ATOM   889  N  N     . ALA A 1 135 ? 11.926  1.371   0.089   1.00 12.84 ? 115 ALA A N     1 
ATOM   890  C  CA    . ALA A 1 135 ? 11.355  1.413   -1.257  1.00 13.63 ? 115 ALA A CA    1 
ATOM   891  C  C     . ALA A 1 135 ? 10.187  2.400   -1.328  1.00 15.00 ? 115 ALA A C     1 
ATOM   892  O  O     . ALA A 1 135 ? 10.158  3.280   -2.197  1.00 15.19 ? 115 ALA A O     1 
ATOM   893  C  CB    . ALA A 1 135 ? 10.898  0.027   -1.680  1.00 15.98 ? 115 ALA A CB    1 
ATOM   894  N  N     . ASP A 1 136 ? 9.250   2.273   -0.389  1.00 11.15 ? 116 ASP A N     1 
ATOM   895  C  CA    . ASP A 1 136 ? 8.015   3.054   -0.398  1.00 12.50 ? 116 ASP A CA    1 
ATOM   896  C  C     . ASP A 1 136 ? 8.282   4.530   -0.128  1.00 12.54 ? 116 ASP A C     1 
ATOM   897  O  O     . ASP A 1 136 ? 7.454   5.386   -0.452  1.00 11.34 ? 116 ASP A O     1 
ATOM   898  C  CB    . ASP A 1 136 ? 7.036   2.541   0.668   1.00 12.54 ? 116 ASP A CB    1 
ATOM   899  C  CG    . ASP A 1 136 ? 6.542   1.135   0.390   1.00 11.96 ? 116 ASP A CG    1 
ATOM   900  O  OD1   . ASP A 1 136 ? 7.373   0.262   0.096   1.00 13.45 ? 116 ASP A OD1   1 
ATOM   901  O  OD2   . ASP A 1 136 ? 5.317   0.898   0.503   1.00 11.71 ? 116 ASP A OD2   1 
ATOM   902  N  N     . ARG A 1 137 ? 9.358   4.820   0.596   1.00 14.19 ? 117 ARG A N     1 
ATOM   903  C  CA    . ARG A 1 137 ? 9.662   6.202   0.976   1.00 14.32 ? 117 ARG A CA    1 
ATOM   904  C  C     . ARG A 1 137 ? 9.691   7.120   -0.244  1.00 13.82 ? 117 ARG A C     1 
ATOM   905  O  O     . ARG A 1 137 ? 9.398   8.314   -0.134  1.00 15.64 ? 117 ARG A O     1 
ATOM   906  C  CB    . ARG A 1 137 ? 10.997  6.289   1.730   1.00 17.16 ? 117 ARG A CB    1 
ATOM   907  C  CG    . ARG A 1 137 ? 11.185  7.599   2.480   1.00 23.02 ? 117 ARG A CG    1 
ATOM   908  C  CD    . ARG A 1 137 ? 12.587  7.724   3.054   1.00 27.42 ? 117 ARG A CD    1 
ATOM   909  N  NE    . ARG A 1 137 ? 13.572  8.006   2.012   1.00 38.75 ? 117 ARG A NE    1 
ATOM   910  C  CZ    . ARG A 1 137 ? 14.851  7.652   2.073   1.00 44.67 ? 117 ARG A CZ    1 
ATOM   911  N  NH1   . ARG A 1 137 ? 15.671  7.965   1.080   1.00 38.99 ? 117 ARG A NH1   1 
ATOM   912  N  NH2   . ARG A 1 137 ? 15.330  7.073   3.166   1.00 54.26 ? 117 ARG A NH2   1 
ATOM   913  N  N     . ALA A 1 138 ? 9.983   6.551   -1.409  1.00 14.49 ? 118 ALA A N     1 
ATOM   914  C  CA    . ALA A 1 138 ? 10.031  7.324   -2.648  1.00 17.43 ? 118 ALA A CA    1 
ATOM   915  C  C     . ALA A 1 138 ? 8.711   8.037   -2.911  1.00 16.66 ? 118 ALA A C     1 
ATOM   916  O  O     . ALA A 1 138 ? 8.678   9.048   -3.612  1.00 16.33 ? 118 ALA A O     1 
ATOM   917  C  CB    . ALA A 1 138 ? 10.387  6.430   -3.825  1.00 16.94 ? 118 ALA A CB    1 
ATOM   918  N  N     . TRP A 1 139 ? 7.614   7.482   -2.397  1.00 12.73 ? 119 TRP A N     1 
ATOM   919  C  CA    . TRP A 1 139 ? 6.289   8.007   -2.717  1.00 14.94 ? 119 TRP A CA    1 
ATOM   920  C  C     . TRP A 1 139 ? 5.855   9.124   -1.774  1.00 12.85 ? 119 TRP A C     1 
ATOM   921  O  O     . TRP A 1 139 ? 4.774   9.694   -1.940  1.00 13.15 ? 119 TRP A O     1 
ATOM   922  C  CB    . TRP A 1 139 ? 5.250   6.886   -2.701  1.00 15.40 ? 119 TRP A CB    1 
ATOM   923  C  CG    . TRP A 1 139 ? 5.490   5.848   -3.739  1.00 13.19 ? 119 TRP A CG    1 
ATOM   924  C  CD1   . TRP A 1 139 ? 5.827   6.055   -5.051  1.00 15.85 ? 119 TRP A CD1   1 
ATOM   925  C  CD2   . TRP A 1 139 ? 5.237   4.450   -3.609  1.00 12.81 ? 119 TRP A CD2   1 
ATOM   926  N  NE1   . TRP A 1 139 ? 5.930   4.853   -5.705  1.00 15.67 ? 119 TRP A NE1   1 
ATOM   927  C  CE2   . TRP A 1 139 ? 5.518   3.858   -4.857  1.00 13.67 ? 119 TRP A CE2   1 
ATOM   928  C  CE3   . TRP A 1 139 ? 4.877   3.628   -2.538  1.00 14.45 ? 119 TRP A CE3   1 
ATOM   929  C  CZ2   . TRP A 1 139 ? 5.415   2.485   -5.070  1.00 14.74 ? 119 TRP A CZ2   1 
ATOM   930  C  CZ3   . TRP A 1 139 ? 4.835   2.261   -2.739  1.00 16.02 ? 119 TRP A CZ3   1 
ATOM   931  C  CH2   . TRP A 1 139 ? 5.030   1.715   -4.008  1.00 14.36 ? 119 TRP A CH2   1 
ATOM   932  N  N     . VAL A 1 140 ? 6.699   9.458   -0.802  1.00 12.19 ? 120 VAL A N     1 
ATOM   933  C  CA    . VAL A 1 140 ? 6.321   10.432  0.214   1.00 13.93 ? 120 VAL A CA    1 
ATOM   934  C  C     . VAL A 1 140 ? 5.812   11.754  -0.392  1.00 13.69 ? 120 VAL A C     1 
ATOM   935  O  O     . VAL A 1 140 ? 4.718   12.200  -0.049  1.00 12.64 ? 120 VAL A O     1 
ATOM   936  C  CB    . VAL A 1 140 ? 7.468   10.702  1.212   1.00 14.48 ? 120 VAL A CB    1 
ATOM   937  C  CG1   . VAL A 1 140 ? 7.257   12.041  1.898   1.00 17.25 ? 120 VAL A CG1   1 
ATOM   938  C  CG2   . VAL A 1 140 ? 7.540   9.583   2.241   1.00 17.09 ? 120 VAL A CG2   1 
ATOM   939  N  N     . PRO A 1 141 ? 6.524   12.302  -1.399  1.00 12.55 ? 121 PRO A N     1 
ATOM   940  C  CA    . PRO A 1 141 ? 6.047   13.574  -1.974  1.00 12.99 ? 121 PRO A CA    1 
ATOM   941  C  C     . PRO A 1 141 ? 4.694   13.416  -2.672  1.00 12.13 ? 121 PRO A C     1 
ATOM   942  O  O     . PRO A 1 141 ? 3.856   14.319  -2.634  1.00 14.49 ? 121 PRO A O     1 
ATOM   943  C  CB    . PRO A 1 141 ? 7.121   13.940  -3.001  1.00 14.48 ? 121 PRO A CB    1 
ATOM   944  C  CG    . PRO A 1 141 ? 8.325   13.155  -2.630  1.00 13.43 ? 121 PRO A CG    1 
ATOM   945  C  CD    . PRO A 1 141 ? 7.879   11.947  -1.862  1.00 13.73 ? 121 PRO A CD    1 
ATOM   946  N  N     . ASP A 1 142 ? 4.479   12.256  -3.279  1.00 12.30 ? 122 ASP A N     1 
ATOM   947  C  CA    . ASP A 1 142 ? 3.250   11.984  -4.004  1.00 12.41 ? 122 ASP A CA    1 
ATOM   948  C  C     . ASP A 1 142 ? 2.088   11.843  -3.029  1.00 12.95 ? 122 ASP A C     1 
ATOM   949  O  O     . ASP A 1 142 ? 0.962   12.258  -3.321  1.00 13.13 ? 122 ASP A O     1 
ATOM   950  C  CB    . ASP A 1 142 ? 3.395   10.705  -4.824  1.00 14.13 ? 122 ASP A CB    1 
ATOM   951  C  CG    . ASP A 1 142 ? 4.528   10.784  -5.826  1.00 19.23 ? 122 ASP A CG    1 
ATOM   952  O  OD1   . ASP A 1 142 ? 4.495   11.706  -6.669  1.00 22.39 ? 122 ASP A OD1   1 
ATOM   953  O  OD2   . ASP A 1 142 ? 5.542   10.088  -5.618  1.00 18.51 ? 122 ASP A OD2   1 
ATOM   954  N  N     . LEU A 1 143 ? 2.350   11.187  -1.908  1.00 10.74 ? 123 LEU A N     1 
ATOM   955  C  CA    . LEU A 1 143 ? 1.315   10.973  -0.899  1.00 11.23 ? 123 LEU A CA    1 
ATOM   956  C  C     . LEU A 1 143 ? 0.954   12.279  -0.180  1.00 11.94 ? 123 LEU A C     1 
ATOM   957  O  O     . LEU A 1 143 ? -0.222  12.558  0.067   1.00 12.68 ? 123 LEU A O     1 
ATOM   958  C  CB    . LEU A 1 143 ? 1.781   9.925   0.107   1.00 10.44 ? 123 LEU A CB    1 
ATOM   959  C  CG    . LEU A 1 143 ? 1.955   8.509   -0.457  1.00 11.05 ? 123 LEU A CG    1 
ATOM   960  C  CD1   . LEU A 1 143 ? 2.750   7.638   0.502   1.00 10.74 ? 123 LEU A CD1   1 
ATOM   961  C  CD2   . LEU A 1 143 ? 0.593   7.888   -0.758  1.00 10.88 ? 123 LEU A CD2   1 
ATOM   962  N  N     . VAL A 1 144 ? 1.955   13.103  0.109   1.00 13.01 ? 124 VAL A N     1 
ATOM   963  C  CA    . VAL A 1 144 ? 1.698   14.416  0.691   1.00 13.62 ? 124 VAL A CA    1 
ATOM   964  C  C     . VAL A 1 144 ? 0.829   15.256  -0.246  1.00 14.97 ? 124 VAL A C     1 
ATOM   965  O  O     . VAL A 1 144 ? -0.174  15.843  0.185   1.00 14.48 ? 124 VAL A O     1 
ATOM   966  C  CB    . VAL A 1 144 ? 3.005   15.161  1.004   1.00 14.88 ? 124 VAL A CB    1 
ATOM   967  C  CG1   . VAL A 1 144 ? 2.719   16.618  1.314   1.00 16.00 ? 124 VAL A CG1   1 
ATOM   968  C  CG2   . VAL A 1 144 ? 3.716   14.499  2.175   1.00 15.44 ? 124 VAL A CG2   1 
ATOM   969  N  N     . ALA A 1 145 ? 1.150   15.212  -1.537  1.00 13.47 ? 125 ALA A N     1 
ATOM   970  C  CA    . ALA A 1 145 ? 0.372   15.918  -2.553  1.00 14.02 ? 125 ALA A CA    1 
ATOM   971  C  C     . ALA A 1 145 ? -1.073  15.419  -2.577  1.00 15.25 ? 125 ALA A C     1 
ATOM   972  O  O     . ALA A 1 145 ? -2.012  16.208  -2.717  1.00 14.75 ? 125 ALA A O     1 
ATOM   973  C  CB    . ALA A 1 145 ? 1.018   15.754  -3.920  1.00 15.19 ? 125 ALA A CB    1 
ATOM   974  N  N     . ALA A 1 146 ? -1.242  14.101  -2.574  1.00 14.86 ? 126 ALA A N     1 
ATOM   975  C  CA    . ALA A 1 146 ? -2.572  13.509  -2.674  1.00 13.41 ? 126 ALA A CA    1 
ATOM   976  C  C     . ALA A 1 146 ? -3.466  13.900  -1.504  1.00 12.88 ? 126 ALA A C     1 
ATOM   977  O  O     . ALA A 1 146 ? -4.690  13.929  -1.633  1.00 15.33 ? 126 ALA A O     1 
ATOM   978  C  CB    . ALA A 1 146 ? -2.475  11.998  -2.776  1.00 13.10 ? 126 ALA A CB    1 
ATOM   979  N  N     . LEU A 1 147 ? -2.851  14.181  -0.356  1.00 14.16 ? 127 LEU A N     1 
ATOM   980  C  CA    . LEU A 1 147 ? -3.589  14.560  0.842   1.00 14.71 ? 127 LEU A CA    1 
ATOM   981  C  C     . LEU A 1 147 ? -3.623  16.076  1.032   1.00 18.00 ? 127 LEU A C     1 
ATOM   982  O  O     . LEU A 1 147 ? -4.039  16.560  2.086   1.00 25.04 ? 127 LEU A O     1 
ATOM   983  C  CB    . LEU A 1 147 ? -2.959  13.912  2.068   1.00 18.01 ? 127 LEU A CB    1 
ATOM   984  C  CG    . LEU A 1 147 ? -3.016  12.384  2.088   1.00 20.20 ? 127 LEU A CG    1 
ATOM   985  C  CD1   . LEU A 1 147 ? -2.171  11.839  3.230   1.00 27.09 ? 127 LEU A CD1   1 
ATOM   986  C  CD2   . LEU A 1 147 ? -4.460  11.922  2.203   1.00 22.44 ? 127 LEU A CD2   1 
ATOM   987  N  N     . SER A 1 148 ? -3.154  16.811  0.028   1.00 19.31 ? 128 SER A N     1 
ATOM   988  C  CA    . SER A 1 148 ? -2.975  18.257  0.146   1.00 28.37 ? 128 SER A CA    1 
ATOM   989  C  C     . SER A 1 148 ? -4.278  18.930  0.561   1.00 34.53 ? 128 SER A C     1 
ATOM   990  O  O     . SER A 1 148 ? -5.356  18.551  0.102   1.00 40.81 ? 128 SER A O     1 
ATOM   991  C  CB    . SER A 1 148 ? -2.503  18.841  -1.186  1.00 36.57 ? 128 SER A CB    1 
ATOM   992  O  OG    . SER A 1 148 ? -3.608  19.103  -2.036  1.00 37.62 ? 128 SER A OG    1 
HETATM 993  N  N1    . 9L3 B 2 .   ? 7.405   -4.494  -0.915  1.00 12.55 ? 201 9L3 A N1    1 
HETATM 994  C  C2    . 9L3 B 2 .   ? 7.764   -3.144  -0.693  1.00 14.52 ? 201 9L3 A C2    1 
HETATM 995  N  N3    . 9L3 B 2 .   ? 6.803   -2.225  -0.499  1.00 10.27 ? 201 9L3 A N3    1 
HETATM 996  C  C4    . 9L3 B 2 .   ? 5.505   -2.563  -0.506  1.00 11.06 ? 201 9L3 A C4    1 
HETATM 997  C  C5    . 9L3 B 2 .   ? 5.112   -3.966  -0.754  1.00 10.76 ? 201 9L3 A C5    1 
HETATM 998  C  C5A   . 9L3 B 2 .   ? 3.657   -4.369  -0.764  1.00 11.83 ? 201 9L3 A C5A   1 
HETATM 999  C  C6    . 9L3 B 2 .   ? 6.122   -4.891  -0.934  1.00 12.36 ? 201 9L3 A C6    1 
HETATM 1000 N  N4    . 9L3 B 2 .   ? 4.544   -1.626  -0.365  1.00 12.15 ? 201 9L3 A N4    1 
HETATM 1001 C  "C1'" . 9L3 B 2 .   ? 8.439   -5.485  -1.237  1.00 15.21 ? 201 9L3 A "C1'" 1 
HETATM 1002 C  "C2'" . 9L3 B 2 .   ? 8.728   -6.414  -0.068  1.00 16.33 ? 201 9L3 A "C2'" 1 
HETATM 1003 C  "C3'" . 9L3 B 2 .   ? 9.022   -7.740  -0.744  1.00 18.89 ? 201 9L3 A "C3'" 1 
HETATM 1004 C  "C4'" . 9L3 B 2 .   ? 8.228   -7.708  -2.031  1.00 17.78 ? 201 9L3 A "C4'" 1 
HETATM 1005 O  "O4'" . 9L3 B 2 .   ? 7.961   -6.324  -2.287  1.00 16.62 ? 201 9L3 A "O4'" 1 
HETATM 1006 O  "O3'" . 9L3 B 2 .   ? 10.410  -7.784  -1.097  1.00 23.90 ? 201 9L3 A "O3'" 1 
HETATM 1007 C  "C5'" . 9L3 B 2 .   ? 6.946   -8.529  -1.963  1.00 20.95 ? 201 9L3 A "C5'" 1 
HETATM 1008 O  "O5'" . 9L3 B 2 .   ? 6.056   -8.006  -0.981  1.00 19.85 ? 201 9L3 A "O5'" 1 
HETATM 1009 P  PA    . 9L3 B 2 .   ? 5.340   -8.986  0.080   1.00 22.32 ? 201 9L3 A PA    1 
HETATM 1010 O  O1A   . 9L3 B 2 .   ? 6.378   -9.405  1.083   1.00 23.27 ? 201 9L3 A O1A   1 
HETATM 1011 O  O2A   . 9L3 B 2 .   ? 4.631   -10.060 -0.709  1.00 23.09 ? 201 9L3 A O2A   1 
HETATM 1012 O  O3A   . 9L3 B 2 .   ? 4.237   -8.028  0.763   1.00 22.70 ? 201 9L3 A O3A   1 
HETATM 1013 MG MG    . MG  C 3 .   ? 2.066   -8.019  1.215   1.00 13.53 ? 202 MG  A MG    1 
HETATM 1014 O  O     . HOH D 4 .   ? 0.496   -11.898 -4.254  1.00 33.90 ? 301 HOH A O     1 
HETATM 1015 O  O     . HOH D 4 .   ? 5.364   -12.159 10.635  1.00 34.68 ? 302 HOH A O     1 
HETATM 1016 O  O     . HOH D 4 .   ? 3.366   -11.031 -2.599  1.00 27.92 ? 303 HOH A O     1 
HETATM 1017 O  O     . HOH D 4 .   ? -6.925  -12.727 -9.249  1.00 32.55 ? 304 HOH A O     1 
HETATM 1018 O  O     . HOH D 4 .   ? -5.988  14.191  6.719   1.00 44.59 ? 305 HOH A O     1 
HETATM 1019 O  O     . HOH D 4 .   ? 5.709   13.990  9.510   1.00 25.72 ? 306 HOH A O     1 
HETATM 1020 O  O     . HOH D 4 .   ? -18.016 -6.183  -0.910  1.00 29.49 ? 307 HOH A O     1 
HETATM 1021 O  O     . HOH D 4 .   ? -12.626 5.222   6.754   1.00 27.19 ? 308 HOH A O     1 
HETATM 1022 O  O     . HOH D 4 .   ? -12.833 -6.348  7.280   1.00 22.11 ? 309 HOH A O     1 
HETATM 1023 O  O     . HOH D 4 .   ? -17.982 -0.155  -10.277 1.00 46.60 ? 310 HOH A O     1 
HETATM 1024 O  O     . HOH D 4 .   ? -14.059 -2.542  -8.195  1.00 46.19 ? 311 HOH A O     1 
HETATM 1025 O  O     . HOH D 4 .   ? 1.538   -5.867  1.982   1.00 18.12 ? 312 HOH A O     1 
HETATM 1026 O  O     . HOH D 4 .   ? -0.691  18.141  1.330   1.00 30.05 ? 313 HOH A O     1 
HETATM 1027 O  O     . HOH D 4 .   ? 13.776  5.241   -1.265  1.00 29.43 ? 314 HOH A O     1 
HETATM 1028 O  O     . HOH D 4 .   ? 2.624   -9.034  13.617  1.00 28.57 ? 315 HOH A O     1 
HETATM 1029 O  O     . HOH D 4 .   ? 18.498  -11.607 5.275   1.00 24.36 ? 316 HOH A O     1 
HETATM 1030 O  O     . HOH D 4 .   ? -6.913  -12.643 10.946  1.00 42.68 ? 317 HOH A O     1 
HETATM 1031 O  O     . HOH D 4 .   ? -2.726  -6.596  7.579   1.00 15.12 ? 318 HOH A O     1 
HETATM 1032 O  O     . HOH D 4 .   ? 3.285   -11.294 7.495   1.00 33.25 ? 319 HOH A O     1 
HETATM 1033 O  O     . HOH D 4 .   ? -2.631  9.795   -8.619  1.00 19.84 ? 320 HOH A O     1 
HETATM 1034 O  O     . HOH D 4 .   ? 9.070   -3.264  -14.531 1.00 40.04 ? 321 HOH A O     1 
HETATM 1035 O  O     . HOH D 4 .   ? -20.628 -2.341  3.095   1.00 28.52 ? 322 HOH A O     1 
HETATM 1036 O  O     . HOH D 4 .   ? 6.881   8.638   -7.417  1.00 24.42 ? 323 HOH A O     1 
HETATM 1037 O  O     . HOH D 4 .   ? 13.521  9.710   -0.047  1.00 27.83 ? 324 HOH A O     1 
HETATM 1038 O  O     . HOH D 4 .   ? -3.175  2.383   1.786   1.00 12.06 ? 325 HOH A O     1 
HETATM 1039 O  O     . HOH D 4 .   ? -2.501  9.072   12.860  1.00 27.13 ? 326 HOH A O     1 
HETATM 1040 O  O     . HOH D 4 .   ? -16.928 -6.038  -5.318  1.00 40.75 ? 327 HOH A O     1 
HETATM 1041 O  O     . HOH D 4 .   ? -10.959 -0.645  10.608  1.00 37.72 ? 328 HOH A O     1 
HETATM 1042 O  O     . HOH D 4 .   ? -7.110  6.602   -2.663  1.00 14.03 ? 329 HOH A O     1 
HETATM 1043 O  O     . HOH D 4 .   ? -0.524  -11.077 1.394   1.00 35.18 ? 330 HOH A O     1 
HETATM 1044 O  O     . HOH D 4 .   ? 4.511   14.862  5.983   1.00 22.00 ? 331 HOH A O     1 
HETATM 1045 O  O     . HOH D 4 .   ? -0.248  -7.499  -13.679 1.00 20.99 ? 332 HOH A O     1 
HETATM 1046 O  O     . HOH D 4 .   ? -3.356  9.556   -13.505 1.00 20.90 ? 333 HOH A O     1 
HETATM 1047 O  O     . HOH D 4 .   ? 5.018   -10.666 3.351   1.00 31.13 ? 334 HOH A O     1 
HETATM 1048 O  O     . HOH D 4 .   ? 10.917  10.547  0.100   1.00 23.54 ? 335 HOH A O     1 
HETATM 1049 O  O     . HOH D 4 .   ? -8.909  -6.332  -14.205 1.00 23.70 ? 336 HOH A O     1 
HETATM 1050 O  O     . HOH D 4 .   ? 12.491  3.768   7.765   1.00 26.28 ? 337 HOH A O     1 
HETATM 1051 O  O     . HOH D 4 .   ? -6.061  13.441  -3.928  1.00 15.95 ? 338 HOH A O     1 
HETATM 1052 O  O     . HOH D 4 .   ? 13.485  2.962   -8.513  1.00 33.06 ? 339 HOH A O     1 
HETATM 1053 O  O     . HOH D 4 .   ? 0.310   12.749  -5.921  1.00 18.45 ? 340 HOH A O     1 
HETATM 1054 O  O     . HOH D 4 .   ? 0.780   -12.573 -0.919  1.00 41.17 ? 341 HOH A O     1 
HETATM 1055 O  O     . HOH D 4 .   ? 4.379   4.345   -14.297 1.00 38.35 ? 342 HOH A O     1 
HETATM 1056 O  O     . HOH D 4 .   ? 3.814   3.991   -8.233  1.00 14.81 ? 343 HOH A O     1 
HETATM 1057 O  O     . HOH D 4 .   ? 4.227   10.326  11.447  1.00 25.35 ? 344 HOH A O     1 
HETATM 1058 O  O     . HOH D 4 .   ? -1.678  9.020   -11.905 1.00 38.86 ? 345 HOH A O     1 
HETATM 1059 O  O     . HOH D 4 .   ? -10.058 -5.629  -2.155  1.00 13.67 ? 346 HOH A O     1 
HETATM 1060 O  O     . HOH D 4 .   ? -5.029  8.019   -16.934 1.00 29.06 ? 347 HOH A O     1 
HETATM 1061 O  O     . HOH D 4 .   ? 9.097   10.974  13.007  1.00 38.40 ? 348 HOH A O     1 
HETATM 1062 O  O     . HOH D 4 .   ? -5.530  2.626   -13.325 1.00 17.93 ? 349 HOH A O     1 
HETATM 1063 O  O     . HOH D 4 .   ? -18.184 -1.401  4.975   1.00 23.99 ? 350 HOH A O     1 
HETATM 1064 O  O     . HOH D 4 .   ? -5.163  4.601   -15.253 1.00 27.10 ? 351 HOH A O     1 
HETATM 1065 O  O     . HOH D 4 .   ? -9.136  -9.680  -7.272  1.00 17.97 ? 352 HOH A O     1 
HETATM 1066 O  O     . HOH D 4 .   ? 3.051   6.085   -12.786 1.00 37.03 ? 353 HOH A O     1 
HETATM 1067 O  O     . HOH D 4 .   ? -8.954  4.753   -13.027 1.00 14.04 ? 354 HOH A O     1 
HETATM 1068 O  O     . HOH D 4 .   ? 12.894  4.772   4.779   1.00 35.64 ? 355 HOH A O     1 
HETATM 1069 O  O     . HOH D 4 .   ? 4.835   17.721  9.330   1.00 33.47 ? 356 HOH A O     1 
HETATM 1070 O  O     . HOH D 4 .   ? -8.057  -12.168 -1.491  1.00 23.68 ? 357 HOH A O     1 
HETATM 1071 O  O     . HOH D 4 .   ? -11.157 8.809   -0.888  1.00 14.61 ? 358 HOH A O     1 
HETATM 1072 O  O     . HOH D 4 .   ? -3.472  -13.228 -1.889  1.00 30.90 ? 359 HOH A O     1 
HETATM 1073 O  O     . HOH D 4 .   ? 12.525  3.796   -3.550  1.00 20.44 ? 360 HOH A O     1 
HETATM 1074 O  O     . HOH D 4 .   ? 9.462   0.685   14.081  1.00 35.64 ? 361 HOH A O     1 
HETATM 1075 O  O     . HOH D 4 .   ? -1.775  1.180   -14.801 1.00 16.15 ? 362 HOH A O     1 
HETATM 1076 O  O     . HOH D 4 .   ? -10.730 3.803   -6.652  1.00 13.58 ? 363 HOH A O     1 
HETATM 1077 O  O     . HOH D 4 .   ? 1.040   1.973   15.652  1.00 31.09 ? 364 HOH A O     1 
HETATM 1078 O  O     . HOH D 4 .   ? 2.642   -9.116  3.015   1.00 35.60 ? 365 HOH A O     1 
HETATM 1079 O  O     . HOH D 4 .   ? -12.063 5.067   0.346   1.00 17.65 ? 366 HOH A O     1 
HETATM 1080 O  O     . HOH D 4 .   ? -16.204 0.328   3.847   1.00 27.48 ? 367 HOH A O     1 
HETATM 1081 O  O     . HOH D 4 .   ? -15.108 4.972   -0.586  1.00 30.45 ? 368 HOH A O     1 
HETATM 1082 O  O     . HOH D 4 .   ? -15.017 3.064   -4.162  0.50 11.72 ? 369 HOH A O     1 
HETATM 1083 O  O     . HOH D 4 .   ? 0.416   10.318  -8.032  1.00 34.72 ? 370 HOH A O     1 
HETATM 1084 O  O     . HOH D 4 .   ? -11.654 -7.619  -3.544  1.00 21.62 ? 371 HOH A O     1 
HETATM 1085 O  O     . HOH D 4 .   ? 3.799   -7.900  7.199   1.00 21.29 ? 372 HOH A O     1 
HETATM 1086 O  O     . HOH D 4 .   ? 3.966   -12.346 0.847   1.00 34.72 ? 373 HOH A O     1 
HETATM 1087 O  O     . HOH D 4 .   ? -17.517 -2.400  8.253   1.00 41.11 ? 374 HOH A O     1 
HETATM 1088 O  O     . HOH D 4 .   ? -2.731  6.002   -13.810 1.00 18.25 ? 375 HOH A O     1 
HETATM 1089 O  O     . HOH D 4 .   ? 15.049  -1.966  5.614   1.00 22.71 ? 376 HOH A O     1 
HETATM 1090 O  O     . HOH D 4 .   ? -11.809 -9.078  7.771   1.00 18.34 ? 377 HOH A O     1 
HETATM 1091 O  O     . HOH D 4 .   ? -7.900  8.666   -4.210  1.00 16.54 ? 378 HOH A O     1 
HETATM 1092 O  O     . HOH D 4 .   ? 1.879   -9.957  0.050   1.00 21.42 ? 379 HOH A O     1 
HETATM 1093 O  O     . HOH D 4 .   ? -15.091 -5.152  7.980   1.00 29.58 ? 380 HOH A O     1 
HETATM 1094 O  O     . HOH D 4 .   ? 7.084   4.968   -13.511 1.00 25.02 ? 381 HOH A O     1 
HETATM 1095 O  O     . HOH D 4 .   ? 10.539  5.070   -12.112 1.00 35.89 ? 382 HOH A O     1 
HETATM 1096 O  O     . HOH D 4 .   ? -8.892  -13.292 0.782   1.00 39.59 ? 383 HOH A O     1 
HETATM 1097 O  O     . HOH D 4 .   ? -14.143 5.745   2.181   1.00 30.55 ? 384 HOH A O     1 
HETATM 1098 O  O     . HOH D 4 .   ? 15.983  -11.793 7.265   1.00 20.60 ? 385 HOH A O     1 
HETATM 1099 O  O     . HOH D 4 .   ? -4.191  15.645  5.533   1.00 30.01 ? 386 HOH A O     1 
HETATM 1100 O  O     . HOH D 4 .   ? -3.542  -1.562  14.178  1.00 20.64 ? 387 HOH A O     1 
HETATM 1101 O  O     . HOH D 4 .   ? 7.103   5.709   12.354  1.00 21.81 ? 388 HOH A O     1 
HETATM 1102 O  O     . HOH D 4 .   ? -11.007 -2.268  -9.066  1.00 18.80 ? 389 HOH A O     1 
HETATM 1103 O  O     . HOH D 4 .   ? -20.129 9.437   6.806   1.00 36.58 ? 390 HOH A O     1 
HETATM 1104 O  O     . HOH D 4 .   ? 13.631  0.979   -3.911  1.00 37.01 ? 391 HOH A O     1 
HETATM 1105 O  O     . HOH D 4 .   ? 10.293  10.251  4.912   1.00 30.56 ? 392 HOH A O     1 
HETATM 1106 O  O     . HOH D 4 .   ? -1.179  2.172   14.772  1.00 51.69 ? 393 HOH A O     1 
HETATM 1107 O  O     . HOH D 4 .   ? 12.655  -2.194  -11.305 1.00 44.98 ? 394 HOH A O     1 
HETATM 1108 O  O     . HOH D 4 .   ? -9.877  -4.959  -9.007  1.00 29.44 ? 395 HOH A O     1 
HETATM 1109 O  O     . HOH D 4 .   ? 3.452   -7.006  4.565   1.00 24.54 ? 396 HOH A O     1 
HETATM 1110 O  O     . HOH D 4 .   ? -6.190  9.827   11.667  1.00 38.16 ? 397 HOH A O     1 
HETATM 1111 O  O     . HOH D 4 .   ? 2.842   0.420   15.845  1.00 33.41 ? 398 HOH A O     1 
HETATM 1112 O  O     . HOH D 4 .   ? -3.793  -11.913 5.823   1.00 40.62 ? 399 HOH A O     1 
HETATM 1113 O  O     . HOH D 4 .   ? -14.728 0.994   6.965   1.00 39.44 ? 400 HOH A O     1 
HETATM 1114 O  O     . HOH D 4 .   ? -5.280  5.290   12.981  1.00 19.20 ? 401 HOH A O     1 
HETATM 1115 O  O     . HOH D 4 .   ? 5.983   1.175   16.089  1.00 35.32 ? 402 HOH A O     1 
HETATM 1116 O  O     . HOH D 4 .   ? -0.999  -9.886  11.872  1.00 34.44 ? 403 HOH A O     1 
HETATM 1117 O  O     . HOH D 4 .   ? 4.411   -9.438  -12.850 1.00 40.13 ? 404 HOH A O     1 
HETATM 1118 O  O     . HOH D 4 .   ? -10.733 -8.600  -8.778  1.00 42.09 ? 405 HOH A O     1 
HETATM 1119 O  O     . HOH D 4 .   ? -2.801  -10.320 13.246  1.00 48.39 ? 406 HOH A O     1 
HETATM 1120 O  O     . HOH D 4 .   ? -4.670  17.179  -4.089  1.00 35.64 ? 407 HOH A O     1 
HETATM 1121 O  O     . HOH D 4 .   ? -11.999 1.386   -10.349 1.00 31.66 ? 408 HOH A O     1 
HETATM 1122 O  O     . HOH D 4 .   ? 13.187  -1.299  0.722   1.00 17.79 ? 409 HOH A O     1 
HETATM 1123 O  O     . HOH D 4 .   ? 6.874   3.172   13.939  1.00 19.90 ? 410 HOH A O     1 
HETATM 1124 O  O     . HOH D 4 .   ? 9.616   0.632   -14.584 1.00 39.71 ? 411 HOH A O     1 
HETATM 1125 O  O     . HOH D 4 .   ? -0.913  -2.953  16.890  1.00 45.32 ? 412 HOH A O     1 
HETATM 1126 O  O     . HOH D 4 .   ? 10.938  8.009   6.007   1.00 26.88 ? 413 HOH A O     1 
HETATM 1127 O  O     . HOH D 4 .   ? 6.528   -2.018  -14.170 1.00 28.09 ? 414 HOH A O     1 
HETATM 1128 O  O     . HOH D 4 .   ? -15.035 11.189  11.383  1.00 37.64 ? 415 HOH A O     1 
HETATM 1129 O  O     . HOH D 4 .   ? -2.563  -4.019  15.633  1.00 39.80 ? 416 HOH A O     1 
HETATM 1130 O  O     . HOH D 4 .   ? 0.437   3.012   -15.303 1.00 31.86 ? 417 HOH A O     1 
HETATM 1131 O  O     . HOH D 4 .   ? -4.145  15.047  -5.841  1.00 30.76 ? 418 HOH A O     1 
HETATM 1132 O  O     . HOH D 4 .   ? -8.513  7.209   -9.197  1.00 12.25 ? 419 HOH A O     1 
HETATM 1133 O  O     . HOH D 4 .   ? -19.749 10.633  10.108  1.00 22.02 ? 420 HOH A O     1 
HETATM 1134 O  O     . HOH D 4 .   ? -11.004 1.903   9.870   1.00 30.39 ? 421 HOH A O     1 
HETATM 1135 O  O     . HOH D 4 .   ? 12.382  -7.848  1.351   1.00 42.70 ? 422 HOH A O     1 
HETATM 1136 O  O     . HOH D 4 .   ? 10.649  6.101   -7.889  1.00 34.89 ? 423 HOH A O     1 
HETATM 1137 O  O     . HOH D 4 .   ? 17.116  -2.619  -10.625 1.00 47.15 ? 424 HOH A O     1 
HETATM 1138 O  O     . HOH D 4 .   ? -13.239 -12.580 -2.642  1.00 30.30 ? 425 HOH A O     1 
HETATM 1139 O  O     . HOH D 4 .   ? -7.167  -12.624 -12.126 1.00 36.55 ? 426 HOH A O     1 
HETATM 1140 O  O     . HOH D 4 .   ? -9.463  -13.274 2.918   1.00 33.92 ? 427 HOH A O     1 
HETATM 1141 O  O     . HOH D 4 .   ? -21.234 -1.473  0.442   1.00 42.01 ? 428 HOH A O     1 
HETATM 1142 O  O     . HOH D 4 .   ? -7.808  20.359  -1.111  1.00 46.75 ? 429 HOH A O     1 
HETATM 1143 O  O     . HOH D 4 .   ? -2.036  -12.279 3.813   1.00 47.84 ? 430 HOH A O     1 
HETATM 1144 O  O     . HOH D 4 .   ? 5.694   8.546   12.905  1.00 31.75 ? 431 HOH A O     1 
HETATM 1145 O  O     . HOH D 4 .   ? -13.707 -0.378  -10.167 1.00 30.46 ? 432 HOH A O     1 
HETATM 1146 O  O     . HOH D 4 .   ? -10.572 6.736   8.010   1.00 43.08 ? 433 HOH A O     1 
HETATM 1147 O  O     . HOH D 4 .   ? 1.086   9.862   -10.907 1.00 38.01 ? 434 HOH A O     1 
HETATM 1148 O  O     . HOH D 4 .   ? -10.414 -9.674  -4.713  1.00 21.04 ? 435 HOH A O     1 
HETATM 1149 O  O     . HOH D 4 .   ? -10.663 -4.987  -12.020 1.00 33.26 ? 436 HOH A O     1 
HETATM 1150 O  O     . HOH D 4 .   ? 0.422   -8.654  14.994  1.00 45.89 ? 437 HOH A O     1 
HETATM 1151 O  O     . HOH D 4 .   ? -1.837  14.997  -6.197  1.00 39.59 ? 438 HOH A O     1 
HETATM 1152 O  O     . HOH D 4 .   ? -5.939  -14.359 -1.708  1.00 28.33 ? 439 HOH A O     1 
HETATM 1153 O  O     . HOH D 4 .   ? 14.734  -0.727  -1.378  1.00 30.69 ? 440 HOH A O     1 
HETATM 1154 O  O     . HOH D 4 .   ? -9.035  5.961   -6.684  1.00 15.86 ? 441 HOH A O     1 
HETATM 1155 O  O     . HOH D 4 .   ? -11.704 3.800   -9.237  1.00 17.95 ? 442 HOH A O     1 
HETATM 1156 O  O     . HOH D 4 .   ? -1.544  -16.622 -18.129 1.00 40.52 ? 443 HOH A O     1 
HETATM 1157 O  O     . HOH D 4 .   ? 8.777   -12.302 3.972   1.00 45.20 ? 444 HOH A O     1 
HETATM 1158 O  O     . HOH D 4 .   ? -6.693  -1.416  12.744  1.00 50.55 ? 445 HOH A O     1 
HETATM 1159 O  O     . HOH D 4 .   ? -12.522 -11.382 -5.184  1.00 26.56 ? 446 HOH A O     1 
HETATM 1160 O  O     . HOH D 4 .   ? 10.592  -12.908 9.242   1.00 42.58 ? 447 HOH A O     1 
HETATM 1161 O  O     . HOH D 4 .   ? 10.271  -11.686 -8.532  1.00 45.32 ? 448 HOH A O     1 
HETATM 1162 O  O     . HOH D 4 .   ? 1.688   -12.334 1.409   1.00 26.87 ? 449 HOH A O     1 
HETATM 1163 O  O     . HOH D 4 .   ? -3.225  -6.311  15.902  1.00 37.72 ? 450 HOH A O     1 
HETATM 1164 O  O     . HOH D 4 .   ? 9.782   -13.490 5.868   1.00 27.00 ? 451 HOH A O     1 
HETATM 1165 O  O     . HOH D 4 .   ? -16.919 12.478  12.845  1.00 18.13 ? 452 HOH A O     1 
HETATM 1166 O  O     . HOH D 4 .   ? -4.305  -16.421 -17.717 1.00 43.21 ? 453 HOH A O     1 
HETATM 1167 O  O     . HOH D 4 .   ? -9.350  -12.429 -3.599  1.00 25.75 ? 454 HOH A O     1 
HETATM 1168 O  O     . HOH D 4 .   ? -8.981  -12.352 -7.941  1.00 35.44 ? 455 HOH A O     1 
HETATM 1169 O  O     . HOH D 4 .   ? -8.511  8.958   11.456  1.00 33.21 ? 456 HOH A O     1 
HETATM 1170 O  O     . HOH D 4 .   ? -9.707  -9.158  -17.068 1.00 29.86 ? 457 HOH A O     1 
HETATM 1171 O  O     . HOH D 4 .   ? 6.785   -14.088 9.271   1.00 36.80 ? 458 HOH A O     1 
HETATM 1172 O  O     . HOH D 4 .   ? -9.703  8.256   -6.093  0.50 27.56 ? 459 HOH A O     1 
HETATM 1173 O  O     . HOH D 4 .   ? -12.418 2.336   7.327   1.00 27.82 ? 460 HOH A O     1 
HETATM 1174 O  O     . HOH D 4 .   ? -8.381  -14.062 -5.565  1.00 41.49 ? 461 HOH A O     1 
HETATM 1175 O  O     . HOH D 4 .   ? 10.640  7.809   -12.140 1.00 41.58 ? 462 HOH A O     1 
HETATM 1176 O  O     . HOH D 4 .   ? 12.701  5.150   -6.064  1.00 25.61 ? 463 HOH A O     1 
# 
loop_
_pdbx_poly_seq_scheme.asym_id 
_pdbx_poly_seq_scheme.entity_id 
_pdbx_poly_seq_scheme.seq_id 
_pdbx_poly_seq_scheme.mon_id 
_pdbx_poly_seq_scheme.ndb_seq_num 
_pdbx_poly_seq_scheme.pdb_seq_num 
_pdbx_poly_seq_scheme.auth_seq_num 
_pdbx_poly_seq_scheme.pdb_mon_id 
_pdbx_poly_seq_scheme.auth_mon_id 
_pdbx_poly_seq_scheme.pdb_strand_id 
_pdbx_poly_seq_scheme.pdb_ins_code 
_pdbx_poly_seq_scheme.hetero 
A 1 1   MET 1   -19 ?   ?   ?   A . n 
A 1 2   GLY 2   -18 ?   ?   ?   A . n 
A 1 3   SER 3   -17 ?   ?   ?   A . n 
A 1 4   SER 4   -16 ?   ?   ?   A . n 
A 1 5   HIS 5   -15 ?   ?   ?   A . n 
A 1 6   HIS 6   -14 ?   ?   ?   A . n 
A 1 7   HIS 7   -13 ?   ?   ?   A . n 
A 1 8   HIS 8   -12 ?   ?   ?   A . n 
A 1 9   HIS 9   -11 ?   ?   ?   A . n 
A 1 10  HIS 10  -10 ?   ?   ?   A . n 
A 1 11  SER 11  -9  ?   ?   ?   A . n 
A 1 12  SER 12  -8  ?   ?   ?   A . n 
A 1 13  GLY 13  -7  ?   ?   ?   A . n 
A 1 14  LEU 14  -6  ?   ?   ?   A . n 
A 1 15  VAL 15  -5  ?   ?   ?   A . n 
A 1 16  PRO 16  -4  ?   ?   ?   A . n 
A 1 17  ARG 17  -3  ?   ?   ?   A . n 
A 1 18  GLY 18  -2  ?   ?   ?   A . n 
A 1 19  SER 19  -1  ?   ?   ?   A . n 
A 1 20  HIS 20  0   ?   ?   ?   A . n 
A 1 21  MET 21  1   ?   ?   ?   A . n 
A 1 22  THR 22  2   ?   ?   ?   A . n 
A 1 23  LYS 23  3   3   LYS LYS A . n 
A 1 24  GLN 24  4   4   GLN GLN A . n 
A 1 25  ILE 25  5   5   ILE ILE A . n 
A 1 26  VAL 26  6   6   VAL VAL A . n 
A 1 27  VAL 27  7   7   VAL VAL A . n 
A 1 28  ALA 28  8   8   ALA ALA A . n 
A 1 29  GLY 29  9   9   GLY GLY A . n 
A 1 30  ALA 30  10  10  ALA ALA A . n 
A 1 31  LEU 31  11  11  LEU LEU A . n 
A 1 32  ILE 32  12  12  ILE ILE A . n 
A 1 33  SER 33  13  13  SER SER A . n 
A 1 34  ARG 34  14  14  ARG ARG A . n 
A 1 35  GLY 35  15  15  GLY GLY A . n 
A 1 36  THR 36  16  16  THR THR A . n 
A 1 37  LEU 37  17  17  LEU LEU A . n 
A 1 38  LEU 38  18  18  LEU LEU A . n 
A 1 39  VAL 39  19  19  VAL VAL A . n 
A 1 40  ALA 40  20  20  ALA ALA A . n 
A 1 41  GLN 41  21  21  GLN GLN A . n 
A 1 42  ARG 42  22  22  ARG ARG A . n 
A 1 43  ASP 43  23  23  ASP ASP A . n 
A 1 44  ARG 44  24  24  ARG ARG A . n 
A 1 45  PRO 45  25  25  PRO PRO A . n 
A 1 46  ALA 46  26  26  ALA ALA A . n 
A 1 47  GLU 47  27  27  GLU GLU A . n 
A 1 48  LEU 48  28  28  LEU LEU A . n 
A 1 49  ALA 49  29  29  ALA ALA A . n 
A 1 50  GLY 50  30  30  GLY GLY A . n 
A 1 51  LEU 51  31  31  LEU LEU A . n 
A 1 52  TRP 52  32  32  TRP TRP A . n 
A 1 53  GLU 53  33  33  GLU GLU A . n 
A 1 54  LEU 54  34  34  LEU LEU A . n 
A 1 55  PRO 55  35  35  PRO PRO A . n 
A 1 56  GLY 56  36  36  GLY GLY A . n 
A 1 57  GLY 57  37  37  GLY GLY A . n 
A 1 58  LYS 58  38  38  LYS LYS A . n 
A 1 59  VAL 59  39  39  VAL VAL A . n 
A 1 60  THR 60  40  40  THR THR A . n 
A 1 61  PRO 61  41  41  PRO PRO A . n 
A 1 62  GLY 62  42  42  GLY GLY A . n 
A 1 63  GLU 63  43  43  GLU GLU A . n 
A 1 64  SER 64  44  44  SER SER A . n 
A 1 65  ASP 65  45  45  ASP ASP A . n 
A 1 66  ALA 66  46  46  ALA ALA A . n 
A 1 67  ASP 67  47  47  ASP ASP A . n 
A 1 68  ALA 68  48  48  ALA ALA A . n 
A 1 69  LEU 69  49  49  LEU LEU A . n 
A 1 70  ALA 70  50  50  ALA ALA A . n 
A 1 71  ARG 71  51  51  ARG ARG A . n 
A 1 72  GLU 72  52  52  GLU GLU A . n 
A 1 73  LEU 73  53  53  LEU LEU A . n 
A 1 74  ARG 74  54  54  ARG ARG A . n 
A 1 75  GLU 75  55  55  GLU GLU A . n 
A 1 76  GLU 76  56  56  GLU GLU A . n 
A 1 77  LEU 77  57  57  LEU LEU A . n 
A 1 78  GLY 78  58  58  GLY GLY A . n 
A 1 79  VAL 79  59  59  VAL VAL A . n 
A 1 80  ASP 80  60  60  ASP ASP A . n 
A 1 81  VAL 81  61  61  VAL VAL A . n 
A 1 82  ALA 82  62  62  ALA ALA A . n 
A 1 83  VAL 83  63  63  VAL VAL A . n 
A 1 84  GLY 84  64  64  GLY GLY A . n 
A 1 85  GLU 85  65  65  GLU GLU A . n 
A 1 86  ARG 86  66  66  ARG ARG A . n 
A 1 87  LEU 87  67  67  LEU LEU A . n 
A 1 88  GLY 88  68  68  GLY GLY A . n 
A 1 89  ALA 89  69  69  ALA ALA A . n 
A 1 90  ASP 90  70  70  ASP ASP A . n 
A 1 91  VAL 91  71  71  VAL VAL A . n 
A 1 92  ALA 92  72  72  ALA ALA A . n 
A 1 93  LEU 93  73  73  LEU LEU A . n 
A 1 94  ASN 94  74  74  ASN ASN A . n 
A 1 95  ASP 95  75  75  ASP ASP A . n 
A 1 96  ALA 96  76  76  ALA ALA A . n 
A 1 97  MET 97  77  77  MET MET A . n 
A 1 98  THR 98  78  78  THR THR A . n 
A 1 99  LEU 99  79  79  LEU LEU A . n 
A 1 100 ARG 100 80  80  ARG ARG A . n 
A 1 101 ALA 101 81  81  ALA ALA A . n 
A 1 102 TYR 102 82  82  TYR TYR A . n 
A 1 103 ARG 103 83  83  ARG ARG A . n 
A 1 104 VAL 104 84  84  VAL VAL A . n 
A 1 105 THR 105 85  85  THR THR A . n 
A 1 106 LEU 106 86  86  LEU LEU A . n 
A 1 107 ARG 107 87  87  ARG ARG A . n 
A 1 108 SER 108 88  88  SER SER A . n 
A 1 109 GLY 109 89  89  GLY GLY A . n 
A 1 110 SER 110 90  90  SER SER A . n 
A 1 111 PRO 111 91  91  PRO PRO A . n 
A 1 112 HIS 112 92  92  HIS HIS A . n 
A 1 113 PRO 113 93  93  PRO PRO A . n 
A 1 114 HIS 114 94  94  HIS HIS A . n 
A 1 115 ASP 115 95  95  ASP ASP A . n 
A 1 116 HIS 116 96  96  HIS HIS A . n 
A 1 117 ARG 117 97  97  ARG ARG A . n 
A 1 118 ALA 118 98  98  ALA ALA A . n 
A 1 119 LEU 119 99  99  LEU LEU A . n 
A 1 120 ARG 120 100 100 ARG ARG A . n 
A 1 121 TRP 121 101 101 TRP TRP A . n 
A 1 122 VAL 122 102 102 VAL VAL A . n 
A 1 123 GLY 123 103 103 GLY GLY A . n 
A 1 124 ALA 124 104 104 ALA ALA A . n 
A 1 125 ASP 125 105 105 ASP ASP A . n 
A 1 126 GLU 126 106 106 GLU GLU A . n 
A 1 127 ILE 127 107 107 ILE ILE A . n 
A 1 128 ASP 128 108 108 ASP ASP A . n 
A 1 129 GLY 129 109 109 GLY GLY A . n 
A 1 130 LEU 130 110 110 LEU LEU A . n 
A 1 131 ALA 131 111 111 ALA ALA A . n 
A 1 132 TRP 132 112 112 TRP TRP A . n 
A 1 133 VAL 133 113 113 VAL VAL A . n 
A 1 134 PRO 134 114 114 PRO PRO A . n 
A 1 135 ALA 135 115 115 ALA ALA A . n 
A 1 136 ASP 136 116 116 ASP ASP A . n 
A 1 137 ARG 137 117 117 ARG ARG A . n 
A 1 138 ALA 138 118 118 ALA ALA A . n 
A 1 139 TRP 139 119 119 TRP TRP A . n 
A 1 140 VAL 140 120 120 VAL VAL A . n 
A 1 141 PRO 141 121 121 PRO PRO A . n 
A 1 142 ASP 142 122 122 ASP ASP A . n 
A 1 143 LEU 143 123 123 LEU LEU A . n 
A 1 144 VAL 144 124 124 VAL VAL A . n 
A 1 145 ALA 145 125 125 ALA ALA A . n 
A 1 146 ALA 146 126 126 ALA ALA A . n 
A 1 147 LEU 147 127 127 LEU LEU A . n 
A 1 148 SER 148 128 128 SER SER A . n 
A 1 149 GLY 149 129 ?   ?   ?   A . n 
A 1 150 ARG 150 130 ?   ?   ?   A . n 
# 
loop_
_pdbx_nonpoly_scheme.asym_id 
_pdbx_nonpoly_scheme.entity_id 
_pdbx_nonpoly_scheme.mon_id 
_pdbx_nonpoly_scheme.ndb_seq_num 
_pdbx_nonpoly_scheme.pdb_seq_num 
_pdbx_nonpoly_scheme.auth_seq_num 
_pdbx_nonpoly_scheme.pdb_mon_id 
_pdbx_nonpoly_scheme.auth_mon_id 
_pdbx_nonpoly_scheme.pdb_strand_id 
_pdbx_nonpoly_scheme.pdb_ins_code 
B 2 9L3 1   201 1   9L3 523 A . 
C 3 MG  1   202 1   MG  MG  A . 
D 4 HOH 1   301 138 HOH HOH A . 
D 4 HOH 2   302 72  HOH HOH A . 
D 4 HOH 3   303 56  HOH HOH A . 
D 4 HOH 4   304 165 HOH HOH A . 
D 4 HOH 5   305 88  HOH HOH A . 
D 4 HOH 6   306 50  HOH HOH A . 
D 4 HOH 7   307 185 HOH HOH A . 
D 4 HOH 8   308 45  HOH HOH A . 
D 4 HOH 9   309 12  HOH HOH A . 
D 4 HOH 10  310 110 HOH HOH A . 
D 4 HOH 11  311 145 HOH HOH A . 
D 4 HOH 12  312 26  HOH HOH A . 
D 4 HOH 13  313 79  HOH HOH A . 
D 4 HOH 14  314 49  HOH HOH A . 
D 4 HOH 15  315 52  HOH HOH A . 
D 4 HOH 16  316 22  HOH HOH A . 
D 4 HOH 17  317 97  HOH HOH A . 
D 4 HOH 18  318 42  HOH HOH A . 
D 4 HOH 19  319 190 HOH HOH A . 
D 4 HOH 20  320 34  HOH HOH A . 
D 4 HOH 21  321 114 HOH HOH A . 
D 4 HOH 22  322 47  HOH HOH A . 
D 4 HOH 23  323 30  HOH HOH A . 
D 4 HOH 24  324 55  HOH HOH A . 
D 4 HOH 25  325 13  HOH HOH A . 
D 4 HOH 26  326 92  HOH HOH A . 
D 4 HOH 27  327 64  HOH HOH A . 
D 4 HOH 28  328 101 HOH HOH A . 
D 4 HOH 29  329 14  HOH HOH A . 
D 4 HOH 30  330 140 HOH HOH A . 
D 4 HOH 31  331 51  HOH HOH A . 
D 4 HOH 32  332 182 HOH HOH A . 
D 4 HOH 33  333 37  HOH HOH A . 
D 4 HOH 34  334 107 HOH HOH A . 
D 4 HOH 35  335 31  HOH HOH A . 
D 4 HOH 36  336 169 HOH HOH A . 
D 4 HOH 37  337 57  HOH HOH A . 
D 4 HOH 38  338 11  HOH HOH A . 
D 4 HOH 39  339 87  HOH HOH A . 
D 4 HOH 40  340 35  HOH HOH A . 
D 4 HOH 41  341 70  HOH HOH A . 
D 4 HOH 42  342 94  HOH HOH A . 
D 4 HOH 43  343 43  HOH HOH A . 
D 4 HOH 44  344 28  HOH HOH A . 
D 4 HOH 45  345 109 HOH HOH A . 
D 4 HOH 46  346 8   HOH HOH A . 
D 4 HOH 47  347 102 HOH HOH A . 
D 4 HOH 48  348 188 HOH HOH A . 
D 4 HOH 49  349 179 HOH HOH A . 
D 4 HOH 50  350 27  HOH HOH A . 
D 4 HOH 51  351 175 HOH HOH A . 
D 4 HOH 52  352 29  HOH HOH A . 
D 4 HOH 53  353 168 HOH HOH A . 
D 4 HOH 54  354 166 HOH HOH A . 
D 4 HOH 55  355 93  HOH HOH A . 
D 4 HOH 56  356 124 HOH HOH A . 
D 4 HOH 57  357 60  HOH HOH A . 
D 4 HOH 58  358 25  HOH HOH A . 
D 4 HOH 59  359 63  HOH HOH A . 
D 4 HOH 60  360 48  HOH HOH A . 
D 4 HOH 61  361 184 HOH HOH A . 
D 4 HOH 62  362 186 HOH HOH A . 
D 4 HOH 63  363 21  HOH HOH A . 
D 4 HOH 64  364 100 HOH HOH A . 
D 4 HOH 65  365 68  HOH HOH A . 
D 4 HOH 66  366 4   HOH HOH A . 
D 4 HOH 67  367 76  HOH HOH A . 
D 4 HOH 68  368 65  HOH HOH A . 
D 4 HOH 69  369 187 HOH HOH A . 
D 4 HOH 70  370 157 HOH HOH A . 
D 4 HOH 71  371 53  HOH HOH A . 
D 4 HOH 72  372 7   HOH HOH A . 
D 4 HOH 73  373 121 HOH HOH A . 
D 4 HOH 74  374 159 HOH HOH A . 
D 4 HOH 75  375 33  HOH HOH A . 
D 4 HOH 76  376 74  HOH HOH A . 
D 4 HOH 77  377 69  HOH HOH A . 
D 4 HOH 78  378 16  HOH HOH A . 
D 4 HOH 79  379 139 HOH HOH A . 
D 4 HOH 80  380 170 HOH HOH A . 
D 4 HOH 81  381 20  HOH HOH A . 
D 4 HOH 82  382 146 HOH HOH A . 
D 4 HOH 83  383 99  HOH HOH A . 
D 4 HOH 84  384 39  HOH HOH A . 
D 4 HOH 85  385 183 HOH HOH A . 
D 4 HOH 86  386 59  HOH HOH A . 
D 4 HOH 87  387 19  HOH HOH A . 
D 4 HOH 88  388 41  HOH HOH A . 
D 4 HOH 89  389 44  HOH HOH A . 
D 4 HOH 90  390 164 HOH HOH A . 
D 4 HOH 91  391 148 HOH HOH A . 
D 4 HOH 92  392 66  HOH HOH A . 
D 4 HOH 93  393 122 HOH HOH A . 
D 4 HOH 94  394 112 HOH HOH A . 
D 4 HOH 95  395 77  HOH HOH A . 
D 4 HOH 96  396 32  HOH HOH A . 
D 4 HOH 97  397 154 HOH HOH A . 
D 4 HOH 98  398 82  HOH HOH A . 
D 4 HOH 99  399 126 HOH HOH A . 
D 4 HOH 100 400 91  HOH HOH A . 
D 4 HOH 101 401 9   HOH HOH A . 
D 4 HOH 102 402 119 HOH HOH A . 
D 4 HOH 103 403 61  HOH HOH A . 
D 4 HOH 104 404 151 HOH HOH A . 
D 4 HOH 105 405 156 HOH HOH A . 
D 4 HOH 106 406 173 HOH HOH A . 
D 4 HOH 107 407 167 HOH HOH A . 
D 4 HOH 108 408 143 HOH HOH A . 
D 4 HOH 109 409 23  HOH HOH A . 
D 4 HOH 110 410 40  HOH HOH A . 
D 4 HOH 111 411 75  HOH HOH A . 
D 4 HOH 112 412 171 HOH HOH A . 
D 4 HOH 113 413 46  HOH HOH A . 
D 4 HOH 114 414 54  HOH HOH A . 
D 4 HOH 115 415 81  HOH HOH A . 
D 4 HOH 116 416 116 HOH HOH A . 
D 4 HOH 117 417 130 HOH HOH A . 
D 4 HOH 118 418 73  HOH HOH A . 
D 4 HOH 119 419 3   HOH HOH A . 
D 4 HOH 120 420 58  HOH HOH A . 
D 4 HOH 121 421 83  HOH HOH A . 
D 4 HOH 122 422 85  HOH HOH A . 
D 4 HOH 123 423 95  HOH HOH A . 
D 4 HOH 124 424 153 HOH HOH A . 
D 4 HOH 125 425 120 HOH HOH A . 
D 4 HOH 126 426 80  HOH HOH A . 
D 4 HOH 127 427 125 HOH HOH A . 
D 4 HOH 128 428 103 HOH HOH A . 
D 4 HOH 129 429 191 HOH HOH A . 
D 4 HOH 130 430 160 HOH HOH A . 
D 4 HOH 131 431 71  HOH HOH A . 
D 4 HOH 132 432 144 HOH HOH A . 
D 4 HOH 133 433 133 HOH HOH A . 
D 4 HOH 134 434 131 HOH HOH A . 
D 4 HOH 135 435 132 HOH HOH A . 
D 4 HOH 136 436 142 HOH HOH A . 
D 4 HOH 137 437 161 HOH HOH A . 
D 4 HOH 138 438 176 HOH HOH A . 
D 4 HOH 139 439 135 HOH HOH A . 
D 4 HOH 140 440 86  HOH HOH A . 
D 4 HOH 141 441 5   HOH HOH A . 
D 4 HOH 142 442 36  HOH HOH A . 
D 4 HOH 143 443 178 HOH HOH A . 
D 4 HOH 144 444 181 HOH HOH A . 
D 4 HOH 145 445 111 HOH HOH A . 
D 4 HOH 146 446 134 HOH HOH A . 
D 4 HOH 147 447 108 HOH HOH A . 
D 4 HOH 148 448 149 HOH HOH A . 
D 4 HOH 149 449 136 HOH HOH A . 
D 4 HOH 150 450 172 HOH HOH A . 
D 4 HOH 151 451 180 HOH HOH A . 
D 4 HOH 152 452 18  HOH HOH A . 
D 4 HOH 153 453 123 HOH HOH A . 
D 4 HOH 154 454 78  HOH HOH A . 
D 4 HOH 155 455 118 HOH HOH A . 
D 4 HOH 156 456 163 HOH HOH A . 
D 4 HOH 157 457 117 HOH HOH A . 
D 4 HOH 158 458 113 HOH HOH A . 
D 4 HOH 159 459 158 HOH HOH A . 
D 4 HOH 160 460 104 HOH HOH A . 
D 4 HOH 161 461 106 HOH HOH A . 
D 4 HOH 162 462 147 HOH HOH A . 
D 4 HOH 163 463 62  HOH HOH A . 
# 
_pdbx_struct_assembly.id                   1 
_pdbx_struct_assembly.details              author_and_software_defined_assembly 
_pdbx_struct_assembly.method_details       PISA 
_pdbx_struct_assembly.oligomeric_details   monomeric 
_pdbx_struct_assembly.oligomeric_count     1 
# 
_pdbx_struct_assembly_gen.assembly_id       1 
_pdbx_struct_assembly_gen.oper_expression   1 
_pdbx_struct_assembly_gen.asym_id_list      A,B,C,D 
# 
loop_
_pdbx_struct_assembly_prop.biol_id 
_pdbx_struct_assembly_prop.type 
_pdbx_struct_assembly_prop.value 
_pdbx_struct_assembly_prop.details 
1 'ABSA (A^2)' 100  ? 
1 MORE         -9   ? 
1 'SSA (A^2)'  6280 ? 
# 
_pdbx_struct_oper_list.id                   1 
_pdbx_struct_oper_list.type                 'identity operation' 
_pdbx_struct_oper_list.name                 1_555 
_pdbx_struct_oper_list.symmetry_operation   x,y,z 
_pdbx_struct_oper_list.matrix[1][1]         1.0000000000 
_pdbx_struct_oper_list.matrix[1][2]         0.0000000000 
_pdbx_struct_oper_list.matrix[1][3]         0.0000000000 
_pdbx_struct_oper_list.vector[1]            0.0000000000 
_pdbx_struct_oper_list.matrix[2][1]         0.0000000000 
_pdbx_struct_oper_list.matrix[2][2]         1.0000000000 
_pdbx_struct_oper_list.matrix[2][3]         0.0000000000 
_pdbx_struct_oper_list.vector[2]            0.0000000000 
_pdbx_struct_oper_list.matrix[3][1]         0.0000000000 
_pdbx_struct_oper_list.matrix[3][2]         0.0000000000 
_pdbx_struct_oper_list.matrix[3][3]         1.0000000000 
_pdbx_struct_oper_list.vector[3]            0.0000000000 
# 
_pdbx_struct_special_symmetry.id              1 
_pdbx_struct_special_symmetry.PDB_model_num   1 
_pdbx_struct_special_symmetry.auth_asym_id    A 
_pdbx_struct_special_symmetry.auth_comp_id    HOH 
_pdbx_struct_special_symmetry.auth_seq_id     459 
_pdbx_struct_special_symmetry.PDB_ins_code    ? 
_pdbx_struct_special_symmetry.label_asym_id   D 
_pdbx_struct_special_symmetry.label_comp_id   HOH 
_pdbx_struct_special_symmetry.label_seq_id    . 
# 
loop_
_pdbx_struct_conn_angle.id 
_pdbx_struct_conn_angle.ptnr1_label_atom_id 
_pdbx_struct_conn_angle.ptnr1_label_alt_id 
_pdbx_struct_conn_angle.ptnr1_label_asym_id 
_pdbx_struct_conn_angle.ptnr1_label_comp_id 
_pdbx_struct_conn_angle.ptnr1_label_seq_id 
_pdbx_struct_conn_angle.ptnr1_auth_atom_id 
_pdbx_struct_conn_angle.ptnr1_auth_asym_id 
_pdbx_struct_conn_angle.ptnr1_auth_comp_id 
_pdbx_struct_conn_angle.ptnr1_auth_seq_id 
_pdbx_struct_conn_angle.ptnr1_PDB_ins_code 
_pdbx_struct_conn_angle.ptnr1_symmetry 
_pdbx_struct_conn_angle.ptnr2_label_atom_id 
_pdbx_struct_conn_angle.ptnr2_label_alt_id 
_pdbx_struct_conn_angle.ptnr2_label_asym_id 
_pdbx_struct_conn_angle.ptnr2_label_comp_id 
_pdbx_struct_conn_angle.ptnr2_label_seq_id 
_pdbx_struct_conn_angle.ptnr2_auth_atom_id 
_pdbx_struct_conn_angle.ptnr2_auth_asym_id 
_pdbx_struct_conn_angle.ptnr2_auth_comp_id 
_pdbx_struct_conn_angle.ptnr2_auth_seq_id 
_pdbx_struct_conn_angle.ptnr2_PDB_ins_code 
_pdbx_struct_conn_angle.ptnr2_symmetry 
_pdbx_struct_conn_angle.ptnr3_label_atom_id 
_pdbx_struct_conn_angle.ptnr3_label_alt_id 
_pdbx_struct_conn_angle.ptnr3_label_asym_id 
_pdbx_struct_conn_angle.ptnr3_label_comp_id 
_pdbx_struct_conn_angle.ptnr3_label_seq_id 
_pdbx_struct_conn_angle.ptnr3_auth_atom_id 
_pdbx_struct_conn_angle.ptnr3_auth_asym_id 
_pdbx_struct_conn_angle.ptnr3_auth_comp_id 
_pdbx_struct_conn_angle.ptnr3_auth_seq_id 
_pdbx_struct_conn_angle.ptnr3_PDB_ins_code 
_pdbx_struct_conn_angle.ptnr3_symmetry 
_pdbx_struct_conn_angle.value 
_pdbx_struct_conn_angle.value_esd 
1  O   ? A GLY 56 ? A GLY 36  ? 1_555 MG ? C MG . ? A MG 202 ? 1_555 OE2 ? A GLU 76 ? A GLU 56  ? 1_555 88.9  ? 
2  O   ? A GLY 56 ? A GLY 36  ? 1_555 MG ? C MG . ? A MG 202 ? 1_555 O3A ? B 9L3 .  ? A 9L3 201 ? 1_555 106.6 ? 
3  OE2 ? A GLU 76 ? A GLU 56  ? 1_555 MG ? C MG . ? A MG 202 ? 1_555 O3A ? B 9L3 .  ? A 9L3 201 ? 1_555 163.4 ? 
4  O   ? A GLY 56 ? A GLY 36  ? 1_555 MG ? C MG . ? A MG 202 ? 1_555 O   ? D HOH .  ? A HOH 312 ? 1_555 74.8  ? 
5  OE2 ? A GLU 76 ? A GLU 56  ? 1_555 MG ? C MG . ? A MG 202 ? 1_555 O   ? D HOH .  ? A HOH 312 ? 1_555 82.6  ? 
6  O3A ? B 9L3 .  ? A 9L3 201 ? 1_555 MG ? C MG . ? A MG 202 ? 1_555 O   ? D HOH .  ? A HOH 312 ? 1_555 106.9 ? 
7  O   ? A GLY 56 ? A GLY 36  ? 1_555 MG ? C MG . ? A MG 202 ? 1_555 O   ? D HOH .  ? A HOH 365 ? 1_555 168.5 ? 
8  OE2 ? A GLU 76 ? A GLU 56  ? 1_555 MG ? C MG . ? A MG 202 ? 1_555 O   ? D HOH .  ? A HOH 365 ? 1_555 79.7  ? 
9  O3A ? B 9L3 .  ? A 9L3 201 ? 1_555 MG ? C MG . ? A MG 202 ? 1_555 O   ? D HOH .  ? A HOH 365 ? 1_555 84.7  ? 
10 O   ? D HOH .  ? A HOH 312 ? 1_555 MG ? C MG . ? A MG 202 ? 1_555 O   ? D HOH .  ? A HOH 365 ? 1_555 104.5 ? 
11 O   ? A GLY 56 ? A GLY 36  ? 1_555 MG ? C MG . ? A MG 202 ? 1_555 O   ? D HOH .  ? A HOH 379 ? 1_555 87.2  ? 
12 OE2 ? A GLU 76 ? A GLU 56  ? 1_555 MG ? C MG . ? A MG 202 ? 1_555 O   ? D HOH .  ? A HOH 379 ? 1_555 86.3  ? 
13 O3A ? B 9L3 .  ? A 9L3 201 ? 1_555 MG ? C MG . ? A MG 202 ? 1_555 O   ? D HOH .  ? A HOH 379 ? 1_555 88.4  ? 
14 O   ? D HOH .  ? A HOH 312 ? 1_555 MG ? C MG . ? A MG 202 ? 1_555 O   ? D HOH .  ? A HOH 379 ? 1_555 159.0 ? 
15 O   ? D HOH .  ? A HOH 365 ? 1_555 MG ? C MG . ? A MG 202 ? 1_555 O   ? D HOH .  ? A HOH 379 ? 1_555 90.9  ? 
# 
loop_
_pdbx_audit_revision_history.ordinal 
_pdbx_audit_revision_history.data_content_type 
_pdbx_audit_revision_history.major_revision 
_pdbx_audit_revision_history.minor_revision 
_pdbx_audit_revision_history.revision_date 
1 'Structure model' 1 0 2019-04-24 
2 'Structure model' 1 1 2019-11-06 
3 'Structure model' 1 2 2022-03-23 
4 'Structure model' 1 3 2023-11-22 
# 
_pdbx_audit_revision_details.ordinal             1 
_pdbx_audit_revision_details.revision_ordinal    1 
_pdbx_audit_revision_details.data_content_type   'Structure model' 
_pdbx_audit_revision_details.provider            repository 
_pdbx_audit_revision_details.type                'Initial release' 
_pdbx_audit_revision_details.description         ? 
_pdbx_audit_revision_details.details             ? 
# 
loop_
_pdbx_audit_revision_group.ordinal 
_pdbx_audit_revision_group.revision_ordinal 
_pdbx_audit_revision_group.data_content_type 
_pdbx_audit_revision_group.group 
1 2 'Structure model' 'Data collection'        
2 2 'Structure model' 'Database references'    
3 3 'Structure model' 'Database references'    
4 3 'Structure model' 'Derived calculations'   
5 4 'Structure model' 'Data collection'        
6 4 'Structure model' 'Refinement description' 
# 
loop_
_pdbx_audit_revision_category.ordinal 
_pdbx_audit_revision_category.revision_ordinal 
_pdbx_audit_revision_category.data_content_type 
_pdbx_audit_revision_category.category 
1 2 'Structure model' citation                      
2 2 'Structure model' citation_author               
3 3 'Structure model' database_2                    
4 3 'Structure model' pdbx_struct_conn_angle        
5 3 'Structure model' struct_conn                   
6 4 'Structure model' chem_comp_atom                
7 4 'Structure model' chem_comp_bond                
8 4 'Structure model' pdbx_initial_refinement_model 
# 
loop_
_pdbx_audit_revision_item.ordinal 
_pdbx_audit_revision_item.revision_ordinal 
_pdbx_audit_revision_item.data_content_type 
_pdbx_audit_revision_item.item 
1  2 'Structure model' '_citation.country'                         
2  2 'Structure model' '_citation.journal_abbrev'                  
3  2 'Structure model' '_citation.journal_id_ASTM'                 
4  2 'Structure model' '_citation.journal_id_CSD'                  
5  2 'Structure model' '_citation.journal_id_ISSN'                 
6  2 'Structure model' '_citation.journal_volume'                  
7  2 'Structure model' '_citation.page_first'                      
8  2 'Structure model' '_citation.page_last'                       
9  2 'Structure model' '_citation.pdbx_database_id_DOI'            
10 2 'Structure model' '_citation.pdbx_database_id_PubMed'         
11 2 'Structure model' '_citation.title'                           
12 2 'Structure model' '_citation.year'                            
13 2 'Structure model' '_citation_author.name'                     
14 3 'Structure model' '_database_2.pdbx_DOI'                      
15 3 'Structure model' '_database_2.pdbx_database_accession'       
16 3 'Structure model' '_pdbx_struct_conn_angle.ptnr1_auth_seq_id' 
17 3 'Structure model' '_pdbx_struct_conn_angle.ptnr3_auth_seq_id' 
18 3 'Structure model' '_pdbx_struct_conn_angle.value'             
19 3 'Structure model' '_struct_conn.pdbx_dist_value'              
20 3 'Structure model' '_struct_conn.ptnr2_auth_seq_id'            
# 
loop_
_software.citation_id 
_software.classification 
_software.compiler_name 
_software.compiler_version 
_software.contact_author 
_software.contact_author_email 
_software.date 
_software.description 
_software.dependencies 
_software.hardware 
_software.language 
_software.location 
_software.mods 
_software.name 
_software.os 
_software.os_version 
_software.type 
_software.version 
_software.pdbx_ordinal 
? refinement       ? ? ? ? ? ? ? ? ? ? ? REFMAC  ? ? ? 5.8.0049 1 
? 'data reduction' ? ? ? ? ? ? ? ? ? ? ? iMOSFLM ? ? ? .        2 
? 'data scaling'   ? ? ? ? ? ? ? ? ? ? ? SCALA   ? ? ? .        3 
? phasing          ? ? ? ? ? ? ? ? ? ? ? PHASER  ? ? ? .        4 
# 
_pdbx_validate_torsion.id              1 
_pdbx_validate_torsion.PDB_model_num   1 
_pdbx_validate_torsion.auth_comp_id    PRO 
_pdbx_validate_torsion.auth_asym_id    A 
_pdbx_validate_torsion.auth_seq_id     25 
_pdbx_validate_torsion.PDB_ins_code    ? 
_pdbx_validate_torsion.label_alt_id    ? 
_pdbx_validate_torsion.phi             -68.26 
_pdbx_validate_torsion.psi             -170.90 
# 
loop_
_pdbx_unobs_or_zero_occ_atoms.id 
_pdbx_unobs_or_zero_occ_atoms.PDB_model_num 
_pdbx_unobs_or_zero_occ_atoms.polymer_flag 
_pdbx_unobs_or_zero_occ_atoms.occupancy_flag 
_pdbx_unobs_or_zero_occ_atoms.auth_asym_id 
_pdbx_unobs_or_zero_occ_atoms.auth_comp_id 
_pdbx_unobs_or_zero_occ_atoms.auth_seq_id 
_pdbx_unobs_or_zero_occ_atoms.PDB_ins_code 
_pdbx_unobs_or_zero_occ_atoms.auth_atom_id 
_pdbx_unobs_or_zero_occ_atoms.label_alt_id 
_pdbx_unobs_or_zero_occ_atoms.label_asym_id 
_pdbx_unobs_or_zero_occ_atoms.label_comp_id 
_pdbx_unobs_or_zero_occ_atoms.label_seq_id 
_pdbx_unobs_or_zero_occ_atoms.label_atom_id 
1  1 Y 1 A LYS 3  ? CE  ? A LYS 23 CE  
2  1 Y 1 A LYS 3  ? NZ  ? A LYS 23 NZ  
3  1 Y 1 A ARG 24 ? CZ  ? A ARG 44 CZ  
4  1 Y 1 A ARG 24 ? NH1 ? A ARG 44 NH1 
5  1 Y 1 A ARG 24 ? NH2 ? A ARG 44 NH2 
6  1 Y 1 A LYS 38 ? CE  ? A LYS 58 CE  
7  1 Y 1 A LYS 38 ? NZ  ? A LYS 58 NZ  
8  1 Y 1 A ASP 75 ? CG  ? A ASP 95 CG  
9  1 Y 1 A ASP 75 ? OD1 ? A ASP 95 OD1 
10 1 Y 1 A ASP 75 ? OD2 ? A ASP 95 OD2 
# 
loop_
_pdbx_unobs_or_zero_occ_residues.id 
_pdbx_unobs_or_zero_occ_residues.PDB_model_num 
_pdbx_unobs_or_zero_occ_residues.polymer_flag 
_pdbx_unobs_or_zero_occ_residues.occupancy_flag 
_pdbx_unobs_or_zero_occ_residues.auth_asym_id 
_pdbx_unobs_or_zero_occ_residues.auth_comp_id 
_pdbx_unobs_or_zero_occ_residues.auth_seq_id 
_pdbx_unobs_or_zero_occ_residues.PDB_ins_code 
_pdbx_unobs_or_zero_occ_residues.label_asym_id 
_pdbx_unobs_or_zero_occ_residues.label_comp_id 
_pdbx_unobs_or_zero_occ_residues.label_seq_id 
1  1 Y 1 A MET -19 ? A MET 1   
2  1 Y 1 A GLY -18 ? A GLY 2   
3  1 Y 1 A SER -17 ? A SER 3   
4  1 Y 1 A SER -16 ? A SER 4   
5  1 Y 1 A HIS -15 ? A HIS 5   
6  1 Y 1 A HIS -14 ? A HIS 6   
7  1 Y 1 A HIS -13 ? A HIS 7   
8  1 Y 1 A HIS -12 ? A HIS 8   
9  1 Y 1 A HIS -11 ? A HIS 9   
10 1 Y 1 A HIS -10 ? A HIS 10  
11 1 Y 1 A SER -9  ? A SER 11  
12 1 Y 1 A SER -8  ? A SER 12  
13 1 Y 1 A GLY -7  ? A GLY 13  
14 1 Y 1 A LEU -6  ? A LEU 14  
15 1 Y 1 A VAL -5  ? A VAL 15  
16 1 Y 1 A PRO -4  ? A PRO 16  
17 1 Y 1 A ARG -3  ? A ARG 17  
18 1 Y 1 A GLY -2  ? A GLY 18  
19 1 Y 1 A SER -1  ? A SER 19  
20 1 Y 1 A HIS 0   ? A HIS 20  
21 1 Y 1 A MET 1   ? A MET 21  
22 1 Y 1 A THR 2   ? A THR 22  
23 1 Y 1 A GLY 129 ? A GLY 149 
24 1 Y 1 A ARG 130 ? A ARG 150 
# 
loop_
_chem_comp_atom.comp_id 
_chem_comp_atom.atom_id 
_chem_comp_atom.type_symbol 
_chem_comp_atom.pdbx_aromatic_flag 
_chem_comp_atom.pdbx_stereo_config 
_chem_comp_atom.pdbx_ordinal 
9L3 N1    N  Y N 1   
9L3 C2    C  Y N 2   
9L3 N3    N  Y N 3   
9L3 C4    C  Y N 4   
9L3 C5    C  Y N 5   
9L3 C5A   C  N N 6   
9L3 C6    C  Y N 7   
9L3 N4    N  N N 8   
9L3 "C1'" C  N R 9   
9L3 "C2'" C  N N 10  
9L3 "C3'" C  N S 11  
9L3 "C4'" C  N R 12  
9L3 "O4'" O  N N 13  
9L3 "O3'" O  N N 14  
9L3 "C5'" C  N N 15  
9L3 "O5'" O  N N 16  
9L3 PA    P  N N 17  
9L3 O1A   O  N N 18  
9L3 O2A   O  N N 19  
9L3 O3A   O  N N 20  
9L3 H1    H  N N 21  
9L3 H2    H  N N 22  
9L3 H3    H  N N 23  
9L3 H4    H  N N 24  
9L3 H5    H  N N 25  
9L3 H6    H  N N 26  
9L3 H7    H  N N 27  
9L3 H8    H  N N 28  
9L3 H9    H  N N 29  
9L3 H10   H  N N 30  
9L3 H11   H  N N 31  
9L3 H12   H  N N 32  
9L3 H13   H  N N 33  
9L3 H14   H  N N 34  
9L3 H15   H  N N 35  
9L3 H16   H  N N 36  
9L3 H17   H  N N 37  
ALA N     N  N N 38  
ALA CA    C  N S 39  
ALA C     C  N N 40  
ALA O     O  N N 41  
ALA CB    C  N N 42  
ALA OXT   O  N N 43  
ALA H     H  N N 44  
ALA H2    H  N N 45  
ALA HA    H  N N 46  
ALA HB1   H  N N 47  
ALA HB2   H  N N 48  
ALA HB3   H  N N 49  
ALA HXT   H  N N 50  
ARG N     N  N N 51  
ARG CA    C  N S 52  
ARG C     C  N N 53  
ARG O     O  N N 54  
ARG CB    C  N N 55  
ARG CG    C  N N 56  
ARG CD    C  N N 57  
ARG NE    N  N N 58  
ARG CZ    C  N N 59  
ARG NH1   N  N N 60  
ARG NH2   N  N N 61  
ARG OXT   O  N N 62  
ARG H     H  N N 63  
ARG H2    H  N N 64  
ARG HA    H  N N 65  
ARG HB2   H  N N 66  
ARG HB3   H  N N 67  
ARG HG2   H  N N 68  
ARG HG3   H  N N 69  
ARG HD2   H  N N 70  
ARG HD3   H  N N 71  
ARG HE    H  N N 72  
ARG HH11  H  N N 73  
ARG HH12  H  N N 74  
ARG HH21  H  N N 75  
ARG HH22  H  N N 76  
ARG HXT   H  N N 77  
ASN N     N  N N 78  
ASN CA    C  N S 79  
ASN C     C  N N 80  
ASN O     O  N N 81  
ASN CB    C  N N 82  
ASN CG    C  N N 83  
ASN OD1   O  N N 84  
ASN ND2   N  N N 85  
ASN OXT   O  N N 86  
ASN H     H  N N 87  
ASN H2    H  N N 88  
ASN HA    H  N N 89  
ASN HB2   H  N N 90  
ASN HB3   H  N N 91  
ASN HD21  H  N N 92  
ASN HD22  H  N N 93  
ASN HXT   H  N N 94  
ASP N     N  N N 95  
ASP CA    C  N S 96  
ASP C     C  N N 97  
ASP O     O  N N 98  
ASP CB    C  N N 99  
ASP CG    C  N N 100 
ASP OD1   O  N N 101 
ASP OD2   O  N N 102 
ASP OXT   O  N N 103 
ASP H     H  N N 104 
ASP H2    H  N N 105 
ASP HA    H  N N 106 
ASP HB2   H  N N 107 
ASP HB3   H  N N 108 
ASP HD2   H  N N 109 
ASP HXT   H  N N 110 
GLN N     N  N N 111 
GLN CA    C  N S 112 
GLN C     C  N N 113 
GLN O     O  N N 114 
GLN CB    C  N N 115 
GLN CG    C  N N 116 
GLN CD    C  N N 117 
GLN OE1   O  N N 118 
GLN NE2   N  N N 119 
GLN OXT   O  N N 120 
GLN H     H  N N 121 
GLN H2    H  N N 122 
GLN HA    H  N N 123 
GLN HB2   H  N N 124 
GLN HB3   H  N N 125 
GLN HG2   H  N N 126 
GLN HG3   H  N N 127 
GLN HE21  H  N N 128 
GLN HE22  H  N N 129 
GLN HXT   H  N N 130 
GLU N     N  N N 131 
GLU CA    C  N S 132 
GLU C     C  N N 133 
GLU O     O  N N 134 
GLU CB    C  N N 135 
GLU CG    C  N N 136 
GLU CD    C  N N 137 
GLU OE1   O  N N 138 
GLU OE2   O  N N 139 
GLU OXT   O  N N 140 
GLU H     H  N N 141 
GLU H2    H  N N 142 
GLU HA    H  N N 143 
GLU HB2   H  N N 144 
GLU HB3   H  N N 145 
GLU HG2   H  N N 146 
GLU HG3   H  N N 147 
GLU HE2   H  N N 148 
GLU HXT   H  N N 149 
GLY N     N  N N 150 
GLY CA    C  N N 151 
GLY C     C  N N 152 
GLY O     O  N N 153 
GLY OXT   O  N N 154 
GLY H     H  N N 155 
GLY H2    H  N N 156 
GLY HA2   H  N N 157 
GLY HA3   H  N N 158 
GLY HXT   H  N N 159 
HIS N     N  N N 160 
HIS CA    C  N S 161 
HIS C     C  N N 162 
HIS O     O  N N 163 
HIS CB    C  N N 164 
HIS CG    C  Y N 165 
HIS ND1   N  Y N 166 
HIS CD2   C  Y N 167 
HIS CE1   C  Y N 168 
HIS NE2   N  Y N 169 
HIS OXT   O  N N 170 
HIS H     H  N N 171 
HIS H2    H  N N 172 
HIS HA    H  N N 173 
HIS HB2   H  N N 174 
HIS HB3   H  N N 175 
HIS HD1   H  N N 176 
HIS HD2   H  N N 177 
HIS HE1   H  N N 178 
HIS HE2   H  N N 179 
HIS HXT   H  N N 180 
HOH O     O  N N 181 
HOH H1    H  N N 182 
HOH H2    H  N N 183 
ILE N     N  N N 184 
ILE CA    C  N S 185 
ILE C     C  N N 186 
ILE O     O  N N 187 
ILE CB    C  N S 188 
ILE CG1   C  N N 189 
ILE CG2   C  N N 190 
ILE CD1   C  N N 191 
ILE OXT   O  N N 192 
ILE H     H  N N 193 
ILE H2    H  N N 194 
ILE HA    H  N N 195 
ILE HB    H  N N 196 
ILE HG12  H  N N 197 
ILE HG13  H  N N 198 
ILE HG21  H  N N 199 
ILE HG22  H  N N 200 
ILE HG23  H  N N 201 
ILE HD11  H  N N 202 
ILE HD12  H  N N 203 
ILE HD13  H  N N 204 
ILE HXT   H  N N 205 
LEU N     N  N N 206 
LEU CA    C  N S 207 
LEU C     C  N N 208 
LEU O     O  N N 209 
LEU CB    C  N N 210 
LEU CG    C  N N 211 
LEU CD1   C  N N 212 
LEU CD2   C  N N 213 
LEU OXT   O  N N 214 
LEU H     H  N N 215 
LEU H2    H  N N 216 
LEU HA    H  N N 217 
LEU HB2   H  N N 218 
LEU HB3   H  N N 219 
LEU HG    H  N N 220 
LEU HD11  H  N N 221 
LEU HD12  H  N N 222 
LEU HD13  H  N N 223 
LEU HD21  H  N N 224 
LEU HD22  H  N N 225 
LEU HD23  H  N N 226 
LEU HXT   H  N N 227 
LYS N     N  N N 228 
LYS CA    C  N S 229 
LYS C     C  N N 230 
LYS O     O  N N 231 
LYS CB    C  N N 232 
LYS CG    C  N N 233 
LYS CD    C  N N 234 
LYS CE    C  N N 235 
LYS NZ    N  N N 236 
LYS OXT   O  N N 237 
LYS H     H  N N 238 
LYS H2    H  N N 239 
LYS HA    H  N N 240 
LYS HB2   H  N N 241 
LYS HB3   H  N N 242 
LYS HG2   H  N N 243 
LYS HG3   H  N N 244 
LYS HD2   H  N N 245 
LYS HD3   H  N N 246 
LYS HE2   H  N N 247 
LYS HE3   H  N N 248 
LYS HZ1   H  N N 249 
LYS HZ2   H  N N 250 
LYS HZ3   H  N N 251 
LYS HXT   H  N N 252 
MET N     N  N N 253 
MET CA    C  N S 254 
MET C     C  N N 255 
MET O     O  N N 256 
MET CB    C  N N 257 
MET CG    C  N N 258 
MET SD    S  N N 259 
MET CE    C  N N 260 
MET OXT   O  N N 261 
MET H     H  N N 262 
MET H2    H  N N 263 
MET HA    H  N N 264 
MET HB2   H  N N 265 
MET HB3   H  N N 266 
MET HG2   H  N N 267 
MET HG3   H  N N 268 
MET HE1   H  N N 269 
MET HE2   H  N N 270 
MET HE3   H  N N 271 
MET HXT   H  N N 272 
MG  MG    MG N N 273 
PRO N     N  N N 274 
PRO CA    C  N S 275 
PRO C     C  N N 276 
PRO O     O  N N 277 
PRO CB    C  N N 278 
PRO CG    C  N N 279 
PRO CD    C  N N 280 
PRO OXT   O  N N 281 
PRO H     H  N N 282 
PRO HA    H  N N 283 
PRO HB2   H  N N 284 
PRO HB3   H  N N 285 
PRO HG2   H  N N 286 
PRO HG3   H  N N 287 
PRO HD2   H  N N 288 
PRO HD3   H  N N 289 
PRO HXT   H  N N 290 
SER N     N  N N 291 
SER CA    C  N S 292 
SER C     C  N N 293 
SER O     O  N N 294 
SER CB    C  N N 295 
SER OG    O  N N 296 
SER OXT   O  N N 297 
SER H     H  N N 298 
SER H2    H  N N 299 
SER HA    H  N N 300 
SER HB2   H  N N 301 
SER HB3   H  N N 302 
SER HG    H  N N 303 
SER HXT   H  N N 304 
THR N     N  N N 305 
THR CA    C  N S 306 
THR C     C  N N 307 
THR O     O  N N 308 
THR CB    C  N R 309 
THR OG1   O  N N 310 
THR CG2   C  N N 311 
THR OXT   O  N N 312 
THR H     H  N N 313 
THR H2    H  N N 314 
THR HA    H  N N 315 
THR HB    H  N N 316 
THR HG1   H  N N 317 
THR HG21  H  N N 318 
THR HG22  H  N N 319 
THR HG23  H  N N 320 
THR HXT   H  N N 321 
TRP N     N  N N 322 
TRP CA    C  N S 323 
TRP C     C  N N 324 
TRP O     O  N N 325 
TRP CB    C  N N 326 
TRP CG    C  Y N 327 
TRP CD1   C  Y N 328 
TRP CD2   C  Y N 329 
TRP NE1   N  Y N 330 
TRP CE2   C  Y N 331 
TRP CE3   C  Y N 332 
TRP CZ2   C  Y N 333 
TRP CZ3   C  Y N 334 
TRP CH2   C  Y N 335 
TRP OXT   O  N N 336 
TRP H     H  N N 337 
TRP H2    H  N N 338 
TRP HA    H  N N 339 
TRP HB2   H  N N 340 
TRP HB3   H  N N 341 
TRP HD1   H  N N 342 
TRP HE1   H  N N 343 
TRP HE3   H  N N 344 
TRP HZ2   H  N N 345 
TRP HZ3   H  N N 346 
TRP HH2   H  N N 347 
TRP HXT   H  N N 348 
TYR N     N  N N 349 
TYR CA    C  N S 350 
TYR C     C  N N 351 
TYR O     O  N N 352 
TYR CB    C  N N 353 
TYR CG    C  Y N 354 
TYR CD1   C  Y N 355 
TYR CD2   C  Y N 356 
TYR CE1   C  Y N 357 
TYR CE2   C  Y N 358 
TYR CZ    C  Y N 359 
TYR OH    O  N N 360 
TYR OXT   O  N N 361 
TYR H     H  N N 362 
TYR H2    H  N N 363 
TYR HA    H  N N 364 
TYR HB2   H  N N 365 
TYR HB3   H  N N 366 
TYR HD1   H  N N 367 
TYR HD2   H  N N 368 
TYR HE1   H  N N 369 
TYR HE2   H  N N 370 
TYR HH    H  N N 371 
TYR HXT   H  N N 372 
VAL N     N  N N 373 
VAL CA    C  N S 374 
VAL C     C  N N 375 
VAL O     O  N N 376 
VAL CB    C  N N 377 
VAL CG1   C  N N 378 
VAL CG2   C  N N 379 
VAL OXT   O  N N 380 
VAL H     H  N N 381 
VAL H2    H  N N 382 
VAL HA    H  N N 383 
VAL HB    H  N N 384 
VAL HG11  H  N N 385 
VAL HG12  H  N N 386 
VAL HG13  H  N N 387 
VAL HG21  H  N N 388 
VAL HG22  H  N N 389 
VAL HG23  H  N N 390 
VAL HXT   H  N N 391 
# 
loop_
_chem_comp_bond.comp_id 
_chem_comp_bond.atom_id_1 
_chem_comp_bond.atom_id_2 
_chem_comp_bond.value_order 
_chem_comp_bond.pdbx_aromatic_flag 
_chem_comp_bond.pdbx_stereo_config 
_chem_comp_bond.pdbx_ordinal 
9L3 O2A   PA    doub N N 1   
9L3 O3A   PA    sing N N 2   
9L3 PA    O1A   sing N N 3   
9L3 PA    "O5'" sing N N 4   
9L3 "O5'" "C5'" sing N N 5   
9L3 "C5'" "C4'" sing N N 6   
9L3 C5A   C5    sing N N 7   
9L3 "C4'" "C3'" sing N N 8   
9L3 "C4'" "O4'" sing N N 9   
9L3 C5    C6    doub Y N 10  
9L3 C5    C4    sing Y N 11  
9L3 C6    N1    sing Y N 12  
9L3 "C3'" "C2'" sing N N 13  
9L3 "C3'" "O3'" sing N N 14  
9L3 "O4'" "C1'" sing N N 15  
9L3 "C2'" "C1'" sing N N 16  
9L3 N4    C4    sing N N 17  
9L3 C4    N3    doub Y N 18  
9L3 N1    "C1'" sing N N 19  
9L3 N1    C2    doub Y N 20  
9L3 N3    C2    sing Y N 21  
9L3 C2    H1    sing N N 22  
9L3 C5A   H2    sing N N 23  
9L3 C5A   H3    sing N N 24  
9L3 C5A   H4    sing N N 25  
9L3 C6    H5    sing N N 26  
9L3 N4    H6    sing N N 27  
9L3 N4    H7    sing N N 28  
9L3 "C1'" H8    sing N N 29  
9L3 "C2'" H9    sing N N 30  
9L3 "C2'" H10   sing N N 31  
9L3 "C3'" H11   sing N N 32  
9L3 "C4'" H12   sing N N 33  
9L3 "O3'" H13   sing N N 34  
9L3 "C5'" H14   sing N N 35  
9L3 "C5'" H15   sing N N 36  
9L3 O1A   H16   sing N N 37  
9L3 O3A   H17   sing N N 38  
ALA N     CA    sing N N 39  
ALA N     H     sing N N 40  
ALA N     H2    sing N N 41  
ALA CA    C     sing N N 42  
ALA CA    CB    sing N N 43  
ALA CA    HA    sing N N 44  
ALA C     O     doub N N 45  
ALA C     OXT   sing N N 46  
ALA CB    HB1   sing N N 47  
ALA CB    HB2   sing N N 48  
ALA CB    HB3   sing N N 49  
ALA OXT   HXT   sing N N 50  
ARG N     CA    sing N N 51  
ARG N     H     sing N N 52  
ARG N     H2    sing N N 53  
ARG CA    C     sing N N 54  
ARG CA    CB    sing N N 55  
ARG CA    HA    sing N N 56  
ARG C     O     doub N N 57  
ARG C     OXT   sing N N 58  
ARG CB    CG    sing N N 59  
ARG CB    HB2   sing N N 60  
ARG CB    HB3   sing N N 61  
ARG CG    CD    sing N N 62  
ARG CG    HG2   sing N N 63  
ARG CG    HG3   sing N N 64  
ARG CD    NE    sing N N 65  
ARG CD    HD2   sing N N 66  
ARG CD    HD3   sing N N 67  
ARG NE    CZ    sing N N 68  
ARG NE    HE    sing N N 69  
ARG CZ    NH1   sing N N 70  
ARG CZ    NH2   doub N N 71  
ARG NH1   HH11  sing N N 72  
ARG NH1   HH12  sing N N 73  
ARG NH2   HH21  sing N N 74  
ARG NH2   HH22  sing N N 75  
ARG OXT   HXT   sing N N 76  
ASN N     CA    sing N N 77  
ASN N     H     sing N N 78  
ASN N     H2    sing N N 79  
ASN CA    C     sing N N 80  
ASN CA    CB    sing N N 81  
ASN CA    HA    sing N N 82  
ASN C     O     doub N N 83  
ASN C     OXT   sing N N 84  
ASN CB    CG    sing N N 85  
ASN CB    HB2   sing N N 86  
ASN CB    HB3   sing N N 87  
ASN CG    OD1   doub N N 88  
ASN CG    ND2   sing N N 89  
ASN ND2   HD21  sing N N 90  
ASN ND2   HD22  sing N N 91  
ASN OXT   HXT   sing N N 92  
ASP N     CA    sing N N 93  
ASP N     H     sing N N 94  
ASP N     H2    sing N N 95  
ASP CA    C     sing N N 96  
ASP CA    CB    sing N N 97  
ASP CA    HA    sing N N 98  
ASP C     O     doub N N 99  
ASP C     OXT   sing N N 100 
ASP CB    CG    sing N N 101 
ASP CB    HB2   sing N N 102 
ASP CB    HB3   sing N N 103 
ASP CG    OD1   doub N N 104 
ASP CG    OD2   sing N N 105 
ASP OD2   HD2   sing N N 106 
ASP OXT   HXT   sing N N 107 
GLN N     CA    sing N N 108 
GLN N     H     sing N N 109 
GLN N     H2    sing N N 110 
GLN CA    C     sing N N 111 
GLN CA    CB    sing N N 112 
GLN CA    HA    sing N N 113 
GLN C     O     doub N N 114 
GLN C     OXT   sing N N 115 
GLN CB    CG    sing N N 116 
GLN CB    HB2   sing N N 117 
GLN CB    HB3   sing N N 118 
GLN CG    CD    sing N N 119 
GLN CG    HG2   sing N N 120 
GLN CG    HG3   sing N N 121 
GLN CD    OE1   doub N N 122 
GLN CD    NE2   sing N N 123 
GLN NE2   HE21  sing N N 124 
GLN NE2   HE22  sing N N 125 
GLN OXT   HXT   sing N N 126 
GLU N     CA    sing N N 127 
GLU N     H     sing N N 128 
GLU N     H2    sing N N 129 
GLU CA    C     sing N N 130 
GLU CA    CB    sing N N 131 
GLU CA    HA    sing N N 132 
GLU C     O     doub N N 133 
GLU C     OXT   sing N N 134 
GLU CB    CG    sing N N 135 
GLU CB    HB2   sing N N 136 
GLU CB    HB3   sing N N 137 
GLU CG    CD    sing N N 138 
GLU CG    HG2   sing N N 139 
GLU CG    HG3   sing N N 140 
GLU CD    OE1   doub N N 141 
GLU CD    OE2   sing N N 142 
GLU OE2   HE2   sing N N 143 
GLU OXT   HXT   sing N N 144 
GLY N     CA    sing N N 145 
GLY N     H     sing N N 146 
GLY N     H2    sing N N 147 
GLY CA    C     sing N N 148 
GLY CA    HA2   sing N N 149 
GLY CA    HA3   sing N N 150 
GLY C     O     doub N N 151 
GLY C     OXT   sing N N 152 
GLY OXT   HXT   sing N N 153 
HIS N     CA    sing N N 154 
HIS N     H     sing N N 155 
HIS N     H2    sing N N 156 
HIS CA    C     sing N N 157 
HIS CA    CB    sing N N 158 
HIS CA    HA    sing N N 159 
HIS C     O     doub N N 160 
HIS C     OXT   sing N N 161 
HIS CB    CG    sing N N 162 
HIS CB    HB2   sing N N 163 
HIS CB    HB3   sing N N 164 
HIS CG    ND1   sing Y N 165 
HIS CG    CD2   doub Y N 166 
HIS ND1   CE1   doub Y N 167 
HIS ND1   HD1   sing N N 168 
HIS CD2   NE2   sing Y N 169 
HIS CD2   HD2   sing N N 170 
HIS CE1   NE2   sing Y N 171 
HIS CE1   HE1   sing N N 172 
HIS NE2   HE2   sing N N 173 
HIS OXT   HXT   sing N N 174 
HOH O     H1    sing N N 175 
HOH O     H2    sing N N 176 
ILE N     CA    sing N N 177 
ILE N     H     sing N N 178 
ILE N     H2    sing N N 179 
ILE CA    C     sing N N 180 
ILE CA    CB    sing N N 181 
ILE CA    HA    sing N N 182 
ILE C     O     doub N N 183 
ILE C     OXT   sing N N 184 
ILE CB    CG1   sing N N 185 
ILE CB    CG2   sing N N 186 
ILE CB    HB    sing N N 187 
ILE CG1   CD1   sing N N 188 
ILE CG1   HG12  sing N N 189 
ILE CG1   HG13  sing N N 190 
ILE CG2   HG21  sing N N 191 
ILE CG2   HG22  sing N N 192 
ILE CG2   HG23  sing N N 193 
ILE CD1   HD11  sing N N 194 
ILE CD1   HD12  sing N N 195 
ILE CD1   HD13  sing N N 196 
ILE OXT   HXT   sing N N 197 
LEU N     CA    sing N N 198 
LEU N     H     sing N N 199 
LEU N     H2    sing N N 200 
LEU CA    C     sing N N 201 
LEU CA    CB    sing N N 202 
LEU CA    HA    sing N N 203 
LEU C     O     doub N N 204 
LEU C     OXT   sing N N 205 
LEU CB    CG    sing N N 206 
LEU CB    HB2   sing N N 207 
LEU CB    HB3   sing N N 208 
LEU CG    CD1   sing N N 209 
LEU CG    CD2   sing N N 210 
LEU CG    HG    sing N N 211 
LEU CD1   HD11  sing N N 212 
LEU CD1   HD12  sing N N 213 
LEU CD1   HD13  sing N N 214 
LEU CD2   HD21  sing N N 215 
LEU CD2   HD22  sing N N 216 
LEU CD2   HD23  sing N N 217 
LEU OXT   HXT   sing N N 218 
LYS N     CA    sing N N 219 
LYS N     H     sing N N 220 
LYS N     H2    sing N N 221 
LYS CA    C     sing N N 222 
LYS CA    CB    sing N N 223 
LYS CA    HA    sing N N 224 
LYS C     O     doub N N 225 
LYS C     OXT   sing N N 226 
LYS CB    CG    sing N N 227 
LYS CB    HB2   sing N N 228 
LYS CB    HB3   sing N N 229 
LYS CG    CD    sing N N 230 
LYS CG    HG2   sing N N 231 
LYS CG    HG3   sing N N 232 
LYS CD    CE    sing N N 233 
LYS CD    HD2   sing N N 234 
LYS CD    HD3   sing N N 235 
LYS CE    NZ    sing N N 236 
LYS CE    HE2   sing N N 237 
LYS CE    HE3   sing N N 238 
LYS NZ    HZ1   sing N N 239 
LYS NZ    HZ2   sing N N 240 
LYS NZ    HZ3   sing N N 241 
LYS OXT   HXT   sing N N 242 
MET N     CA    sing N N 243 
MET N     H     sing N N 244 
MET N     H2    sing N N 245 
MET CA    C     sing N N 246 
MET CA    CB    sing N N 247 
MET CA    HA    sing N N 248 
MET C     O     doub N N 249 
MET C     OXT   sing N N 250 
MET CB    CG    sing N N 251 
MET CB    HB2   sing N N 252 
MET CB    HB3   sing N N 253 
MET CG    SD    sing N N 254 
MET CG    HG2   sing N N 255 
MET CG    HG3   sing N N 256 
MET SD    CE    sing N N 257 
MET CE    HE1   sing N N 258 
MET CE    HE2   sing N N 259 
MET CE    HE3   sing N N 260 
MET OXT   HXT   sing N N 261 
PRO N     CA    sing N N 262 
PRO N     CD    sing N N 263 
PRO N     H     sing N N 264 
PRO CA    C     sing N N 265 
PRO CA    CB    sing N N 266 
PRO CA    HA    sing N N 267 
PRO C     O     doub N N 268 
PRO C     OXT   sing N N 269 
PRO CB    CG    sing N N 270 
PRO CB    HB2   sing N N 271 
PRO CB    HB3   sing N N 272 
PRO CG    CD    sing N N 273 
PRO CG    HG2   sing N N 274 
PRO CG    HG3   sing N N 275 
PRO CD    HD2   sing N N 276 
PRO CD    HD3   sing N N 277 
PRO OXT   HXT   sing N N 278 
SER N     CA    sing N N 279 
SER N     H     sing N N 280 
SER N     H2    sing N N 281 
SER CA    C     sing N N 282 
SER CA    CB    sing N N 283 
SER CA    HA    sing N N 284 
SER C     O     doub N N 285 
SER C     OXT   sing N N 286 
SER CB    OG    sing N N 287 
SER CB    HB2   sing N N 288 
SER CB    HB3   sing N N 289 
SER OG    HG    sing N N 290 
SER OXT   HXT   sing N N 291 
THR N     CA    sing N N 292 
THR N     H     sing N N 293 
THR N     H2    sing N N 294 
THR CA    C     sing N N 295 
THR CA    CB    sing N N 296 
THR CA    HA    sing N N 297 
THR C     O     doub N N 298 
THR C     OXT   sing N N 299 
THR CB    OG1   sing N N 300 
THR CB    CG2   sing N N 301 
THR CB    HB    sing N N 302 
THR OG1   HG1   sing N N 303 
THR CG2   HG21  sing N N 304 
THR CG2   HG22  sing N N 305 
THR CG2   HG23  sing N N 306 
THR OXT   HXT   sing N N 307 
TRP N     CA    sing N N 308 
TRP N     H     sing N N 309 
TRP N     H2    sing N N 310 
TRP CA    C     sing N N 311 
TRP CA    CB    sing N N 312 
TRP CA    HA    sing N N 313 
TRP C     O     doub N N 314 
TRP C     OXT   sing N N 315 
TRP CB    CG    sing N N 316 
TRP CB    HB2   sing N N 317 
TRP CB    HB3   sing N N 318 
TRP CG    CD1   doub Y N 319 
TRP CG    CD2   sing Y N 320 
TRP CD1   NE1   sing Y N 321 
TRP CD1   HD1   sing N N 322 
TRP CD2   CE2   doub Y N 323 
TRP CD2   CE3   sing Y N 324 
TRP NE1   CE2   sing Y N 325 
TRP NE1   HE1   sing N N 326 
TRP CE2   CZ2   sing Y N 327 
TRP CE3   CZ3   doub Y N 328 
TRP CE3   HE3   sing N N 329 
TRP CZ2   CH2   doub Y N 330 
TRP CZ2   HZ2   sing N N 331 
TRP CZ3   CH2   sing Y N 332 
TRP CZ3   HZ3   sing N N 333 
TRP CH2   HH2   sing N N 334 
TRP OXT   HXT   sing N N 335 
TYR N     CA    sing N N 336 
TYR N     H     sing N N 337 
TYR N     H2    sing N N 338 
TYR CA    C     sing N N 339 
TYR CA    CB    sing N N 340 
TYR CA    HA    sing N N 341 
TYR C     O     doub N N 342 
TYR C     OXT   sing N N 343 
TYR CB    CG    sing N N 344 
TYR CB    HB2   sing N N 345 
TYR CB    HB3   sing N N 346 
TYR CG    CD1   doub Y N 347 
TYR CG    CD2   sing Y N 348 
TYR CD1   CE1   sing Y N 349 
TYR CD1   HD1   sing N N 350 
TYR CD2   CE2   doub Y N 351 
TYR CD2   HD2   sing N N 352 
TYR CE1   CZ    doub Y N 353 
TYR CE1   HE1   sing N N 354 
TYR CE2   CZ    sing Y N 355 
TYR CE2   HE2   sing N N 356 
TYR CZ    OH    sing N N 357 
TYR OH    HH    sing N N 358 
TYR OXT   HXT   sing N N 359 
VAL N     CA    sing N N 360 
VAL N     H     sing N N 361 
VAL N     H2    sing N N 362 
VAL CA    C     sing N N 363 
VAL CA    CB    sing N N 364 
VAL CA    HA    sing N N 365 
VAL C     O     doub N N 366 
VAL C     OXT   sing N N 367 
VAL CB    CG1   sing N N 368 
VAL CB    CG2   sing N N 369 
VAL CB    HB    sing N N 370 
VAL CG1   HG11  sing N N 371 
VAL CG1   HG12  sing N N 372 
VAL CG1   HG13  sing N N 373 
VAL CG2   HG21  sing N N 374 
VAL CG2   HG22  sing N N 375 
VAL CG2   HG23  sing N N 376 
VAL OXT   HXT   sing N N 377 
# 
_pdbx_entity_instance_feature.ordinal        1 
_pdbx_entity_instance_feature.comp_id        9L3 
_pdbx_entity_instance_feature.asym_id        ? 
_pdbx_entity_instance_feature.seq_num        ? 
_pdbx_entity_instance_feature.auth_comp_id   9L3 
_pdbx_entity_instance_feature.auth_asym_id   ? 
_pdbx_entity_instance_feature.auth_seq_num   ? 
_pdbx_entity_instance_feature.feature_type   'SUBJECT OF INVESTIGATION' 
_pdbx_entity_instance_feature.details        ? 
# 
loop_
_pdbx_entity_nonpoly.entity_id 
_pdbx_entity_nonpoly.name 
_pdbx_entity_nonpoly.comp_id 
2 '[(2R,3S,5R)-5-(4-azanyl-5-methyl-pyrimidin-1-ium-1-yl)-3-oxidanyl-oxolan-2-yl]methyl dihydrogen phosphate' 9L3 
3 'MAGNESIUM ION'                                                                                             MG  
4 water                                                                                                       HOH 
# 
_pdbx_initial_refinement_model.id               1 
_pdbx_initial_refinement_model.entity_id_list   ? 
_pdbx_initial_refinement_model.type             'experimental model' 
_pdbx_initial_refinement_model.source_name      PDB 
_pdbx_initial_refinement_model.accession_code   5ZRC 
_pdbx_initial_refinement_model.details          ? 
# 
_pdbx_struct_assembly_auth_evidence.id                     1 
_pdbx_struct_assembly_auth_evidence.assembly_id            1 
_pdbx_struct_assembly_auth_evidence.experimental_support   'gel filtration' 
_pdbx_struct_assembly_auth_evidence.details                ? 
# 
